data_1SN9
# 
_entry.id   1SN9 
# 
_audit_conform.dict_name       mmcif_pdbx.dic 
_audit_conform.dict_version    5.392 
_audit_conform.dict_location   http://mmcif.pdb.org/dictionaries/ascii/mmcif_pdbx.dic 
# 
loop_
_database_2.database_id 
_database_2.database_code 
_database_2.pdbx_database_accession 
_database_2.pdbx_DOI 
PDB   1SN9         pdb_00001sn9 10.2210/pdb1sn9/pdb 
RCSB  RCSB021847   ?            ?                   
WWPDB D_1000021847 ?            ?                   
# 
loop_
_pdbx_audit_revision_history.ordinal 
_pdbx_audit_revision_history.data_content_type 
_pdbx_audit_revision_history.major_revision 
_pdbx_audit_revision_history.minor_revision 
_pdbx_audit_revision_history.revision_date 
1 'Structure model' 1 0 2004-08-17 
2 'Structure model' 1 1 2008-04-29 
3 'Structure model' 1 2 2011-07-13 
4 'Structure model' 2 0 2023-11-15 
5 'Structure model' 2 1 2024-04-03 
6 'Structure model' 3 0 2024-05-08 
# 
_pdbx_audit_revision_details.ordinal             1 
_pdbx_audit_revision_details.revision_ordinal    1 
_pdbx_audit_revision_details.data_content_type   'Structure model' 
_pdbx_audit_revision_details.provider            repository 
_pdbx_audit_revision_details.type                'Initial release' 
_pdbx_audit_revision_details.description         ? 
_pdbx_audit_revision_details.details             ? 
# 
loop_
_pdbx_audit_revision_group.ordinal 
_pdbx_audit_revision_group.revision_ordinal 
_pdbx_audit_revision_group.data_content_type 
_pdbx_audit_revision_group.group 
1 2 'Structure model' 'Version format compliance' 
2 3 'Structure model' 'Version format compliance' 
3 4 'Structure model' 'Atomic model'              
4 4 'Structure model' 'Data collection'           
5 4 'Structure model' 'Database references'       
6 4 'Structure model' 'Derived calculations'      
7 5 'Structure model' 'Refinement description'    
8 6 'Structure model' 'Atomic model'              
# 
loop_
_pdbx_audit_revision_category.ordinal 
_pdbx_audit_revision_category.revision_ordinal 
_pdbx_audit_revision_category.data_content_type 
_pdbx_audit_revision_category.category 
1  4 'Structure model' atom_site                     
2  4 'Structure model' atom_site_anisotrop           
3  4 'Structure model' chem_comp_atom                
4  4 'Structure model' chem_comp_bond                
5  4 'Structure model' database_2                    
6  4 'Structure model' struct_conn                   
7  4 'Structure model' struct_site                   
8  5 'Structure model' pdbx_initial_refinement_model 
9  6 'Structure model' atom_site                     
10 6 'Structure model' atom_site_anisotrop           
# 
loop_
_pdbx_audit_revision_item.ordinal 
_pdbx_audit_revision_item.revision_ordinal 
_pdbx_audit_revision_item.data_content_type 
_pdbx_audit_revision_item.item 
1  4 'Structure model' '_atom_site.auth_atom_id'                 
2  4 'Structure model' '_atom_site.label_atom_id'                
3  4 'Structure model' '_atom_site_anisotrop.pdbx_auth_atom_id'  
4  4 'Structure model' '_atom_site_anisotrop.pdbx_label_atom_id' 
5  4 'Structure model' '_database_2.pdbx_DOI'                    
6  4 'Structure model' '_database_2.pdbx_database_accession'     
7  4 'Structure model' '_struct_conn.pdbx_dist_value'            
8  4 'Structure model' '_struct_conn.pdbx_leaving_atom_flag'     
9  4 'Structure model' '_struct_conn.pdbx_ptnr1_label_alt_id'    
10 4 'Structure model' '_struct_conn.pdbx_ptnr2_label_alt_id'    
11 4 'Structure model' '_struct_conn.ptnr1_auth_asym_id'         
12 4 'Structure model' '_struct_conn.ptnr1_auth_comp_id'         
13 4 'Structure model' '_struct_conn.ptnr1_auth_seq_id'          
14 4 'Structure model' '_struct_conn.ptnr1_label_asym_id'        
15 4 'Structure model' '_struct_conn.ptnr1_label_comp_id'        
16 4 'Structure model' '_struct_conn.ptnr1_label_seq_id'         
17 4 'Structure model' '_struct_conn.ptnr2_auth_asym_id'         
18 4 'Structure model' '_struct_conn.ptnr2_auth_comp_id'         
19 4 'Structure model' '_struct_conn.ptnr2_auth_seq_id'          
20 4 'Structure model' '_struct_conn.ptnr2_label_asym_id'        
21 4 'Structure model' '_struct_conn.ptnr2_label_comp_id'        
22 4 'Structure model' '_struct_conn.ptnr2_label_seq_id'         
23 4 'Structure model' '_struct_site.pdbx_auth_asym_id'          
24 4 'Structure model' '_struct_site.pdbx_auth_comp_id'          
25 4 'Structure model' '_struct_site.pdbx_auth_seq_id'           
26 6 'Structure model' '_atom_site.auth_atom_id'                 
27 6 'Structure model' '_atom_site.label_atom_id'                
28 6 'Structure model' '_atom_site_anisotrop.pdbx_auth_atom_id'  
29 6 'Structure model' '_atom_site_anisotrop.pdbx_label_atom_id' 
# 
_pdbx_database_status.status_code                     REL 
_pdbx_database_status.entry_id                        1SN9 
_pdbx_database_status.recvd_initial_deposition_date   2004-03-10 
_pdbx_database_status.deposit_site                    RCSB 
_pdbx_database_status.process_site                    RCSB 
_pdbx_database_status.status_code_sf                  REL 
_pdbx_database_status.SG_entry                        . 
_pdbx_database_status.pdb_format_compatible           Y 
_pdbx_database_status.status_code_mr                  ? 
_pdbx_database_status.status_code_cs                  ? 
_pdbx_database_status.status_code_nmr_data            ? 
_pdbx_database_status.methods_development_category    ? 
# 
loop_
_pdbx_database_related.db_name 
_pdbx_database_related.db_id 
_pdbx_database_related.details 
_pdbx_database_related.content_type 
PDB 1SNA . unspecified 
PDB 1SNE . unspecified 
# 
loop_
_audit_author.name 
_audit_author.pdbx_ordinal 
'Ali, M.H.'     1 
'Peisach, E.'   2 
'Allen, K.N.'   3 
'Imperiali, B.' 4 
# 
_citation.id                        primary 
_citation.title                     
'X-ray structure analysis of a designed oligomeric miniprotein reveals a discrete quaternary architecture' 
_citation.journal_abbrev            Proc.Natl.Acad.Sci.USA 
_citation.journal_volume            101 
_citation.page_first                12183 
_citation.page_last                 12188 
_citation.year                      2004 
_citation.journal_id_ASTM           PNASA6 
_citation.country                   US 
_citation.journal_id_ISSN           0027-8424 
_citation.journal_id_CSD            0040 
_citation.book_publisher            ? 
_citation.pdbx_database_id_PubMed   15302930 
_citation.pdbx_database_id_DOI      10.1073/pnas.0401245101 
# 
loop_
_citation_author.citation_id 
_citation_author.name 
_citation_author.ordinal 
_citation_author.identifier_ORCID 
primary 'Ali, M.H.'     1 ? 
primary 'Peisach, E.'   2 ? 
primary 'Allen, K.N.'   3 ? 
primary 'Imperiali, B.' 4 ? 
# 
loop_
_entity.id 
_entity.type 
_entity.src_method 
_entity.pdbx_description 
_entity.formula_weight 
_entity.pdbx_number_of_molecules 
_entity.pdbx_ec 
_entity.pdbx_mutation 
_entity.pdbx_fragment 
_entity.details 
1 polymer syn 'tetrameric beta-beta-alpha mini-protein' 2543.876 4   ? ? ? ? 
2 water   nat water                                     18.015   118 ? ? ? ? 
# 
_entity_name_com.entity_id   1 
_entity_name_com.name        BBAT 
# 
_entity_poly.entity_id                      1 
_entity_poly.type                           'polypeptide(L)' 
_entity_poly.nstd_linkage                   no 
_entity_poly.nstd_monomer                   yes 
_entity_poly.pdbx_seq_one_letter_code       '(ACE)YRI(DPR)SYDF(DAL)DELAKLLRQA(DBZ)G(NH2)' 
_entity_poly.pdbx_seq_one_letter_code_can   XYRIPSYDFADELAKLLRQAAGX 
_entity_poly.pdbx_strand_id                 A,B,C,D 
_entity_poly.pdbx_target_identifier         ? 
# 
_pdbx_entity_nonpoly.entity_id   2 
_pdbx_entity_nonpoly.name        water 
_pdbx_entity_nonpoly.comp_id     HOH 
# 
loop_
_entity_poly_seq.entity_id 
_entity_poly_seq.num 
_entity_poly_seq.mon_id 
_entity_poly_seq.hetero 
1 1  ACE n 
1 2  TYR n 
1 3  ARG n 
1 4  ILE n 
1 5  DPR n 
1 6  SER n 
1 7  TYR n 
1 8  ASP n 
1 9  PHE n 
1 10 DAL n 
1 11 ASP n 
1 12 GLU n 
1 13 LEU n 
1 14 ALA n 
1 15 LYS n 
1 16 LEU n 
1 17 LEU n 
1 18 ARG n 
1 19 GLN n 
1 20 ALA n 
1 21 DBZ n 
1 22 GLY n 
1 23 NH2 n 
# 
_pdbx_entity_src_syn.entity_id              1 
_pdbx_entity_src_syn.pdbx_src_id            1 
_pdbx_entity_src_syn.pdbx_alt_source_flag   sample 
_pdbx_entity_src_syn.pdbx_beg_seq_num       ? 
_pdbx_entity_src_syn.pdbx_end_seq_num       ? 
_pdbx_entity_src_syn.organism_scientific    ? 
_pdbx_entity_src_syn.organism_common_name   ? 
_pdbx_entity_src_syn.ncbi_taxonomy_id       ? 
_pdbx_entity_src_syn.details                'The protein was chemically synthesized.' 
# 
loop_
_chem_comp.id 
_chem_comp.type 
_chem_comp.mon_nstd_flag 
_chem_comp.name 
_chem_comp.pdbx_synonyms 
_chem_comp.formula 
_chem_comp.formula_weight 
ACE non-polymer         . 'ACETYL GROUP'               ? 'C2 H4 O'        44.053  
ALA 'L-peptide linking' y ALANINE                      ? 'C3 H7 N O2'     89.093  
ARG 'L-peptide linking' y ARGININE                     ? 'C6 H15 N4 O2 1' 175.209 
ASP 'L-peptide linking' y 'ASPARTIC ACID'              ? 'C4 H7 N O4'     133.103 
DAL 'D-peptide linking' . D-ALANINE                    ? 'C3 H7 N O2'     89.093  
DBZ 'L-peptide linking' n '3-(BENZOYLAMINO)-L-ALANINE' ? 'C10 H12 N2 O3'  208.214 
DPR 'D-peptide linking' . D-PROLINE                    ? 'C5 H9 N O2'     115.130 
GLN 'L-peptide linking' y GLUTAMINE                    ? 'C5 H10 N2 O3'   146.144 
GLU 'L-peptide linking' y 'GLUTAMIC ACID'              ? 'C5 H9 N O4'     147.129 
GLY 'peptide linking'   y GLYCINE                      ? 'C2 H5 N O2'     75.067  
HOH non-polymer         . WATER                        ? 'H2 O'           18.015  
ILE 'L-peptide linking' y ISOLEUCINE                   ? 'C6 H13 N O2'    131.173 
LEU 'L-peptide linking' y LEUCINE                      ? 'C6 H13 N O2'    131.173 
LYS 'L-peptide linking' y LYSINE                       ? 'C6 H15 N2 O2 1' 147.195 
NH2 non-polymer         . 'AMINO GROUP'                ? 'H2 N'           16.023  
PHE 'L-peptide linking' y PHENYLALANINE                ? 'C9 H11 N O2'    165.189 
SER 'L-peptide linking' y SERINE                       ? 'C3 H7 N O3'     105.093 
TYR 'L-peptide linking' y TYROSINE                     ? 'C9 H11 N O3'    181.189 
# 
loop_
_pdbx_poly_seq_scheme.asym_id 
_pdbx_poly_seq_scheme.entity_id 
_pdbx_poly_seq_scheme.seq_id 
_pdbx_poly_seq_scheme.mon_id 
_pdbx_poly_seq_scheme.ndb_seq_num 
_pdbx_poly_seq_scheme.pdb_seq_num 
_pdbx_poly_seq_scheme.auth_seq_num 
_pdbx_poly_seq_scheme.pdb_mon_id 
_pdbx_poly_seq_scheme.auth_mon_id 
_pdbx_poly_seq_scheme.pdb_strand_id 
_pdbx_poly_seq_scheme.pdb_ins_code 
_pdbx_poly_seq_scheme.hetero 
A 1 1  ACE 1  100 100 ACE ACE A . n 
A 1 2  TYR 2  101 101 TYR TYR A . n 
A 1 3  ARG 3  102 102 ARG ARG A . n 
A 1 4  ILE 4  103 103 ILE ILE A . n 
A 1 5  DPR 5  104 104 DPR DPR A . n 
A 1 6  SER 6  105 105 SER SER A . n 
A 1 7  TYR 7  106 106 TYR TYR A . n 
A 1 8  ASP 8  107 107 ASP ASP A . n 
A 1 9  PHE 9  108 108 PHE PHE A . n 
A 1 10 DAL 10 109 109 DAL DAL A . n 
A 1 11 ASP 11 110 110 ASP ASP A . n 
A 1 12 GLU 12 111 111 GLU GLU A . n 
A 1 13 LEU 13 112 112 LEU LEU A . n 
A 1 14 ALA 14 113 113 ALA ALA A . n 
A 1 15 LYS 15 114 114 LYS LYS A . n 
A 1 16 LEU 16 115 115 LEU LEU A . n 
A 1 17 LEU 17 116 116 LEU LEU A . n 
A 1 18 ARG 18 117 117 ARG ARG A . n 
A 1 19 GLN 19 118 118 GLN GLN A . n 
A 1 20 ALA 20 119 119 ALA ALA A . n 
A 1 21 DBZ 21 120 120 DBZ DBZ A . n 
A 1 22 GLY 22 121 121 GLY GLY A . n 
A 1 23 NH2 23 122 122 NH2 AMI A . n 
B 1 1  ACE 1  200 200 ACE ACE B . n 
B 1 2  TYR 2  201 201 TYR TYR B . n 
B 1 3  ARG 3  202 202 ARG ARG B . n 
B 1 4  ILE 4  203 203 ILE ILE B . n 
B 1 5  DPR 5  204 204 DPR DPR B . n 
B 1 6  SER 6  205 205 SER SER B . n 
B 1 7  TYR 7  206 206 TYR TYR B . n 
B 1 8  ASP 8  207 207 ASP ASP B . n 
B 1 9  PHE 9  208 208 PHE PHE B . n 
B 1 10 DAL 10 209 209 DAL DAL B . n 
B 1 11 ASP 11 210 210 ASP ASP B . n 
B 1 12 GLU 12 211 211 GLU GLU B . n 
B 1 13 LEU 13 212 212 LEU LEU B . n 
B 1 14 ALA 14 213 213 ALA ALA B . n 
B 1 15 LYS 15 214 214 LYS LYS B . n 
B 1 16 LEU 16 215 215 LEU LEU B . n 
B 1 17 LEU 17 216 216 LEU LEU B . n 
B 1 18 ARG 18 217 217 ARG ARG B . n 
B 1 19 GLN 19 218 218 GLN GLN B . n 
B 1 20 ALA 20 219 219 ALA ALA B . n 
B 1 21 DBZ 21 220 220 DBZ DBZ B . n 
B 1 22 GLY 22 221 221 GLY GLY B . n 
B 1 23 NH2 23 222 222 NH2 AMI B . n 
C 1 1  ACE 1  300 300 ACE ACE C . n 
C 1 2  TYR 2  301 301 TYR TYR C . n 
C 1 3  ARG 3  302 302 ARG ARG C . n 
C 1 4  ILE 4  303 303 ILE ILE C . n 
C 1 5  DPR 5  304 304 DPR DPR C . n 
C 1 6  SER 6  305 305 SER SER C . n 
C 1 7  TYR 7  306 306 TYR TYR C . n 
C 1 8  ASP 8  307 307 ASP ASP C . n 
C 1 9  PHE 9  308 308 PHE PHE C . n 
C 1 10 DAL 10 309 309 DAL DAL C . n 
C 1 11 ASP 11 310 310 ASP ASP C . n 
C 1 12 GLU 12 311 311 GLU GLU C . n 
C 1 13 LEU 13 312 312 LEU LEU C . n 
C 1 14 ALA 14 313 313 ALA ALA C . n 
C 1 15 LYS 15 314 314 LYS LYS C . n 
C 1 16 LEU 16 315 315 LEU LEU C . n 
C 1 17 LEU 17 316 316 LEU LEU C . n 
C 1 18 ARG 18 317 317 ARG ARG C . n 
C 1 19 GLN 19 318 318 GLN GLN C . n 
C 1 20 ALA 20 319 319 ALA ALA C . n 
C 1 21 DBZ 21 320 320 DBZ DBZ C . n 
C 1 22 GLY 22 321 321 GLY GLY C . n 
C 1 23 NH2 23 322 322 NH2 AMI C . n 
D 1 1  ACE 1  400 400 ACE ACE D . n 
D 1 2  TYR 2  401 401 TYR TYR D . n 
D 1 3  ARG 3  402 402 ARG ARG D . n 
D 1 4  ILE 4  403 403 ILE ILE D . n 
D 1 5  DPR 5  404 404 DPR DPR D . n 
D 1 6  SER 6  405 405 SER SER D . n 
D 1 7  TYR 7  406 406 TYR TYR D . n 
D 1 8  ASP 8  407 407 ASP ASP D . n 
D 1 9  PHE 9  408 408 PHE PHE D . n 
D 1 10 DAL 10 409 409 DAL DAL D . n 
D 1 11 ASP 11 410 410 ASP ASP D . n 
D 1 12 GLU 12 411 411 GLU GLU D . n 
D 1 13 LEU 13 412 412 LEU LEU D . n 
D 1 14 ALA 14 413 413 ALA ALA D . n 
D 1 15 LYS 15 414 414 LYS LYS D . n 
D 1 16 LEU 16 415 415 LEU LEU D . n 
D 1 17 LEU 17 416 416 LEU LEU D . n 
D 1 18 ARG 18 417 417 ARG ARG D . n 
D 1 19 GLN 19 418 418 GLN GLN D . n 
D 1 20 ALA 20 419 419 ALA ALA D . n 
D 1 21 DBZ 21 420 420 DBZ DBZ D . n 
D 1 22 GLY 22 421 421 GLY GLY D . n 
D 1 23 NH2 23 422 422 NH2 AMI D . n 
# 
loop_
_pdbx_nonpoly_scheme.asym_id 
_pdbx_nonpoly_scheme.entity_id 
_pdbx_nonpoly_scheme.mon_id 
_pdbx_nonpoly_scheme.ndb_seq_num 
_pdbx_nonpoly_scheme.pdb_seq_num 
_pdbx_nonpoly_scheme.auth_seq_num 
_pdbx_nonpoly_scheme.pdb_mon_id 
_pdbx_nonpoly_scheme.auth_mon_id 
_pdbx_nonpoly_scheme.pdb_strand_id 
_pdbx_nonpoly_scheme.pdb_ins_code 
E 2 HOH 1  123 5   HOH HOH A . 
E 2 HOH 2  124 10  HOH HOH A . 
E 2 HOH 3  125 12  HOH HOH A . 
E 2 HOH 4  126 15  HOH HOH A . 
E 2 HOH 5  127 16  HOH HOH A . 
E 2 HOH 6  128 19  HOH HOH A . 
E 2 HOH 7  129 21  HOH HOH A . 
E 2 HOH 8  130 23  HOH HOH A . 
E 2 HOH 9  131 26  HOH HOH A . 
E 2 HOH 10 132 27  HOH HOH A . 
E 2 HOH 11 133 40  HOH HOH A . 
E 2 HOH 12 134 41  HOH HOH A . 
E 2 HOH 13 135 43  HOH HOH A . 
E 2 HOH 14 136 47  HOH HOH A . 
E 2 HOH 15 137 48  HOH HOH A . 
E 2 HOH 16 138 56  HOH HOH A . 
E 2 HOH 17 139 57  HOH HOH A . 
E 2 HOH 18 140 64  HOH HOH A . 
E 2 HOH 19 141 65  HOH HOH A . 
E 2 HOH 20 142 67  HOH HOH A . 
E 2 HOH 21 143 77  HOH HOH A . 
E 2 HOH 22 144 79  HOH HOH A . 
E 2 HOH 23 145 82  HOH HOH A . 
E 2 HOH 24 146 83  HOH HOH A . 
E 2 HOH 25 147 92  HOH HOH A . 
E 2 HOH 26 148 94  HOH HOH A . 
E 2 HOH 27 149 95  HOH HOH A . 
E 2 HOH 28 150 99  HOH HOH A . 
E 2 HOH 29 151 100 HOH HOH A . 
E 2 HOH 30 152 101 HOH HOH A . 
E 2 HOH 31 153 103 HOH HOH A . 
E 2 HOH 32 154 107 HOH HOH A . 
F 2 HOH 1  4   4   HOH HOH B . 
F 2 HOH 2  8   8   HOH HOH B . 
F 2 HOH 3  9   9   HOH HOH B . 
F 2 HOH 4  13  13  HOH HOH B . 
F 2 HOH 5  25  25  HOH HOH B . 
F 2 HOH 6  30  30  HOH HOH B . 
F 2 HOH 7  31  31  HOH HOH B . 
F 2 HOH 8  32  32  HOH HOH B . 
F 2 HOH 9  36  36  HOH HOH B . 
F 2 HOH 10 37  37  HOH HOH B . 
F 2 HOH 11 44  44  HOH HOH B . 
F 2 HOH 12 46  46  HOH HOH B . 
F 2 HOH 13 49  49  HOH HOH B . 
F 2 HOH 14 52  52  HOH HOH B . 
F 2 HOH 15 53  53  HOH HOH B . 
F 2 HOH 16 54  54  HOH HOH B . 
F 2 HOH 17 55  55  HOH HOH B . 
F 2 HOH 18 58  58  HOH HOH B . 
F 2 HOH 19 59  59  HOH HOH B . 
F 2 HOH 20 60  60  HOH HOH B . 
F 2 HOH 21 61  61  HOH HOH B . 
F 2 HOH 22 62  62  HOH HOH B . 
F 2 HOH 23 63  63  HOH HOH B . 
F 2 HOH 24 70  70  HOH HOH B . 
F 2 HOH 25 71  71  HOH HOH B . 
F 2 HOH 26 85  85  HOH HOH B . 
F 2 HOH 27 86  86  HOH HOH B . 
F 2 HOH 28 97  97  HOH HOH B . 
F 2 HOH 29 106 106 HOH HOH B . 
F 2 HOH 30 108 108 HOH HOH B . 
G 2 HOH 1  1   1   HOH HOH C . 
G 2 HOH 2  2   2   HOH HOH C . 
G 2 HOH 3  7   7   HOH HOH C . 
G 2 HOH 4  18  18  HOH HOH C . 
G 2 HOH 5  22  22  HOH HOH C . 
G 2 HOH 6  28  28  HOH HOH C . 
G 2 HOH 7  29  29  HOH HOH C . 
G 2 HOH 8  33  33  HOH HOH C . 
G 2 HOH 9  39  39  HOH HOH C . 
G 2 HOH 10 50  50  HOH HOH C . 
G 2 HOH 11 68  68  HOH HOH C . 
G 2 HOH 12 74  74  HOH HOH C . 
G 2 HOH 13 76  76  HOH HOH C . 
G 2 HOH 14 78  78  HOH HOH C . 
G 2 HOH 15 81  81  HOH HOH C . 
G 2 HOH 16 84  84  HOH HOH C . 
G 2 HOH 17 87  87  HOH HOH C . 
G 2 HOH 18 89  89  HOH HOH C . 
G 2 HOH 19 96  96  HOH HOH C . 
G 2 HOH 20 102 102 HOH HOH C . 
G 2 HOH 21 104 104 HOH HOH C . 
G 2 HOH 22 109 109 HOH HOH C . 
G 2 HOH 23 112 112 HOH HOH C . 
G 2 HOH 24 113 113 HOH HOH C . 
G 2 HOH 25 114 114 HOH HOH C . 
G 2 HOH 26 115 115 HOH HOH C . 
G 2 HOH 27 117 117 HOH HOH C . 
H 2 HOH 1  3   3   HOH HOH D . 
H 2 HOH 2  6   6   HOH HOH D . 
H 2 HOH 3  11  11  HOH HOH D . 
H 2 HOH 4  14  14  HOH HOH D . 
H 2 HOH 5  17  17  HOH HOH D . 
H 2 HOH 6  20  20  HOH HOH D . 
H 2 HOH 7  24  24  HOH HOH D . 
H 2 HOH 8  34  34  HOH HOH D . 
H 2 HOH 9  35  35  HOH HOH D . 
H 2 HOH 10 38  38  HOH HOH D . 
H 2 HOH 11 42  42  HOH HOH D . 
H 2 HOH 12 45  45  HOH HOH D . 
H 2 HOH 13 51  51  HOH HOH D . 
H 2 HOH 14 66  66  HOH HOH D . 
H 2 HOH 15 69  69  HOH HOH D . 
H 2 HOH 16 72  72  HOH HOH D . 
H 2 HOH 17 73  73  HOH HOH D . 
H 2 HOH 18 75  75  HOH HOH D . 
H 2 HOH 19 80  80  HOH HOH D . 
H 2 HOH 20 88  88  HOH HOH D . 
H 2 HOH 21 90  90  HOH HOH D . 
H 2 HOH 22 91  91  HOH HOH D . 
H 2 HOH 23 93  93  HOH HOH D . 
H 2 HOH 24 98  98  HOH HOH D . 
H 2 HOH 25 105 105 HOH HOH D . 
H 2 HOH 26 110 110 HOH HOH D . 
H 2 HOH 27 111 111 HOH HOH D . 
H 2 HOH 28 116 116 HOH HOH D . 
H 2 HOH 29 118 118 HOH HOH D . 
# 
loop_
_software.name 
_software.classification 
_software.version 
_software.citation_id 
_software.pdbx_ordinal 
DENZO     'data reduction' . ? 1 
SCALEPACK 'data scaling'   . ? 2 
MOLREP    phasing          . ? 3 
SHELXL-97 refinement       . ? 4 
# 
_cell.entry_id           1SN9 
_cell.length_a           38.939 
_cell.length_b           56.172 
_cell.length_c           32.320 
_cell.angle_alpha        90.00 
_cell.angle_beta         90.00 
_cell.angle_gamma        90.00 
_cell.Z_PDB              16 
_cell.pdbx_unique_axis   ? 
# 
_symmetry.entry_id                         1SN9 
_symmetry.space_group_name_H-M             'P 21 21 2' 
_symmetry.pdbx_full_space_group_name_H-M   ? 
_symmetry.cell_setting                     ? 
_symmetry.Int_Tables_number                18 
_symmetry.space_group_name_Hall            ? 
# 
_exptl.entry_id          1SN9 
_exptl.method            'X-RAY DIFFRACTION' 
_exptl.crystals_number   1 
# 
_exptl_crystal.id                    1 
_exptl_crystal.density_meas          ? 
_exptl_crystal.density_percent_sol   29.18 
_exptl_crystal.description           ? 
_exptl_crystal.density_Matthews      1.74 
_exptl_crystal.F_000                 ? 
_exptl_crystal.preparation           ? 
# 
_exptl_crystal_grow.crystal_id      1 
_exptl_crystal_grow.method          'VAPOR DIFFUSION, HANGING DROP' 
_exptl_crystal_grow.temp            298 
_exptl_crystal_grow.temp_details    ? 
_exptl_crystal_grow.pH              8.5 
_exptl_crystal_grow.pdbx_details    '25% t-butanol, 0.1M TRIS buffer, pH 8.5, VAPOR DIFFUSION, HANGING DROP, temperature 298K' 
_exptl_crystal_grow.pdbx_pH_range   . 
# 
_diffrn.id                     1 
_diffrn.ambient_temp           100 
_diffrn.ambient_temp_details   ? 
_diffrn.crystal_id             1 
# 
_diffrn_detector.diffrn_id              1 
_diffrn_detector.detector               CCD 
_diffrn_detector.type                   'ADSC QUANTUM 4' 
_diffrn_detector.pdbx_collection_date   ? 
_diffrn_detector.details                ? 
# 
_diffrn_radiation.diffrn_id                        1 
_diffrn_radiation.wavelength_id                    1 
_diffrn_radiation.pdbx_monochromatic_or_laue_m_l   M 
_diffrn_radiation.monochromator                    ? 
_diffrn_radiation.pdbx_diffrn_protocol             'SINGLE WAVELENGTH' 
_diffrn_radiation.pdbx_scattering_type             x-ray 
# 
_diffrn_radiation_wavelength.id           1 
_diffrn_radiation_wavelength.wavelength   0.900 
_diffrn_radiation_wavelength.wt           1.0 
# 
_diffrn_source.diffrn_id                   1 
_diffrn_source.source                      SYNCHROTRON 
_diffrn_source.type                        'APS BEAMLINE 14-BM-C' 
_diffrn_source.pdbx_synchrotron_site       APS 
_diffrn_source.pdbx_synchrotron_beamline   14-BM-C 
_diffrn_source.pdbx_wavelength             0.900 
_diffrn_source.pdbx_wavelength_list        0.900 
# 
_reflns.entry_id                     1SN9 
_reflns.observed_criterion_sigma_I   0 
_reflns.observed_criterion_sigma_F   0 
_reflns.d_resolution_low             99.00 
_reflns.d_resolution_high            1.20 
_reflns.number_obs                   21067 
_reflns.number_all                   ? 
_reflns.percent_possible_obs         92.5 
_reflns.pdbx_Rmerge_I_obs            0.034 
_reflns.pdbx_Rsym_value              ? 
_reflns.pdbx_netI_over_sigmaI        26.8 
_reflns.B_iso_Wilson_estimate        9.6 
_reflns.pdbx_redundancy              3.7 
_reflns.R_free_details               ? 
_reflns.limit_h_max                  ? 
_reflns.limit_h_min                  ? 
_reflns.limit_k_max                  ? 
_reflns.limit_k_min                  ? 
_reflns.limit_l_max                  ? 
_reflns.limit_l_min                  ? 
_reflns.observed_criterion_F_max     ? 
_reflns.observed_criterion_F_min     ? 
_reflns.pdbx_chi_squared             ? 
_reflns.pdbx_scaling_rejects         ? 
_reflns.pdbx_diffrn_id               1 
_reflns.pdbx_ordinal                 1 
# 
_reflns_shell.d_res_high             1.20 
_reflns_shell.d_res_low              1.22 
_reflns_shell.percent_possible_all   54.7 
_reflns_shell.Rmerge_I_obs           0.229 
_reflns_shell.pdbx_Rsym_value        ? 
_reflns_shell.meanI_over_sigI_obs    3.7 
_reflns_shell.pdbx_redundancy        ? 
_reflns_shell.percent_possible_obs   ? 
_reflns_shell.number_unique_all      610 
_reflns_shell.number_measured_all    ? 
_reflns_shell.number_measured_obs    ? 
_reflns_shell.number_unique_obs      ? 
_reflns_shell.pdbx_chi_squared       ? 
_reflns_shell.pdbx_diffrn_id         ? 
_reflns_shell.pdbx_ordinal           1 
# 
_refine.entry_id                                 1SN9 
_refine.ls_number_reflns_obs                     19671 
_refine.ls_number_reflns_all                     19671 
_refine.pdbx_ls_sigma_I                          0.0 
_refine.pdbx_ls_sigma_F                          0.0 
_refine.pdbx_data_cutoff_high_absF               ? 
_refine.pdbx_data_cutoff_low_absF                ? 
_refine.pdbx_data_cutoff_high_rms_absF           ? 
_refine.ls_d_res_low                             99.00 
_refine.ls_d_res_high                            1.20 
_refine.ls_percent_reflns_obs                    86.5 
_refine.ls_R_factor_obs                          0.1903 
_refine.ls_R_factor_all                          ? 
_refine.ls_R_factor_R_work                       0.1881 
_refine.ls_R_factor_R_free                       0.2854 
_refine.ls_R_factor_R_free_error                 ? 
_refine.ls_R_factor_R_free_error_details         ? 
_refine.ls_percent_reflns_R_free                 10.1 
_refine.ls_number_reflns_R_free                  1983 
_refine.ls_number_parameters                     8097 
_refine.ls_number_restraints                     10728 
_refine.occupancy_min                            ? 
_refine.occupancy_max                            ? 
_refine.correlation_coeff_Fo_to_Fc               ? 
_refine.correlation_coeff_Fo_to_Fc_free          ? 
_refine.B_iso_mean                               22.3 
_refine.aniso_B[1][1]                            ? 
_refine.aniso_B[2][2]                            ? 
_refine.aniso_B[3][3]                            ? 
_refine.aniso_B[1][2]                            ? 
_refine.aniso_B[1][3]                            ? 
_refine.aniso_B[2][3]                            ? 
_refine.solvent_model_details                    ? 
_refine.solvent_model_param_ksol                 ? 
_refine.solvent_model_param_bsol                 ? 
_refine.pdbx_solvent_vdw_probe_radii             ? 
_refine.pdbx_solvent_ion_probe_radii             ? 
_refine.pdbx_solvent_shrinkage_radii             ? 
_refine.pdbx_ls_cross_valid_method               'FREE R' 
_refine.details                                  ? 
_refine.pdbx_starting_model                      'refined structure of Gln18SeMet selenomethionine derivative of BBAT' 
_refine.pdbx_method_to_determine_struct          'MOLECULAR REPLACEMENT' 
_refine.pdbx_isotropic_thermal_model             ? 
_refine.pdbx_stereochemistry_target_values       'ENGH AND HUBER' 
_refine.pdbx_stereochem_target_val_spec_case     ? 
_refine.pdbx_R_Free_selection_details            RANDOM 
_refine.pdbx_overall_ESU_R                       ? 
_refine.pdbx_overall_ESU_R_Free                  ? 
_refine.overall_SU_ML                            ? 
_refine.overall_SU_B                             ? 
_refine.ls_redundancy_reflns_obs                 ? 
_refine.B_iso_min                                ? 
_refine.B_iso_max                                ? 
_refine.overall_SU_R_Cruickshank_DPI             ? 
_refine.overall_SU_R_free                        ? 
_refine.ls_wR_factor_R_free                      ? 
_refine.ls_wR_factor_R_work                      ? 
_refine.overall_FOM_free_R_set                   ? 
_refine.overall_FOM_work_R_set                   ? 
_refine.pdbx_refine_id                           'X-RAY DIFFRACTION' 
_refine.pdbx_diffrn_id                           1 
_refine.pdbx_TLS_residual_ADP_flag               ? 
_refine.pdbx_overall_phase_error                 ? 
_refine.pdbx_overall_SU_R_free_Cruickshank_DPI   ? 
_refine.pdbx_overall_SU_R_Blow_DPI               ? 
_refine.pdbx_overall_SU_R_free_Blow_DPI          ? 
# 
_refine_analyze.entry_id                        1SN9 
_refine_analyze.Luzzati_coordinate_error_obs    ? 
_refine_analyze.Luzzati_sigma_a_obs             ? 
_refine_analyze.Luzzati_d_res_low_obs           ? 
_refine_analyze.Luzzati_coordinate_error_free   ? 
_refine_analyze.Luzzati_sigma_a_free            ? 
_refine_analyze.Luzzati_d_res_low_free          ? 
_refine_analyze.number_disordered_residues      13 
_refine_analyze.occupancy_sum_hydrogen          0.00 
_refine_analyze.occupancy_sum_non_hydrogen      843.50 
_refine_analyze.pdbx_Luzzati_d_res_high_obs     ? 
_refine_analyze.pdbx_refine_id                  'X-RAY DIFFRACTION' 
# 
_refine_hist.pdbx_refine_id                   'X-RAY DIFFRACTION' 
_refine_hist.cycle_id                         LAST 
_refine_hist.pdbx_number_atoms_protein        813 
_refine_hist.pdbx_number_atoms_nucleic_acid   0 
_refine_hist.pdbx_number_atoms_ligand         0 
_refine_hist.number_atoms_solvent             118 
_refine_hist.number_atoms_total               931 
_refine_hist.d_res_high                       1.20 
_refine_hist.d_res_low                        99.00 
# 
loop_
_refine_ls_restr.type 
_refine_ls_restr.dev_ideal 
_refine_ls_restr.dev_ideal_target 
_refine_ls_restr.weight 
_refine_ls_restr.number 
_refine_ls_restr.pdbx_refine_id 
_refine_ls_restr.pdbx_restraint_function 
s_bond_d               0.032  ? ? ? 'X-RAY DIFFRACTION' ? 
s_angle_d              0.039  ? ? ? 'X-RAY DIFFRACTION' ? 
s_similar_dist         0.000  ? ? ? 'X-RAY DIFFRACTION' ? 
s_from_restr_planes    0.0234 ? ? ? 'X-RAY DIFFRACTION' ? 
s_zero_chiral_vol      0.056  ? ? ? 'X-RAY DIFFRACTION' ? 
s_non_zero_chiral_vol  0.060  ? ? ? 'X-RAY DIFFRACTION' ? 
s_anti_bump_dis_restr  0.109  ? ? ? 'X-RAY DIFFRACTION' ? 
s_rigid_bond_adp_cmpnt 0.003  ? ? ? 'X-RAY DIFFRACTION' ? 
s_similar_adp_cmpnt    0.064  ? ? ? 'X-RAY DIFFRACTION' ? 
s_approx_iso_adps      0.084  ? ? ? 'X-RAY DIFFRACTION' ? 
# 
_pdbx_refine.entry_id                                    1SN9 
_pdbx_refine.R_factor_all_no_cutoff                      0.1903 
_pdbx_refine.R_factor_obs_no_cutoff                      0.1881 
_pdbx_refine.free_R_factor_no_cutoff                     0.2854 
_pdbx_refine.free_R_val_test_set_size_perc_no_cutoff     10.1 
_pdbx_refine.free_R_val_test_set_ct_no_cutoff            1983 
_pdbx_refine.R_factor_all_4sig_cutoff                    0.1843 
_pdbx_refine.R_factor_obs_4sig_cutoff                    0.182 
_pdbx_refine.free_R_factor_4sig_cutoff                   0.2783 
_pdbx_refine.free_R_val_test_set_size_perc_4sig_cutoff   10.1 
_pdbx_refine.free_R_val_test_set_ct_4sig_cutoff          1763 
_pdbx_refine.number_reflns_obs_4sig_cutoff               17510 
_pdbx_refine.number_reflns_obs_no_cutoff                 ? 
_pdbx_refine.pdbx_refine_id                              'X-RAY DIFFRACTION' 
_pdbx_refine.free_R_error_no_cutoff                      ? 
# 
_struct.entry_id                  1SN9 
_struct.title                     'An Oligomeric Domain-Swapped Beta-Beta-Alpha Mini-Protein' 
_struct.pdbx_model_details        ? 
_struct.pdbx_CASP_flag            ? 
_struct.pdbx_model_type_details   ? 
# 
_struct_keywords.entry_id        1SN9 
_struct_keywords.pdbx_keywords   'DE NOVO PROTEIN' 
_struct_keywords.text            'protein design, domain swapping, mini-protein, oligomerization, DE NOVO PROTEIN' 
# 
loop_
_struct_asym.id 
_struct_asym.pdbx_blank_PDB_chainid_flag 
_struct_asym.pdbx_modified 
_struct_asym.entity_id 
_struct_asym.details 
A N N 1 ? 
B N N 1 ? 
C N N 1 ? 
D N N 1 ? 
E N N 2 ? 
F N N 2 ? 
G N N 2 ? 
H N N 2 ? 
# 
_struct_ref.id                         1 
_struct_ref.entity_id                  1 
_struct_ref.db_name                    PDB 
_struct_ref.db_code                    1SN9 
_struct_ref.pdbx_db_accession          1SN9 
_struct_ref.pdbx_db_isoform            ? 
_struct_ref.pdbx_seq_one_letter_code   ? 
_struct_ref.pdbx_align_begin           ? 
# 
loop_
_struct_ref_seq.align_id 
_struct_ref_seq.ref_id 
_struct_ref_seq.pdbx_PDB_id_code 
_struct_ref_seq.pdbx_strand_id 
_struct_ref_seq.seq_align_beg 
_struct_ref_seq.pdbx_seq_align_beg_ins_code 
_struct_ref_seq.seq_align_end 
_struct_ref_seq.pdbx_seq_align_end_ins_code 
_struct_ref_seq.pdbx_db_accession 
_struct_ref_seq.db_align_beg 
_struct_ref_seq.pdbx_db_align_beg_ins_code 
_struct_ref_seq.db_align_end 
_struct_ref_seq.pdbx_db_align_end_ins_code 
_struct_ref_seq.pdbx_auth_seq_align_beg 
_struct_ref_seq.pdbx_auth_seq_align_end 
1 1 1SN9 A 1 ? 23 ? 1SN9 100 ? 122 ? 100 122 
2 1 1SN9 B 1 ? 23 ? 1SN9 200 ? 222 ? 200 222 
3 1 1SN9 C 1 ? 23 ? 1SN9 300 ? 322 ? 300 322 
4 1 1SN9 D 1 ? 23 ? 1SN9 400 ? 422 ? 400 422 
# 
_pdbx_struct_assembly.id                   1 
_pdbx_struct_assembly.details              author_defined_assembly 
_pdbx_struct_assembly.method_details       ? 
_pdbx_struct_assembly.oligomeric_details   tetrameric 
_pdbx_struct_assembly.oligomeric_count     4 
# 
_pdbx_struct_assembly_gen.assembly_id       1 
_pdbx_struct_assembly_gen.oper_expression   1 
_pdbx_struct_assembly_gen.asym_id_list      A,B,C,D,E,F,G,H 
# 
_pdbx_struct_oper_list.id                   1 
_pdbx_struct_oper_list.type                 'identity operation' 
_pdbx_struct_oper_list.name                 1_555 
_pdbx_struct_oper_list.symmetry_operation   x,y,z 
_pdbx_struct_oper_list.matrix[1][1]         1.0000000000 
_pdbx_struct_oper_list.matrix[1][2]         0.0000000000 
_pdbx_struct_oper_list.matrix[1][3]         0.0000000000 
_pdbx_struct_oper_list.vector[1]            0.0000000000 
_pdbx_struct_oper_list.matrix[2][1]         0.0000000000 
_pdbx_struct_oper_list.matrix[2][2]         1.0000000000 
_pdbx_struct_oper_list.matrix[2][3]         0.0000000000 
_pdbx_struct_oper_list.vector[2]            0.0000000000 
_pdbx_struct_oper_list.matrix[3][1]         0.0000000000 
_pdbx_struct_oper_list.matrix[3][2]         0.0000000000 
_pdbx_struct_oper_list.matrix[3][3]         1.0000000000 
_pdbx_struct_oper_list.vector[3]            0.0000000000 
# 
loop_
_struct_conf.conf_type_id 
_struct_conf.id 
_struct_conf.pdbx_PDB_helix_id 
_struct_conf.beg_label_comp_id 
_struct_conf.beg_label_asym_id 
_struct_conf.beg_label_seq_id 
_struct_conf.pdbx_beg_PDB_ins_code 
_struct_conf.end_label_comp_id 
_struct_conf.end_label_asym_id 
_struct_conf.end_label_seq_id 
_struct_conf.pdbx_end_PDB_ins_code 
_struct_conf.beg_auth_comp_id 
_struct_conf.beg_auth_asym_id 
_struct_conf.beg_auth_seq_id 
_struct_conf.end_auth_comp_id 
_struct_conf.end_auth_asym_id 
_struct_conf.end_auth_seq_id 
_struct_conf.pdbx_PDB_helix_class 
_struct_conf.details 
_struct_conf.pdbx_PDB_helix_length 
HELX_P HELX_P1 1 ASP A 8 ? DBZ A 21 ? ASP A 107 DBZ A 120 1 ? 14 
HELX_P HELX_P2 2 ASP B 8 ? ALA B 20 ? ASP B 207 ALA B 219 1 ? 13 
HELX_P HELX_P3 3 PHE C 9 ? DBZ C 21 ? PHE C 308 DBZ C 320 1 ? 13 
HELX_P HELX_P4 4 PHE D 9 ? GLY D 22 ? PHE D 408 GLY D 421 1 ? 14 
# 
_struct_conf_type.id          HELX_P 
_struct_conf_type.criteria    ? 
_struct_conf_type.reference   ? 
# 
loop_
_struct_conn.id 
_struct_conn.conn_type_id 
_struct_conn.pdbx_leaving_atom_flag 
_struct_conn.pdbx_PDB_id 
_struct_conn.ptnr1_label_asym_id 
_struct_conn.ptnr1_label_comp_id 
_struct_conn.ptnr1_label_seq_id 
_struct_conn.ptnr1_label_atom_id 
_struct_conn.pdbx_ptnr1_label_alt_id 
_struct_conn.pdbx_ptnr1_PDB_ins_code 
_struct_conn.pdbx_ptnr1_standard_comp_id 
_struct_conn.ptnr1_symmetry 
_struct_conn.ptnr2_label_asym_id 
_struct_conn.ptnr2_label_comp_id 
_struct_conn.ptnr2_label_seq_id 
_struct_conn.ptnr2_label_atom_id 
_struct_conn.pdbx_ptnr2_label_alt_id 
_struct_conn.pdbx_ptnr2_PDB_ins_code 
_struct_conn.ptnr1_auth_asym_id 
_struct_conn.ptnr1_auth_comp_id 
_struct_conn.ptnr1_auth_seq_id 
_struct_conn.ptnr2_auth_asym_id 
_struct_conn.ptnr2_auth_comp_id 
_struct_conn.ptnr2_auth_seq_id 
_struct_conn.ptnr2_symmetry 
_struct_conn.pdbx_ptnr3_label_atom_id 
_struct_conn.pdbx_ptnr3_label_seq_id 
_struct_conn.pdbx_ptnr3_label_comp_id 
_struct_conn.pdbx_ptnr3_label_asym_id 
_struct_conn.pdbx_ptnr3_label_alt_id 
_struct_conn.pdbx_ptnr3_PDB_ins_code 
_struct_conn.details 
_struct_conn.pdbx_dist_value 
_struct_conn.pdbx_value_order 
_struct_conn.pdbx_role 
covale1  covale both ? A ACE 1  C ? ? ? 1_555 A TYR 2  N ? ? A ACE 100 A TYR 101 1_555 ? ? ? ? ? ? ? 1.332 ? ? 
covale2  covale both ? A ILE 4  C ? ? ? 1_555 A DPR 5  N ? ? A ILE 103 A DPR 104 1_555 ? ? ? ? ? ? ? 1.331 ? ? 
covale3  covale both ? A DPR 5  C ? ? ? 1_555 A SER 6  N ? ? A DPR 104 A SER 105 1_555 ? ? ? ? ? ? ? 1.334 ? ? 
covale4  covale both ? A PHE 9  C ? ? ? 1_555 A DAL 10 N ? ? A PHE 108 A DAL 109 1_555 ? ? ? ? ? ? ? 1.327 ? ? 
covale5  covale both ? A DAL 10 C ? ? ? 1_555 A ASP 11 N ? ? A DAL 109 A ASP 110 1_555 ? ? ? ? ? ? ? 1.340 ? ? 
covale6  covale both ? A ALA 20 C ? ? ? 1_555 A DBZ 21 N ? ? A ALA 119 A DBZ 120 1_555 ? ? ? ? ? ? ? 1.324 ? ? 
covale7  covale both ? A DBZ 21 C ? ? ? 1_555 A GLY 22 N A ? A DBZ 120 A GLY 121 1_555 ? ? ? ? ? ? ? 1.329 ? ? 
covale8  covale both ? A DBZ 21 C ? ? ? 1_555 A GLY 22 N B ? A DBZ 120 A GLY 121 1_555 ? ? ? ? ? ? ? 1.326 ? ? 
covale9  covale both ? A GLY 22 C B ? ? 1_555 A NH2 23 N B ? A GLY 121 A NH2 122 1_555 ? ? ? ? ? ? ? 1.325 ? ? 
covale10 covale both ? A GLY 22 C A ? ? 1_555 A NH2 23 N A ? A GLY 121 A NH2 122 1_555 ? ? ? ? ? ? ? 1.334 ? ? 
covale11 covale both ? B ACE 1  C ? ? ? 1_555 B TYR 2  N ? ? B ACE 200 B TYR 201 1_555 ? ? ? ? ? ? ? 1.337 ? ? 
covale12 covale both ? B ILE 4  C ? ? ? 1_555 B DPR 5  N ? ? B ILE 203 B DPR 204 1_555 ? ? ? ? ? ? ? 1.330 ? ? 
covale13 covale both ? B DPR 5  C ? ? ? 1_555 B SER 6  N ? ? B DPR 204 B SER 205 1_555 ? ? ? ? ? ? ? 1.338 ? ? 
covale14 covale both ? B PHE 9  C ? ? ? 1_555 B DAL 10 N ? ? B PHE 208 B DAL 209 1_555 ? ? ? ? ? ? ? 1.331 ? ? 
covale15 covale both ? B DAL 10 C ? ? ? 1_555 B ASP 11 N ? ? B DAL 209 B ASP 210 1_555 ? ? ? ? ? ? ? 1.340 ? ? 
covale16 covale both ? B ALA 20 C ? ? ? 1_555 B DBZ 21 N ? ? B ALA 219 B DBZ 220 1_555 ? ? ? ? ? ? ? 1.323 ? ? 
covale17 covale both ? B DBZ 21 C ? ? ? 1_555 B GLY 22 N A ? B DBZ 220 B GLY 221 1_555 ? ? ? ? ? ? ? 1.330 ? ? 
covale18 covale both ? B DBZ 21 C ? ? ? 1_555 B GLY 22 N B ? B DBZ 220 B GLY 221 1_555 ? ? ? ? ? ? ? 1.323 ? ? 
covale19 covale both ? B GLY 22 C A ? ? 1_555 B NH2 23 N A ? B GLY 221 B NH2 222 1_555 ? ? ? ? ? ? ? 1.329 ? ? 
covale20 covale both ? B GLY 22 C B ? ? 1_555 B NH2 23 N B ? B GLY 221 B NH2 222 1_555 ? ? ? ? ? ? ? 1.330 ? ? 
covale21 covale both ? C ACE 1  C ? ? ? 1_555 C TYR 2  N ? ? C ACE 300 C TYR 301 1_555 ? ? ? ? ? ? ? 1.354 ? ? 
covale22 covale both ? C ILE 4  C ? ? ? 1_555 C DPR 5  N ? ? C ILE 303 C DPR 304 1_555 ? ? ? ? ? ? ? 1.326 ? ? 
covale23 covale both ? C DPR 5  C ? ? ? 1_555 C SER 6  N ? ? C DPR 304 C SER 305 1_555 ? ? ? ? ? ? ? 1.332 ? ? 
covale24 covale both ? C PHE 9  C ? ? ? 1_555 C DAL 10 N ? ? C PHE 308 C DAL 309 1_555 ? ? ? ? ? ? ? 1.322 ? ? 
covale25 covale both ? C DAL 10 C ? ? ? 1_555 C ASP 11 N ? ? C DAL 309 C ASP 310 1_555 ? ? ? ? ? ? ? 1.324 ? ? 
covale26 covale both ? C ALA 20 C ? ? ? 1_555 C DBZ 21 N ? ? C ALA 319 C DBZ 320 1_555 ? ? ? ? ? ? ? 1.336 ? ? 
covale27 covale both ? C DBZ 21 C ? ? ? 1_555 C GLY 22 N ? ? C DBZ 320 C GLY 321 1_555 ? ? ? ? ? ? ? 1.343 ? ? 
covale28 covale both ? C GLY 22 C ? ? ? 1_555 C NH2 23 N ? ? C GLY 321 C NH2 322 1_555 ? ? ? ? ? ? ? 1.347 ? ? 
covale29 covale both ? D ACE 1  C ? ? ? 1_555 D TYR 2  N ? ? D ACE 400 D TYR 401 1_555 ? ? ? ? ? ? ? 1.330 ? ? 
covale30 covale both ? D ILE 4  C ? ? ? 1_555 D DPR 5  N ? ? D ILE 403 D DPR 404 1_555 ? ? ? ? ? ? ? 1.327 ? ? 
covale31 covale both ? D DPR 5  C ? ? ? 1_555 D SER 6  N ? ? D DPR 404 D SER 405 1_555 ? ? ? ? ? ? ? 1.325 ? ? 
covale32 covale both ? D PHE 9  C ? ? ? 1_555 D DAL 10 N ? ? D PHE 408 D DAL 409 1_555 ? ? ? ? ? ? ? 1.340 ? ? 
covale33 covale both ? D DAL 10 C ? ? ? 1_555 D ASP 11 N ? ? D DAL 409 D ASP 410 1_555 ? ? ? ? ? ? ? 1.346 ? ? 
covale34 covale both ? D ALA 20 C ? ? ? 1_555 D DBZ 21 N ? ? D ALA 419 D DBZ 420 1_555 ? ? ? ? ? ? ? 1.334 ? ? 
covale35 covale both ? D DBZ 21 C ? ? ? 1_555 D GLY 22 N ? ? D DBZ 420 D GLY 421 1_555 ? ? ? ? ? ? ? 1.317 ? ? 
covale36 covale both ? D GLY 22 C ? ? ? 1_555 D NH2 23 N ? ? D GLY 421 D NH2 422 1_555 ? ? ? ? ? ? ? 1.326 ? ? 
# 
_struct_conn_type.id          covale 
_struct_conn_type.criteria    ? 
_struct_conn_type.reference   ? 
# 
loop_
_struct_sheet.id 
_struct_sheet.type 
_struct_sheet.number_strands 
_struct_sheet.details 
A ? 2 ? 
B ? 2 ? 
# 
loop_
_struct_sheet_order.sheet_id 
_struct_sheet_order.range_id_1 
_struct_sheet_order.range_id_2 
_struct_sheet_order.offset 
_struct_sheet_order.sense 
A 1 2 ? anti-parallel 
B 1 2 ? anti-parallel 
# 
loop_
_struct_sheet_range.sheet_id 
_struct_sheet_range.id 
_struct_sheet_range.beg_label_comp_id 
_struct_sheet_range.beg_label_asym_id 
_struct_sheet_range.beg_label_seq_id 
_struct_sheet_range.pdbx_beg_PDB_ins_code 
_struct_sheet_range.end_label_comp_id 
_struct_sheet_range.end_label_asym_id 
_struct_sheet_range.end_label_seq_id 
_struct_sheet_range.pdbx_end_PDB_ins_code 
_struct_sheet_range.beg_auth_comp_id 
_struct_sheet_range.beg_auth_asym_id 
_struct_sheet_range.beg_auth_seq_id 
_struct_sheet_range.end_auth_comp_id 
_struct_sheet_range.end_auth_asym_id 
_struct_sheet_range.end_auth_seq_id 
A 1 ARG C 3 ? ILE C 4 ? ARG C 302 ILE C 303 
A 2 TYR C 7 ? ASP C 8 ? TYR C 306 ASP C 307 
B 1 ARG D 3 ? ILE D 4 ? ARG D 402 ILE D 403 
B 2 TYR D 7 ? ASP D 8 ? TYR D 406 ASP D 407 
# 
loop_
_pdbx_struct_sheet_hbond.sheet_id 
_pdbx_struct_sheet_hbond.range_id_1 
_pdbx_struct_sheet_hbond.range_id_2 
_pdbx_struct_sheet_hbond.range_1_label_atom_id 
_pdbx_struct_sheet_hbond.range_1_label_comp_id 
_pdbx_struct_sheet_hbond.range_1_label_asym_id 
_pdbx_struct_sheet_hbond.range_1_label_seq_id 
_pdbx_struct_sheet_hbond.range_1_PDB_ins_code 
_pdbx_struct_sheet_hbond.range_1_auth_atom_id 
_pdbx_struct_sheet_hbond.range_1_auth_comp_id 
_pdbx_struct_sheet_hbond.range_1_auth_asym_id 
_pdbx_struct_sheet_hbond.range_1_auth_seq_id 
_pdbx_struct_sheet_hbond.range_2_label_atom_id 
_pdbx_struct_sheet_hbond.range_2_label_comp_id 
_pdbx_struct_sheet_hbond.range_2_label_asym_id 
_pdbx_struct_sheet_hbond.range_2_label_seq_id 
_pdbx_struct_sheet_hbond.range_2_PDB_ins_code 
_pdbx_struct_sheet_hbond.range_2_auth_atom_id 
_pdbx_struct_sheet_hbond.range_2_auth_comp_id 
_pdbx_struct_sheet_hbond.range_2_auth_asym_id 
_pdbx_struct_sheet_hbond.range_2_auth_seq_id 
A 1 2 N ILE C 4 ? N ILE C 303 O TYR C 7 ? O TYR C 306 
B 1 2 N ILE D 4 ? N ILE D 403 O TYR D 7 ? O TYR D 406 
# 
loop_
_struct_site.id 
_struct_site.pdbx_evidence_code 
_struct_site.pdbx_auth_asym_id 
_struct_site.pdbx_auth_comp_id 
_struct_site.pdbx_auth_seq_id 
_struct_site.pdbx_auth_ins_code 
_struct_site.pdbx_num_residues 
_struct_site.details 
AC1 Software A ACE 100 ? 4 'BINDING SITE FOR RESIDUE ACE A 100' 
AC2 Software B ACE 200 ? 2 'BINDING SITE FOR RESIDUE ACE B 200' 
AC3 Software D ACE 400 ? 3 'BINDING SITE FOR RESIDUE ACE D 400' 
AC4 Software C ACE 300 ? 1 'BINDING SITE FOR RESIDUE ACE C 300' 
AC5 Software A NH2 122 ? 5 'BINDING SITE FOR RESIDUE NH2 A 122' 
AC6 Software B NH2 222 ? 4 'BINDING SITE FOR RESIDUE NH2 B 222' 
AC7 Software D NH2 422 ? 3 'BINDING SITE FOR RESIDUE NH2 D 422' 
AC8 Software C NH2 322 ? 1 'BINDING SITE FOR RESIDUE NH2 C 322' 
# 
loop_
_struct_site_gen.id 
_struct_site_gen.site_id 
_struct_site_gen.pdbx_num_res 
_struct_site_gen.label_comp_id 
_struct_site_gen.label_asym_id 
_struct_site_gen.label_seq_id 
_struct_site_gen.pdbx_auth_ins_code 
_struct_site_gen.auth_comp_id 
_struct_site_gen.auth_asym_id 
_struct_site_gen.auth_seq_id 
_struct_site_gen.label_atom_id 
_struct_site_gen.label_alt_id 
_struct_site_gen.symmetry 
_struct_site_gen.details 
1  AC1 4 ARG A 3  ? ARG A 102 . ? 1_555 ? 
2  AC1 4 DAL A 10 ? DAL A 109 . ? 1_555 ? 
3  AC1 4 HOH E .  ? HOH A 130 . ? 1_555 ? 
4  AC1 4 HOH E .  ? HOH A 143 . ? 1_555 ? 
5  AC2 2 HOH F .  ? HOH B 62  . ? 1_555 ? 
6  AC2 2 HOH F .  ? HOH B 70  . ? 1_555 ? 
7  AC3 3 HOH H .  ? HOH D 11  . ? 1_555 ? 
8  AC3 3 HOH H .  ? HOH D 69  . ? 1_555 ? 
9  AC3 3 HOH H .  ? HOH D 91  . ? 1_555 ? 
10 AC4 1 HOH G .  ? HOH C 22  . ? 1_555 ? 
11 AC5 5 ARG A 18 ? ARG A 117 . ? 1_555 ? 
12 AC5 5 GLY A 22 ? GLY A 121 . ? 1_555 ? 
13 AC5 5 HOH G .  ? HOH C 28  . ? 1_555 ? 
14 AC5 5 HOH E .  ? HOH A 144 . ? 1_555 ? 
15 AC5 5 HOH E .  ? HOH A 145 . ? 1_555 ? 
16 AC6 4 ARG B 18 ? ARG B 217 . ? 1_555 ? 
17 AC6 4 DBZ B 21 ? DBZ B 220 . ? 1_555 ? 
18 AC6 4 GLY B 22 ? GLY B 221 . ? 1_555 ? 
19 AC6 4 HOH F .  ? HOH B 31  . ? 1_555 ? 
20 AC7 3 DBZ D 21 ? DBZ D 420 . ? 1_555 ? 
21 AC7 3 GLY D 22 ? GLY D 421 . ? 1_555 ? 
22 AC7 3 HOH H .  ? HOH D 34  . ? 1_555 ? 
23 AC8 1 GLY C 22 ? GLY C 321 . ? 1_555 ? 
# 
_pdbx_validate_rmsd_bond.id                        1 
_pdbx_validate_rmsd_bond.PDB_model_num             1 
_pdbx_validate_rmsd_bond.auth_atom_id_1            CA 
_pdbx_validate_rmsd_bond.auth_asym_id_1            B 
_pdbx_validate_rmsd_bond.auth_comp_id_1            LEU 
_pdbx_validate_rmsd_bond.auth_seq_id_1             215 
_pdbx_validate_rmsd_bond.PDB_ins_code_1            ? 
_pdbx_validate_rmsd_bond.label_alt_id_1            ? 
_pdbx_validate_rmsd_bond.auth_atom_id_2            CB 
_pdbx_validate_rmsd_bond.auth_asym_id_2            B 
_pdbx_validate_rmsd_bond.auth_comp_id_2            LEU 
_pdbx_validate_rmsd_bond.auth_seq_id_2             215 
_pdbx_validate_rmsd_bond.PDB_ins_code_2            ? 
_pdbx_validate_rmsd_bond.label_alt_id_2            A 
_pdbx_validate_rmsd_bond.bond_value                2.406 
_pdbx_validate_rmsd_bond.bond_target_value         1.533 
_pdbx_validate_rmsd_bond.bond_deviation            0.873 
_pdbx_validate_rmsd_bond.bond_standard_deviation   0.023 
_pdbx_validate_rmsd_bond.linker_flag               N 
# 
loop_
_pdbx_validate_rmsd_angle.id 
_pdbx_validate_rmsd_angle.PDB_model_num 
_pdbx_validate_rmsd_angle.auth_atom_id_1 
_pdbx_validate_rmsd_angle.auth_asym_id_1 
_pdbx_validate_rmsd_angle.auth_comp_id_1 
_pdbx_validate_rmsd_angle.auth_seq_id_1 
_pdbx_validate_rmsd_angle.PDB_ins_code_1 
_pdbx_validate_rmsd_angle.label_alt_id_1 
_pdbx_validate_rmsd_angle.auth_atom_id_2 
_pdbx_validate_rmsd_angle.auth_asym_id_2 
_pdbx_validate_rmsd_angle.auth_comp_id_2 
_pdbx_validate_rmsd_angle.auth_seq_id_2 
_pdbx_validate_rmsd_angle.PDB_ins_code_2 
_pdbx_validate_rmsd_angle.label_alt_id_2 
_pdbx_validate_rmsd_angle.auth_atom_id_3 
_pdbx_validate_rmsd_angle.auth_asym_id_3 
_pdbx_validate_rmsd_angle.auth_comp_id_3 
_pdbx_validate_rmsd_angle.auth_seq_id_3 
_pdbx_validate_rmsd_angle.PDB_ins_code_3 
_pdbx_validate_rmsd_angle.label_alt_id_3 
_pdbx_validate_rmsd_angle.angle_value 
_pdbx_validate_rmsd_angle.angle_target_value 
_pdbx_validate_rmsd_angle.angle_deviation 
_pdbx_validate_rmsd_angle.angle_standard_deviation 
_pdbx_validate_rmsd_angle.linker_flag 
1 1 CB A PHE 108 ? ? CG A PHE 108 ? ? CD1 A PHE 108 ? ? 116.43 120.80 -4.37  0.70 N 
2 1 CD A ARG 117 ? B NE A ARG 117 ? B CZ  A ARG 117 ? B 140.58 123.60 16.98  1.40 N 
3 1 NE A ARG 117 ? B CZ A ARG 117 ? B NH1 A ARG 117 ? B 124.45 120.30 4.15   0.50 N 
4 1 N  B LEU 215 ? ? CA B LEU 215 ? ? CB  B LEU 215 ? A 94.19  110.40 -16.21 2.00 N 
5 1 NE B ARG 217 ? B CZ B ARG 217 ? B NH1 B ARG 217 ? B 124.01 120.30 3.71   0.50 N 
6 1 CD D ARG 402 ? ? NE D ARG 402 ? ? CZ  D ARG 402 ? ? 132.53 123.60 8.93   1.40 N 
7 1 NE D ARG 417 ? A CZ D ARG 417 ? A NH2 D ARG 417 ? A 116.81 120.30 -3.49  0.50 N 
# 
loop_
_pdbx_struct_mod_residue.id 
_pdbx_struct_mod_residue.label_asym_id 
_pdbx_struct_mod_residue.label_comp_id 
_pdbx_struct_mod_residue.label_seq_id 
_pdbx_struct_mod_residue.auth_asym_id 
_pdbx_struct_mod_residue.auth_comp_id 
_pdbx_struct_mod_residue.auth_seq_id 
_pdbx_struct_mod_residue.PDB_ins_code 
_pdbx_struct_mod_residue.parent_comp_id 
_pdbx_struct_mod_residue.details 
1  A DPR 5  A DPR 104 ? PRO D-PROLINE                    
2  A DAL 10 A DAL 109 ? ALA D-ALANINE                    
3  A DBZ 21 A DBZ 120 ? ALA '3-(BENZOYLAMINO)-L-ALANINE' 
4  B DPR 5  B DPR 204 ? PRO D-PROLINE                    
5  B DAL 10 B DAL 209 ? ALA D-ALANINE                    
6  B DBZ 21 B DBZ 220 ? ALA '3-(BENZOYLAMINO)-L-ALANINE' 
7  C DPR 5  C DPR 304 ? PRO D-PROLINE                    
8  C DAL 10 C DAL 309 ? ALA D-ALANINE                    
9  C DBZ 21 C DBZ 320 ? ALA '3-(BENZOYLAMINO)-L-ALANINE' 
10 D DPR 5  D DPR 404 ? PRO D-PROLINE                    
11 D DAL 10 D DAL 409 ? ALA D-ALANINE                    
12 D DBZ 21 D DBZ 420 ? ALA '3-(BENZOYLAMINO)-L-ALANINE' 
# 
loop_
_pdbx_struct_special_symmetry.id 
_pdbx_struct_special_symmetry.PDB_model_num 
_pdbx_struct_special_symmetry.auth_asym_id 
_pdbx_struct_special_symmetry.auth_comp_id 
_pdbx_struct_special_symmetry.auth_seq_id 
_pdbx_struct_special_symmetry.PDB_ins_code 
_pdbx_struct_special_symmetry.label_asym_id 
_pdbx_struct_special_symmetry.label_comp_id 
_pdbx_struct_special_symmetry.label_seq_id 
1 1 A HOH 141 ? E HOH . 
2 1 A HOH 147 ? E HOH . 
3 1 B HOH 70  ? F HOH . 
4 1 D HOH 88  ? H HOH . 
# 
loop_
_chem_comp_atom.comp_id 
_chem_comp_atom.atom_id 
_chem_comp_atom.type_symbol 
_chem_comp_atom.pdbx_aromatic_flag 
_chem_comp_atom.pdbx_stereo_config 
_chem_comp_atom.pdbx_ordinal 
ACE C    C N N 1   
ACE O    O N N 2   
ACE CH3  C N N 3   
ACE H    H N N 4   
ACE H1   H N N 5   
ACE H2   H N N 6   
ACE H3   H N N 7   
ALA N    N N N 8   
ALA CA   C N S 9   
ALA C    C N N 10  
ALA O    O N N 11  
ALA CB   C N N 12  
ALA OXT  O N N 13  
ALA H    H N N 14  
ALA H2   H N N 15  
ALA HA   H N N 16  
ALA HB1  H N N 17  
ALA HB2  H N N 18  
ALA HB3  H N N 19  
ALA HXT  H N N 20  
ARG N    N N N 21  
ARG CA   C N S 22  
ARG C    C N N 23  
ARG O    O N N 24  
ARG CB   C N N 25  
ARG CG   C N N 26  
ARG CD   C N N 27  
ARG NE   N N N 28  
ARG CZ   C N N 29  
ARG NH1  N N N 30  
ARG NH2  N N N 31  
ARG OXT  O N N 32  
ARG H    H N N 33  
ARG H2   H N N 34  
ARG HA   H N N 35  
ARG HB2  H N N 36  
ARG HB3  H N N 37  
ARG HG2  H N N 38  
ARG HG3  H N N 39  
ARG HD2  H N N 40  
ARG HD3  H N N 41  
ARG HE   H N N 42  
ARG HH11 H N N 43  
ARG HH12 H N N 44  
ARG HH21 H N N 45  
ARG HH22 H N N 46  
ARG HXT  H N N 47  
ASP N    N N N 48  
ASP CA   C N S 49  
ASP C    C N N 50  
ASP O    O N N 51  
ASP CB   C N N 52  
ASP CG   C N N 53  
ASP OD1  O N N 54  
ASP OD2  O N N 55  
ASP OXT  O N N 56  
ASP H    H N N 57  
ASP H2   H N N 58  
ASP HA   H N N 59  
ASP HB2  H N N 60  
ASP HB3  H N N 61  
ASP HD2  H N N 62  
ASP HXT  H N N 63  
DAL N    N N N 64  
DAL CA   C N R 65  
DAL CB   C N N 66  
DAL C    C N N 67  
DAL O    O N N 68  
DAL OXT  O N N 69  
DAL H    H N N 70  
DAL H2   H N N 71  
DAL HA   H N N 72  
DAL HB1  H N N 73  
DAL HB2  H N N 74  
DAL HB3  H N N 75  
DAL HXT  H N N 76  
DBZ N    N N N 77  
DBZ CA   C N S 78  
DBZ CB   C N N 79  
DBZ NG   N N N 80  
DBZ CD2  C N N 81  
DBZ OD2  O N N 82  
DBZ C1   C Y N 83  
DBZ C2   C Y N 84  
DBZ C6   C Y N 85  
DBZ C3   C Y N 86  
DBZ C5   C Y N 87  
DBZ C4   C Y N 88  
DBZ C    C N N 89  
DBZ O    O N N 90  
DBZ OXT  O N N 91  
DBZ H    H N N 92  
DBZ H2   H N N 93  
DBZ HA   H N N 94  
DBZ HB1  H N N 95  
DBZ HB2  H N N 96  
DBZ HNG  H N N 97  
DBZ H1   H N N 98  
DBZ H6   H N N 99  
DBZ H3   H N N 100 
DBZ H5   H N N 101 
DBZ H4   H N N 102 
DBZ HXT  H N N 103 
DPR N    N N N 104 
DPR CA   C N R 105 
DPR CB   C N N 106 
DPR CG   C N N 107 
DPR CD   C N N 108 
DPR C    C N N 109 
DPR O    O N N 110 
DPR OXT  O N N 111 
DPR H    H N N 112 
DPR HA   H N N 113 
DPR HB2  H N N 114 
DPR HB3  H N N 115 
DPR HG2  H N N 116 
DPR HG3  H N N 117 
DPR HD2  H N N 118 
DPR HD3  H N N 119 
DPR HXT  H N N 120 
GLN N    N N N 121 
GLN CA   C N S 122 
GLN C    C N N 123 
GLN O    O N N 124 
GLN CB   C N N 125 
GLN CG   C N N 126 
GLN CD   C N N 127 
GLN OE1  O N N 128 
GLN NE2  N N N 129 
GLN OXT  O N N 130 
GLN H    H N N 131 
GLN H2   H N N 132 
GLN HA   H N N 133 
GLN HB2  H N N 134 
GLN HB3  H N N 135 
GLN HG2  H N N 136 
GLN HG3  H N N 137 
GLN HE21 H N N 138 
GLN HE22 H N N 139 
GLN HXT  H N N 140 
GLU N    N N N 141 
GLU CA   C N S 142 
GLU C    C N N 143 
GLU O    O N N 144 
GLU CB   C N N 145 
GLU CG   C N N 146 
GLU CD   C N N 147 
GLU OE1  O N N 148 
GLU OE2  O N N 149 
GLU OXT  O N N 150 
GLU H    H N N 151 
GLU H2   H N N 152 
GLU HA   H N N 153 
GLU HB2  H N N 154 
GLU HB3  H N N 155 
GLU HG2  H N N 156 
GLU HG3  H N N 157 
GLU HE2  H N N 158 
GLU HXT  H N N 159 
GLY N    N N N 160 
GLY CA   C N N 161 
GLY C    C N N 162 
GLY O    O N N 163 
GLY OXT  O N N 164 
GLY H    H N N 165 
GLY H2   H N N 166 
GLY HA2  H N N 167 
GLY HA3  H N N 168 
GLY HXT  H N N 169 
HOH O    O N N 170 
HOH H1   H N N 171 
HOH H2   H N N 172 
ILE N    N N N 173 
ILE CA   C N S 174 
ILE C    C N N 175 
ILE O    O N N 176 
ILE CB   C N S 177 
ILE CG1  C N N 178 
ILE CG2  C N N 179 
ILE CD1  C N N 180 
ILE OXT  O N N 181 
ILE H    H N N 182 
ILE H2   H N N 183 
ILE HA   H N N 184 
ILE HB   H N N 185 
ILE HG12 H N N 186 
ILE HG13 H N N 187 
ILE HG21 H N N 188 
ILE HG22 H N N 189 
ILE HG23 H N N 190 
ILE HD11 H N N 191 
ILE HD12 H N N 192 
ILE HD13 H N N 193 
ILE HXT  H N N 194 
LEU N    N N N 195 
LEU CA   C N S 196 
LEU C    C N N 197 
LEU O    O N N 198 
LEU CB   C N N 199 
LEU CG   C N N 200 
LEU CD1  C N N 201 
LEU CD2  C N N 202 
LEU OXT  O N N 203 
LEU H    H N N 204 
LEU H2   H N N 205 
LEU HA   H N N 206 
LEU HB2  H N N 207 
LEU HB3  H N N 208 
LEU HG   H N N 209 
LEU HD11 H N N 210 
LEU HD12 H N N 211 
LEU HD13 H N N 212 
LEU HD21 H N N 213 
LEU HD22 H N N 214 
LEU HD23 H N N 215 
LEU HXT  H N N 216 
LYS N    N N N 217 
LYS CA   C N S 218 
LYS C    C N N 219 
LYS O    O N N 220 
LYS CB   C N N 221 
LYS CG   C N N 222 
LYS CD   C N N 223 
LYS CE   C N N 224 
LYS NZ   N N N 225 
LYS OXT  O N N 226 
LYS H    H N N 227 
LYS H2   H N N 228 
LYS HA   H N N 229 
LYS HB2  H N N 230 
LYS HB3  H N N 231 
LYS HG2  H N N 232 
LYS HG3  H N N 233 
LYS HD2  H N N 234 
LYS HD3  H N N 235 
LYS HE2  H N N 236 
LYS HE3  H N N 237 
LYS HZ1  H N N 238 
LYS HZ2  H N N 239 
LYS HZ3  H N N 240 
LYS HXT  H N N 241 
NH2 N    N N N 242 
NH2 HN1  H N N 243 
NH2 HN2  H N N 244 
PHE N    N N N 245 
PHE CA   C N S 246 
PHE C    C N N 247 
PHE O    O N N 248 
PHE CB   C N N 249 
PHE CG   C Y N 250 
PHE CD1  C Y N 251 
PHE CD2  C Y N 252 
PHE CE1  C Y N 253 
PHE CE2  C Y N 254 
PHE CZ   C Y N 255 
PHE OXT  O N N 256 
PHE H    H N N 257 
PHE H2   H N N 258 
PHE HA   H N N 259 
PHE HB2  H N N 260 
PHE HB3  H N N 261 
PHE HD1  H N N 262 
PHE HD2  H N N 263 
PHE HE1  H N N 264 
PHE HE2  H N N 265 
PHE HZ   H N N 266 
PHE HXT  H N N 267 
SER N    N N N 268 
SER CA   C N S 269 
SER C    C N N 270 
SER O    O N N 271 
SER CB   C N N 272 
SER OG   O N N 273 
SER OXT  O N N 274 
SER H    H N N 275 
SER H2   H N N 276 
SER HA   H N N 277 
SER HB2  H N N 278 
SER HB3  H N N 279 
SER HG   H N N 280 
SER HXT  H N N 281 
TYR N    N N N 282 
TYR CA   C N S 283 
TYR C    C N N 284 
TYR O    O N N 285 
TYR CB   C N N 286 
TYR CG   C Y N 287 
TYR CD1  C Y N 288 
TYR CD2  C Y N 289 
TYR CE1  C Y N 290 
TYR CE2  C Y N 291 
TYR CZ   C Y N 292 
TYR OH   O N N 293 
TYR OXT  O N N 294 
TYR H    H N N 295 
TYR H2   H N N 296 
TYR HA   H N N 297 
TYR HB2  H N N 298 
TYR HB3  H N N 299 
TYR HD1  H N N 300 
TYR HD2  H N N 301 
TYR HE1  H N N 302 
TYR HE2  H N N 303 
TYR HH   H N N 304 
TYR HXT  H N N 305 
# 
loop_
_chem_comp_bond.comp_id 
_chem_comp_bond.atom_id_1 
_chem_comp_bond.atom_id_2 
_chem_comp_bond.value_order 
_chem_comp_bond.pdbx_aromatic_flag 
_chem_comp_bond.pdbx_stereo_config 
_chem_comp_bond.pdbx_ordinal 
ACE C   O    doub N N 1   
ACE C   CH3  sing N N 2   
ACE C   H    sing N N 3   
ACE CH3 H1   sing N N 4   
ACE CH3 H2   sing N N 5   
ACE CH3 H3   sing N N 6   
ALA N   CA   sing N N 7   
ALA N   H    sing N N 8   
ALA N   H2   sing N N 9   
ALA CA  C    sing N N 10  
ALA CA  CB   sing N N 11  
ALA CA  HA   sing N N 12  
ALA C   O    doub N N 13  
ALA C   OXT  sing N N 14  
ALA CB  HB1  sing N N 15  
ALA CB  HB2  sing N N 16  
ALA CB  HB3  sing N N 17  
ALA OXT HXT  sing N N 18  
ARG N   CA   sing N N 19  
ARG N   H    sing N N 20  
ARG N   H2   sing N N 21  
ARG CA  C    sing N N 22  
ARG CA  CB   sing N N 23  
ARG CA  HA   sing N N 24  
ARG C   O    doub N N 25  
ARG C   OXT  sing N N 26  
ARG CB  CG   sing N N 27  
ARG CB  HB2  sing N N 28  
ARG CB  HB3  sing N N 29  
ARG CG  CD   sing N N 30  
ARG CG  HG2  sing N N 31  
ARG CG  HG3  sing N N 32  
ARG CD  NE   sing N N 33  
ARG CD  HD2  sing N N 34  
ARG CD  HD3  sing N N 35  
ARG NE  CZ   sing N N 36  
ARG NE  HE   sing N N 37  
ARG CZ  NH1  sing N N 38  
ARG CZ  NH2  doub N N 39  
ARG NH1 HH11 sing N N 40  
ARG NH1 HH12 sing N N 41  
ARG NH2 HH21 sing N N 42  
ARG NH2 HH22 sing N N 43  
ARG OXT HXT  sing N N 44  
ASP N   CA   sing N N 45  
ASP N   H    sing N N 46  
ASP N   H2   sing N N 47  
ASP CA  C    sing N N 48  
ASP CA  CB   sing N N 49  
ASP CA  HA   sing N N 50  
ASP C   O    doub N N 51  
ASP C   OXT  sing N N 52  
ASP CB  CG   sing N N 53  
ASP CB  HB2  sing N N 54  
ASP CB  HB3  sing N N 55  
ASP CG  OD1  doub N N 56  
ASP CG  OD2  sing N N 57  
ASP OD2 HD2  sing N N 58  
ASP OXT HXT  sing N N 59  
DAL N   CA   sing N N 60  
DAL N   H    sing N N 61  
DAL N   H2   sing N N 62  
DAL CA  CB   sing N N 63  
DAL CA  C    sing N N 64  
DAL CA  HA   sing N N 65  
DAL CB  HB1  sing N N 66  
DAL CB  HB2  sing N N 67  
DAL CB  HB3  sing N N 68  
DAL C   O    doub N N 69  
DAL C   OXT  sing N N 70  
DAL OXT HXT  sing N N 71  
DBZ N   CA   sing N N 72  
DBZ N   H    sing N N 73  
DBZ N   H2   sing N N 74  
DBZ CA  CB   sing N N 75  
DBZ CA  C    sing N N 76  
DBZ CA  HA   sing N N 77  
DBZ CB  NG   sing N N 78  
DBZ CB  HB1  sing N N 79  
DBZ CB  HB2  sing N N 80  
DBZ NG  CD2  sing N N 81  
DBZ NG  HNG  sing N N 82  
DBZ CD2 OD2  doub N N 83  
DBZ CD2 C1   sing N N 84  
DBZ C1  C2   doub Y N 85  
DBZ C1  C6   sing Y N 86  
DBZ C2  C3   sing Y N 87  
DBZ C2  H1   sing N N 88  
DBZ C6  C5   doub Y N 89  
DBZ C6  H6   sing N N 90  
DBZ C3  C4   doub Y N 91  
DBZ C3  H3   sing N N 92  
DBZ C5  C4   sing Y N 93  
DBZ C5  H5   sing N N 94  
DBZ C4  H4   sing N N 95  
DBZ C   O    doub N N 96  
DBZ C   OXT  sing N N 97  
DBZ OXT HXT  sing N N 98  
DPR N   CA   sing N N 99  
DPR N   CD   sing N N 100 
DPR N   H    sing N N 101 
DPR CA  CB   sing N N 102 
DPR CA  C    sing N N 103 
DPR CA  HA   sing N N 104 
DPR CB  CG   sing N N 105 
DPR CB  HB2  sing N N 106 
DPR CB  HB3  sing N N 107 
DPR CG  CD   sing N N 108 
DPR CG  HG2  sing N N 109 
DPR CG  HG3  sing N N 110 
DPR CD  HD2  sing N N 111 
DPR CD  HD3  sing N N 112 
DPR C   O    doub N N 113 
DPR C   OXT  sing N N 114 
DPR OXT HXT  sing N N 115 
GLN N   CA   sing N N 116 
GLN N   H    sing N N 117 
GLN N   H2   sing N N 118 
GLN CA  C    sing N N 119 
GLN CA  CB   sing N N 120 
GLN CA  HA   sing N N 121 
GLN C   O    doub N N 122 
GLN C   OXT  sing N N 123 
GLN CB  CG   sing N N 124 
GLN CB  HB2  sing N N 125 
GLN CB  HB3  sing N N 126 
GLN CG  CD   sing N N 127 
GLN CG  HG2  sing N N 128 
GLN CG  HG3  sing N N 129 
GLN CD  OE1  doub N N 130 
GLN CD  NE2  sing N N 131 
GLN NE2 HE21 sing N N 132 
GLN NE2 HE22 sing N N 133 
GLN OXT HXT  sing N N 134 
GLU N   CA   sing N N 135 
GLU N   H    sing N N 136 
GLU N   H2   sing N N 137 
GLU CA  C    sing N N 138 
GLU CA  CB   sing N N 139 
GLU CA  HA   sing N N 140 
GLU C   O    doub N N 141 
GLU C   OXT  sing N N 142 
GLU CB  CG   sing N N 143 
GLU CB  HB2  sing N N 144 
GLU CB  HB3  sing N N 145 
GLU CG  CD   sing N N 146 
GLU CG  HG2  sing N N 147 
GLU CG  HG3  sing N N 148 
GLU CD  OE1  doub N N 149 
GLU CD  OE2  sing N N 150 
GLU OE2 HE2  sing N N 151 
GLU OXT HXT  sing N N 152 
GLY N   CA   sing N N 153 
GLY N   H    sing N N 154 
GLY N   H2   sing N N 155 
GLY CA  C    sing N N 156 
GLY CA  HA2  sing N N 157 
GLY CA  HA3  sing N N 158 
GLY C   O    doub N N 159 
GLY C   OXT  sing N N 160 
GLY OXT HXT  sing N N 161 
HOH O   H1   sing N N 162 
HOH O   H2   sing N N 163 
ILE N   CA   sing N N 164 
ILE N   H    sing N N 165 
ILE N   H2   sing N N 166 
ILE CA  C    sing N N 167 
ILE CA  CB   sing N N 168 
ILE CA  HA   sing N N 169 
ILE C   O    doub N N 170 
ILE C   OXT  sing N N 171 
ILE CB  CG1  sing N N 172 
ILE CB  CG2  sing N N 173 
ILE CB  HB   sing N N 174 
ILE CG1 CD1  sing N N 175 
ILE CG1 HG12 sing N N 176 
ILE CG1 HG13 sing N N 177 
ILE CG2 HG21 sing N N 178 
ILE CG2 HG22 sing N N 179 
ILE CG2 HG23 sing N N 180 
ILE CD1 HD11 sing N N 181 
ILE CD1 HD12 sing N N 182 
ILE CD1 HD13 sing N N 183 
ILE OXT HXT  sing N N 184 
LEU N   CA   sing N N 185 
LEU N   H    sing N N 186 
LEU N   H2   sing N N 187 
LEU CA  C    sing N N 188 
LEU CA  CB   sing N N 189 
LEU CA  HA   sing N N 190 
LEU C   O    doub N N 191 
LEU C   OXT  sing N N 192 
LEU CB  CG   sing N N 193 
LEU CB  HB2  sing N N 194 
LEU CB  HB3  sing N N 195 
LEU CG  CD1  sing N N 196 
LEU CG  CD2  sing N N 197 
LEU CG  HG   sing N N 198 
LEU CD1 HD11 sing N N 199 
LEU CD1 HD12 sing N N 200 
LEU CD1 HD13 sing N N 201 
LEU CD2 HD21 sing N N 202 
LEU CD2 HD22 sing N N 203 
LEU CD2 HD23 sing N N 204 
LEU OXT HXT  sing N N 205 
LYS N   CA   sing N N 206 
LYS N   H    sing N N 207 
LYS N   H2   sing N N 208 
LYS CA  C    sing N N 209 
LYS CA  CB   sing N N 210 
LYS CA  HA   sing N N 211 
LYS C   O    doub N N 212 
LYS C   OXT  sing N N 213 
LYS CB  CG   sing N N 214 
LYS CB  HB2  sing N N 215 
LYS CB  HB3  sing N N 216 
LYS CG  CD   sing N N 217 
LYS CG  HG2  sing N N 218 
LYS CG  HG3  sing N N 219 
LYS CD  CE   sing N N 220 
LYS CD  HD2  sing N N 221 
LYS CD  HD3  sing N N 222 
LYS CE  NZ   sing N N 223 
LYS CE  HE2  sing N N 224 
LYS CE  HE3  sing N N 225 
LYS NZ  HZ1  sing N N 226 
LYS NZ  HZ2  sing N N 227 
LYS NZ  HZ3  sing N N 228 
LYS OXT HXT  sing N N 229 
NH2 N   HN1  sing N N 230 
NH2 N   HN2  sing N N 231 
PHE N   CA   sing N N 232 
PHE N   H    sing N N 233 
PHE N   H2   sing N N 234 
PHE CA  C    sing N N 235 
PHE CA  CB   sing N N 236 
PHE CA  HA   sing N N 237 
PHE C   O    doub N N 238 
PHE C   OXT  sing N N 239 
PHE CB  CG   sing N N 240 
PHE CB  HB2  sing N N 241 
PHE CB  HB3  sing N N 242 
PHE CG  CD1  doub Y N 243 
PHE CG  CD2  sing Y N 244 
PHE CD1 CE1  sing Y N 245 
PHE CD1 HD1  sing N N 246 
PHE CD2 CE2  doub Y N 247 
PHE CD2 HD2  sing N N 248 
PHE CE1 CZ   doub Y N 249 
PHE CE1 HE1  sing N N 250 
PHE CE2 CZ   sing Y N 251 
PHE CE2 HE2  sing N N 252 
PHE CZ  HZ   sing N N 253 
PHE OXT HXT  sing N N 254 
SER N   CA   sing N N 255 
SER N   H    sing N N 256 
SER N   H2   sing N N 257 
SER CA  C    sing N N 258 
SER CA  CB   sing N N 259 
SER CA  HA   sing N N 260 
SER C   O    doub N N 261 
SER C   OXT  sing N N 262 
SER CB  OG   sing N N 263 
SER CB  HB2  sing N N 264 
SER CB  HB3  sing N N 265 
SER OG  HG   sing N N 266 
SER OXT HXT  sing N N 267 
TYR N   CA   sing N N 268 
TYR N   H    sing N N 269 
TYR N   H2   sing N N 270 
TYR CA  C    sing N N 271 
TYR CA  CB   sing N N 272 
TYR CA  HA   sing N N 273 
TYR C   O    doub N N 274 
TYR C   OXT  sing N N 275 
TYR CB  CG   sing N N 276 
TYR CB  HB2  sing N N 277 
TYR CB  HB3  sing N N 278 
TYR CG  CD1  doub Y N 279 
TYR CG  CD2  sing Y N 280 
TYR CD1 CE1  sing Y N 281 
TYR CD1 HD1  sing N N 282 
TYR CD2 CE2  doub Y N 283 
TYR CD2 HD2  sing N N 284 
TYR CE1 CZ   doub Y N 285 
TYR CE1 HE1  sing N N 286 
TYR CE2 CZ   sing Y N 287 
TYR CE2 HE2  sing N N 288 
TYR CZ  OH   sing N N 289 
TYR OH  HH   sing N N 290 
TYR OXT HXT  sing N N 291 
# 
_pdbx_initial_refinement_model.accession_code   ? 
_pdbx_initial_refinement_model.id               1 
_pdbx_initial_refinement_model.entity_id_list   ? 
_pdbx_initial_refinement_model.type             'experimental model' 
_pdbx_initial_refinement_model.source_name      Other 
_pdbx_initial_refinement_model.details          'refined structure of Gln18SeMet selenomethionine derivative of BBAT' 
# 
_atom_sites.entry_id                    1SN9 
_atom_sites.fract_transf_matrix[1][1]   -0.00137871 
_atom_sites.fract_transf_matrix[1][2]   -0.01757299 
_atom_sites.fract_transf_matrix[1][3]   -0.01867627 
_atom_sites.fract_transf_matrix[2][1]   -0.01755521 
_atom_sites.fract_transf_matrix[2][2]   0.00268536 
_atom_sites.fract_transf_matrix[2][3]   -0.00123077 
_atom_sites.fract_transf_matrix[3][1]   0.00485805 
_atom_sites.fract_transf_matrix[3][2]   0.02207477 
_atom_sites.fract_transf_matrix[3][3]   -0.02112935 
_atom_sites.fract_transf_vector[1]      0.218999 
_atom_sites.fract_transf_vector[2]      0.364240 
_atom_sites.fract_transf_vector[3]      0.293649 
# 
loop_
_atom_type.symbol 
C 
N 
O 
# 
loop_
_atom_site.group_PDB 
_atom_site.id 
_atom_site.type_symbol 
_atom_site.label_atom_id 
_atom_site.label_alt_id 
_atom_site.label_comp_id 
_atom_site.label_asym_id 
_atom_site.label_entity_id 
_atom_site.label_seq_id 
_atom_site.pdbx_PDB_ins_code 
_atom_site.Cartn_x 
_atom_site.Cartn_y 
_atom_site.Cartn_z 
_atom_site.occupancy 
_atom_site.B_iso_or_equiv 
_atom_site.pdbx_formal_charge 
_atom_site.auth_seq_id 
_atom_site.auth_comp_id 
_atom_site.auth_asym_id 
_atom_site.auth_atom_id 
_atom_site.pdbx_PDB_model_num 
HETATM 1   C C   . ACE A 1 1  ? 2.276   -12.226 0.566   1.00 23.74  ? 100 ACE A C   1 
HETATM 2   O O   . ACE A 1 1  ? 1.228   -11.773 0.074   1.00 24.47  ? 100 ACE A O   1 
HETATM 3   C CH3 . ACE A 1 1  ? 3.325   -12.910 -0.278  1.00 31.33  ? 100 ACE A CH3 1 
ATOM   4   N N   . TYR A 1 2  ? 2.549   -12.101 1.863   1.00 17.91  ? 101 TYR A N   1 
ATOM   5   C CA  . TYR A 1 2  ? 1.865   -11.211 2.776   1.00 13.84  ? 101 TYR A CA  1 
ATOM   6   C C   . TYR A 1 2  ? 0.370   -11.462 2.740   1.00 14.87  ? 101 TYR A C   1 
ATOM   7   O O   . TYR A 1 2  ? -0.486  -10.589 2.536   1.00 16.44  ? 101 TYR A O   1 
ATOM   8   C CB  . TYR A 1 2  ? 2.174   -9.739  2.449   1.00 14.56  ? 101 TYR A CB  1 
ATOM   9   C CG  . TYR A 1 2  ? 3.677   -9.510  2.429   1.00 14.13  ? 101 TYR A CG  1 
ATOM   10  C CD1 . TYR A 1 2  ? 4.303   -9.113  1.244   1.00 18.05  ? 101 TYR A CD1 1 
ATOM   11  C CD2 . TYR A 1 2  ? 4.472   -9.686  3.538   1.00 15.36  ? 101 TYR A CD2 1 
ATOM   12  C CE1 . TYR A 1 2  ? 5.655   -8.899  1.169   1.00 18.75  ? 101 TYR A CE1 1 
ATOM   13  C CE2 . TYR A 1 2  ? 5.850   -9.481  3.497   1.00 16.87  ? 101 TYR A CE2 1 
ATOM   14  C CZ  . TYR A 1 2  ? 6.429   -9.069  2.305   1.00 15.27  ? 101 TYR A CZ  1 
ATOM   15  O OH  . TYR A 1 2  ? 7.790   -8.876  2.232   1.00 19.70  ? 101 TYR A OH  1 
ATOM   16  N N   . ARG A 1 3  ? 0.015   -12.719 2.928   1.00 16.83  ? 102 ARG A N   1 
ATOM   17  C CA  . ARG A 1 3  ? -1.432  -13.028 2.923   1.00 17.48  ? 102 ARG A CA  1 
ATOM   18  C C   . ARG A 1 3  ? -2.048  -12.672 4.266   1.00 17.90  ? 102 ARG A C   1 
ATOM   19  O O   . ARG A 1 3  ? -1.423  -12.641 5.328   1.00 21.42  ? 102 ARG A O   1 
ATOM   20  C CB  . ARG A 1 3  ? -1.643  -14.498 2.551   1.00 18.24  ? 102 ARG A CB  1 
ATOM   21  C CG  . ARG A 1 3  ? -1.038  -14.939 1.239   1.00 22.14  ? 102 ARG A CG  1 
ATOM   22  C CD  . ARG A 1 3  ? -1.114  -16.442 0.981   1.00 21.09  ? 102 ARG A CD  1 
ATOM   23  N NE  . ARG A 1 3  ? -0.073  -17.127 1.749   1.00 20.84  ? 102 ARG A NE  1 
ATOM   24  C CZ  . ARG A 1 3  ? 0.087   -18.447 1.790   1.00 20.63  ? 102 ARG A CZ  1 
ATOM   25  N NH1 . ARG A 1 3  ? -0.711  -19.249 1.083   1.00 40.83  ? 102 ARG A NH1 1 
ATOM   26  N NH2 . ARG A 1 3  ? 1.045   -18.982 2.522   1.00 27.26  ? 102 ARG A NH2 1 
ATOM   27  N N   . ILE A 1 4  ? -3.332  -12.387 4.261   1.00 19.01  ? 103 ILE A N   1 
ATOM   28  C CA  . ILE A 1 4  ? -4.101  -12.167 5.489   1.00 18.63  ? 103 ILE A CA  1 
ATOM   29  C C   . ILE A 1 4  ? -5.180  -13.237 5.524   1.00 20.00  ? 103 ILE A C   1 
ATOM   30  O O   . ILE A 1 4  ? -6.216  -13.117 4.853   1.00 21.84  ? 103 ILE A O   1 
ATOM   31  C CB  . ILE A 1 4  ? -4.634  -10.734 5.535   1.00 21.22  ? 103 ILE A CB  1 
ATOM   32  C CG1 . ILE A 1 4  ? -3.521  -9.678  5.509   1.00 20.70  ? 103 ILE A CG1 1 
ATOM   33  C CG2 . ILE A 1 4  ? -5.525  -10.537 6.749   1.00 23.12  ? 103 ILE A CG2 1 
ATOM   34  C CD1 . ILE A 1 4  ? -3.992  -8.268  5.291   1.00 24.40  ? 103 ILE A CD1 1 
HETATM 35  N N   . DPR A 1 5  ? -4.943  -14.340 6.231   1.00 18.34  ? 104 DPR A N   1 
HETATM 36  C CA  . DPR A 1 5  ? -5.846  -15.498 6.077   1.00 20.52  ? 104 DPR A CA  1 
HETATM 37  C CB  . DPR A 1 5  ? -5.229  -16.552 6.997   1.00 21.79  ? 104 DPR A CB  1 
HETATM 38  C CG  . DPR A 1 5  ? -3.817  -16.131 7.216   1.00 23.40  ? 104 DPR A CG  1 
HETATM 39  C CD  . DPR A 1 5  ? -3.839  -14.619 7.158   1.00 22.08  ? 104 DPR A CD  1 
HETATM 40  C C   . DPR A 1 5  ? -5.799  -15.927 4.618   1.00 23.48  ? 104 DPR A C   1 
HETATM 41  O O   . DPR A 1 5  ? -4.701  -15.993 4.032   1.00 22.90  ? 104 DPR A O   1 
ATOM   42  N N   . SER A 1 6  ? -6.900  -16.180 3.909   1.00 27.72  ? 105 SER A N   1 
ATOM   43  C CA  . SER A 1 6  ? -6.757  -16.598 2.513   1.00 29.50  ? 105 SER A CA  1 
ATOM   44  C C   . SER A 1 6  ? -6.719  -15.433 1.538   1.00 28.26  ? 105 SER A C   1 
ATOM   45  O O   . SER A 1 6  ? -6.724  -15.687 0.345   1.00 36.85  ? 105 SER A O   1 
ATOM   46  C CB  . SER A 1 6  ? -7.892  -17.522 2.051   1.00 30.72  ? 105 SER A CB  1 
ATOM   47  O OG  . SER A 1 6  ? -9.122  -16.825 2.013   1.00 41.12  ? 105 SER A OG  1 
ATOM   48  N N   . TYR A 1 7  ? -6.670  -14.209 2.035   1.00 22.15  ? 106 TYR A N   1 
ATOM   49  C CA  . TYR A 1 7  ? -6.653  -13.101 1.062   1.00 20.11  ? 106 TYR A CA  1 
ATOM   50  C C   . TYR A 1 7  ? -5.252  -12.801 0.561   1.00 18.96  ? 106 TYR A C   1 
ATOM   51  O O   . TYR A 1 7  ? -4.285  -12.659 1.301   1.00 22.51  ? 106 TYR A O   1 
ATOM   52  C CB  . TYR A 1 7  ? -7.274  -11.909 1.777   1.00 20.59  ? 106 TYR A CB  1 
ATOM   53  C CG  . TYR A 1 7  ? -7.525  -10.744 0.885   1.00 18.13  ? 106 TYR A CG  1 
ATOM   54  C CD1 . TYR A 1 7  ? -8.699  -10.613 0.165   1.00 22.08  ? 106 TYR A CD1 1 
ATOM   55  C CD2 . TYR A 1 7  ? -6.534  -9.771  0.733   1.00 21.50  ? 106 TYR A CD2 1 
ATOM   56  C CE1 . TYR A 1 7  ? -8.907  -9.525  -0.676  1.00 21.78  ? 106 TYR A CE1 1 
ATOM   57  C CE2 . TYR A 1 7  ? -6.720  -8.679  -0.084  1.00 26.72  ? 106 TYR A CE2 1 
ATOM   58  C CZ  . TYR A 1 7  ? -7.907  -8.574  -0.779  1.00 25.32  ? 106 TYR A CZ  1 
ATOM   59  O OH  . TYR A 1 7  ? -7.998  -7.455  -1.563  1.00 29.34  ? 106 TYR A OH  1 
ATOM   60  N N   . ASP A 1 8  ? -5.085  -12.687 -0.765  1.00 21.37  ? 107 ASP A N   1 
ATOM   61  C CA  . ASP A 1 8  ? -3.711  -12.447 -1.244  1.00 25.08  ? 107 ASP A CA  1 
ATOM   62  C C   . ASP A 1 8  ? -3.378  -10.958 -1.248  1.00 18.48  ? 107 ASP A C   1 
ATOM   63  O O   . ASP A 1 8  ? -3.294  -10.275 -2.278  1.00 16.50  ? 107 ASP A O   1 
ATOM   64  C CB  . ASP A 1 8  ? -3.447  -13.033 -2.611  1.00 36.47  ? 107 ASP A CB  1 
ATOM   65  C CG  . ASP A 1 8  ? -4.587  -13.170 -3.584  1.00 42.77  ? 107 ASP A CG  1 
ATOM   66  O OD1 . ASP A 1 8  ? -4.930  -12.161 -4.235  1.00 54.03  ? 107 ASP A OD1 1 
ATOM   67  O OD2 . ASP A 1 8  ? -5.155  -14.281 -3.723  1.00 34.32  ? 107 ASP A OD2 1 
ATOM   68  N N   . PHE A 1 9  ? -3.135  -10.438 -0.034  1.00 17.96  ? 108 PHE A N   1 
ATOM   69  C CA  . PHE A 1 9  ? -2.929  -9.013  0.183   1.00 16.06  ? 108 PHE A CA  1 
ATOM   70  C C   . PHE A 1 9  ? -1.739  -8.495  -0.592  1.00 14.32  ? 108 PHE A C   1 
ATOM   71  O O   . PHE A 1 9  ? -1.844  -7.493  -1.325  1.00 14.02  ? 108 PHE A O   1 
ATOM   72  C CB  . PHE A 1 9  ? -2.754  -8.723  1.685   1.00 17.94  ? 108 PHE A CB  1 
ATOM   73  C CG  . PHE A 1 9  ? -2.636  -7.230  1.986   1.00 17.59  ? 108 PHE A CG  1 
ATOM   74  C CD1 . PHE A 1 9  ? -1.399  -6.787  2.447   1.00 22.45  ? 108 PHE A CD1 1 
ATOM   75  C CD2 . PHE A 1 9  ? -3.661  -6.328  1.821   1.00 16.73  ? 108 PHE A CD2 1 
ATOM   76  C CE1 . PHE A 1 9  ? -1.221  -5.451  2.746   1.00 22.19  ? 108 PHE A CE1 1 
ATOM   77  C CE2 . PHE A 1 9  ? -3.504  -4.973  2.109   1.00 18.68  ? 108 PHE A CE2 1 
ATOM   78  C CZ  . PHE A 1 9  ? -2.261  -4.568  2.559   1.00 21.39  ? 108 PHE A CZ  1 
HETATM 79  N N   . DAL A 1 10 ? -0.595  -9.155  -0.459  1.00 15.41  ? 109 DAL A N   1 
HETATM 80  C CA  . DAL A 1 10 ? 0.626   -8.764  -1.174  1.00 15.80  ? 109 DAL A CA  1 
HETATM 81  C CB  . DAL A 1 10 ? 1.214   -7.505  -0.549  1.00 15.34  ? 109 DAL A CB  1 
HETATM 82  C C   . DAL A 1 10 ? 0.354   -8.602  -2.659  1.00 14.49  ? 109 DAL A C   1 
HETATM 83  O O   . DAL A 1 10 ? 0.634   -7.604  -3.327  1.00 15.15  ? 109 DAL A O   1 
ATOM   84  N N   . ASP A 1 11 ? -0.224  -9.659  -3.245  1.00 14.58  ? 110 ASP A N   1 
ATOM   85  C CA  . ASP A 1 11 ? -0.479  -9.604  -4.678  1.00 16.23  ? 110 ASP A CA  1 
ATOM   86  C C   . ASP A 1 11 ? -1.475  -8.525  -5.082  1.00 12.63  ? 110 ASP A C   1 
ATOM   87  O O   . ASP A 1 11 ? -1.314  -7.906  -6.139  1.00 14.97  ? 110 ASP A O   1 
ATOM   88  C CB  . ASP A 1 11 ? -1.010  -10.977 -5.126  1.00 23.42  ? 110 ASP A CB  1 
ATOM   89  C CG  . ASP A 1 11 ? -0.003  -11.631 -6.051  1.00 35.26  ? 110 ASP A CG  1 
ATOM   90  O OD1 . ASP A 1 11 ? 1.077   -12.010 -5.572  1.00 42.29  ? 110 ASP A OD1 1 
ATOM   91  O OD2 . ASP A 1 11 ? -0.370  -11.736 -7.233  1.00 52.81  ? 110 ASP A OD2 1 
ATOM   92  N N   . GLU A 1 12 ? -2.489  -8.324  -4.261  1.00 13.12  ? 111 GLU A N   1 
ATOM   93  C CA  . GLU A 1 12 ? -3.481  -7.311  -4.595  1.00 12.56  ? 111 GLU A CA  1 
ATOM   94  C C   . GLU A 1 12 ? -2.843  -5.942  -4.526  1.00 11.62  ? 111 GLU A C   1 
ATOM   95  O O   . GLU A 1 12 ? -3.144  -5.061  -5.361  1.00 13.46  ? 111 GLU A O   1 
ATOM   96  C CB  . GLU A 1 12 ? -4.682  -7.456  -3.663  1.00 15.71  ? 111 GLU A CB  1 
ATOM   97  C CG  . GLU A 1 12 ? -5.493  -8.700  -4.032  1.00 19.70  ? 111 GLU A CG  1 
ATOM   98  C CD  . GLU A 1 12 ? -5.944  -8.675  -5.480  1.00 24.71  ? 111 GLU A CD  1 
ATOM   99  O OE1 . GLU A 1 12 ? -5.721  -9.684  -6.194  1.00 33.07  ? 111 GLU A OE1 1 
ATOM   100 O OE2 . GLU A 1 12 ? -6.495  -7.654  -5.912  1.00 28.88  ? 111 GLU A OE2 1 
ATOM   101 N N   . LEU A 1 13 ? -1.936  -5.708  -3.589  1.00 12.72  ? 112 LEU A N   1 
ATOM   102 C CA  . LEU A 1 13 ? -1.279  -4.415  -3.588  1.00 12.23  ? 112 LEU A CA  1 
ATOM   103 C C   . LEU A 1 13 ? -0.365  -4.287  -4.791  1.00 13.76  ? 112 LEU A C   1 
ATOM   104 O O   . LEU A 1 13 ? -0.306  -3.197  -5.396  1.00 14.52  ? 112 LEU A O   1 
ATOM   105 C CB  A LEU A 1 13 ? -0.466  -4.317  -2.310  0.69 15.00  ? 112 LEU A CB  1 
ATOM   106 C CB  B LEU A 1 13 ? -0.448  -4.204  -2.324  0.31 15.11  ? 112 LEU A CB  1 
ATOM   107 C CG  A LEU A 1 13 ? 0.093   -2.956  -1.921  0.69 18.05  ? 112 LEU A CG  1 
ATOM   108 C CG  B LEU A 1 13 ? -0.643  -2.870  -1.589  0.31 17.72  ? 112 LEU A CG  1 
ATOM   109 C CD1 A LEU A 1 13 ? -0.894  -1.810  -2.042  0.69 24.71  ? 112 LEU A CD1 1 
ATOM   110 C CD1 B LEU A 1 13 ? -0.588  -1.684  -2.534  0.31 24.27  ? 112 LEU A CD1 1 
ATOM   111 C CD2 A LEU A 1 13 ? 0.569   -3.037  -0.466  0.69 27.58  ? 112 LEU A CD2 1 
ATOM   112 C CD2 B LEU A 1 13 ? -1.960  -2.913  -0.832  0.31 20.97  ? 112 LEU A CD2 1 
ATOM   113 N N   . ALA A 1 14 ? 0.348   -5.347  -5.199  1.00 12.34  ? 113 ALA A N   1 
ATOM   114 C CA  . ALA A 1 14 ? 1.205   -5.266  -6.384  1.00 14.09  ? 113 ALA A CA  1 
ATOM   115 C C   . ALA A 1 14 ? 0.379   -4.890  -7.595  1.00 15.83  ? 113 ALA A C   1 
ATOM   116 O O   . ALA A 1 14 ? 0.716   -4.107  -8.490  1.00 15.65  ? 113 ALA A O   1 
ATOM   117 C CB  . ALA A 1 14 ? 1.873   -6.626  -6.548  1.00 14.90  ? 113 ALA A CB  1 
ATOM   118 N N   . LYS A 1 15 ? -0.824  -5.487  -7.679  1.00 13.94  ? 114 LYS A N   1 
ATOM   119 C CA  . LYS A 1 15 ? -1.719  -5.244  -8.811  1.00 15.21  ? 114 LYS A CA  1 
ATOM   120 C C   . LYS A 1 15 ? -2.230  -3.822  -8.827  1.00 15.97  ? 114 LYS A C   1 
ATOM   121 O O   . LYS A 1 15 ? -2.338  -3.178  -9.899  1.00 16.86  ? 114 LYS A O   1 
ATOM   122 C CB  . LYS A 1 15 ? -2.887  -6.240  -8.752  1.00 16.30  ? 114 LYS A CB  1 
ATOM   123 C CG  . LYS A 1 15 ? -2.470  -7.691  -9.055  1.00 21.20  ? 114 LYS A CG  1 
ATOM   124 C CD  . LYS A 1 15 ? -3.492  -8.723  -8.622  1.00 26.94  ? 114 LYS A CD  1 
ATOM   125 C CE  . LYS A 1 15 ? -4.886  -8.117  -8.627  1.00 32.61  ? 114 LYS A CE  1 
ATOM   126 N NZ  . LYS A 1 15 ? -5.240  -7.624  -9.986  1.00 42.20  ? 114 LYS A NZ  1 
ATOM   127 N N   . LEU A 1 16 ? -2.556  -3.280  -7.651  1.00 14.40  ? 115 LEU A N   1 
ATOM   128 C CA  . LEU A 1 16 ? -2.953  -1.868  -7.517  1.00 15.03  ? 115 LEU A CA  1 
ATOM   129 C C   . LEU A 1 16 ? -1.845  -0.935  -7.965  1.00 15.31  ? 115 LEU A C   1 
ATOM   130 O O   . LEU A 1 16 ? -2.073  0.025   -8.682  1.00 17.46  ? 115 LEU A O   1 
ATOM   131 C CB  . LEU A 1 16 ? -3.390  -1.562  -6.086  1.00 19.63  ? 115 LEU A CB  1 
ATOM   132 C CG  . LEU A 1 16 ? -3.423  -0.096  -5.638  1.00 23.10  ? 115 LEU A CG  1 
ATOM   133 C CD1 . LEU A 1 16 ? -4.554  0.671   -6.262  1.00 30.31  ? 115 LEU A CD1 1 
ATOM   134 C CD2 . LEU A 1 16 ? -3.549  -0.002  -4.120  1.00 38.40  ? 115 LEU A CD2 1 
ATOM   135 N N   . LEU A 1 17 ? -0.607  -1.207  -7.546  1.00 12.80  ? 116 LEU A N   1 
ATOM   136 C CA  . LEU A 1 17 ? 0.499   -0.355  -8.014  1.00 13.46  ? 116 LEU A CA  1 
ATOM   137 C C   . LEU A 1 17 ? 0.604   -0.356  -9.532  1.00 14.62  ? 116 LEU A C   1 
ATOM   138 O O   . LEU A 1 17 ? 0.787   0.678   -10.190 1.00 15.04  ? 116 LEU A O   1 
ATOM   139 C CB  . LEU A 1 17 ? 1.804   -0.884  -7.421  1.00 14.20  ? 116 LEU A CB  1 
ATOM   140 C CG  . LEU A 1 17 ? 1.962   -0.739  -5.908  1.00 13.76  ? 116 LEU A CG  1 
ATOM   141 C CD1 . LEU A 1 17 ? 3.120   -1.610  -5.412  1.00 14.20  ? 116 LEU A CD1 1 
ATOM   142 C CD2 . LEU A 1 17 ? 2.250   0.704   -5.509  1.00 15.22  ? 116 LEU A CD2 1 
ATOM   143 N N   A ARG A 1 18 ? 0.509   -1.525  -10.148 0.55 15.94  ? 117 ARG A N   1 
ATOM   144 N N   B ARG A 1 18 ? 0.498   -1.523  -10.158 0.45 15.82  ? 117 ARG A N   1 
ATOM   145 C CA  A ARG A 1 18 ? 0.541   -1.645  -11.595 0.55 16.46  ? 117 ARG A CA  1 
ATOM   146 C CA  B ARG A 1 18 ? 0.588   -1.662  -11.609 0.45 16.40  ? 117 ARG A CA  1 
ATOM   147 C C   A ARG A 1 18 ? -0.564  -0.841  -12.273 0.55 16.82  ? 117 ARG A C   1 
ATOM   148 C C   B ARG A 1 18 ? -0.563  -0.954  -12.321 0.45 16.75  ? 117 ARG A C   1 
ATOM   149 O O   A ARG A 1 18 ? -0.398  0.002   -13.157 0.55 19.45  ? 117 ARG A O   1 
ATOM   150 O O   B ARG A 1 18 ? -0.347  -0.242  -13.309 0.45 18.75  ? 117 ARG A O   1 
ATOM   151 C CB  A ARG A 1 18 ? 0.395   -3.117  -12.002 0.55 17.09  ? 117 ARG A CB  1 
ATOM   152 C CB  B ARG A 1 18 ? 0.648   -3.138  -12.007 0.45 16.21  ? 117 ARG A CB  1 
ATOM   153 C CG  A ARG A 1 18 ? 0.283   -3.211  -13.526 0.55 18.14  ? 117 ARG A CG  1 
ATOM   154 C CG  B ARG A 1 18 ? 1.010   -3.367  -13.472 0.45 18.45  ? 117 ARG A CG  1 
ATOM   155 C CD  A ARG A 1 18 ? 1.645   -3.504  -14.109 0.55 19.29  ? 117 ARG A CD  1 
ATOM   156 C CD  B ARG A 1 18 ? 0.940   -4.863  -13.789 0.45 22.25  ? 117 ARG A CD  1 
ATOM   157 N NE  A ARG A 1 18 ? 2.597   -2.408  -14.009 0.55 20.49  ? 117 ARG A NE  1 
ATOM   158 N NE  B ARG A 1 18 ? -0.197  -5.471  -13.159 0.45 27.16  ? 117 ARG A NE  1 
ATOM   159 C CZ  A ARG A 1 18 ? 2.543   -1.281  -14.722 0.55 17.59  ? 117 ARG A CZ  1 
ATOM   160 C CZ  B ARG A 1 18 ? -0.554  -6.589  -12.576 0.45 27.51  ? 117 ARG A CZ  1 
ATOM   161 N NH1 A ARG A 1 18 ? 3.483   -0.356  -14.545 0.55 15.31  ? 117 ARG A NH1 1 
ATOM   162 N NH1 B ARG A 1 18 ? 0.231   -7.637  -12.430 0.45 33.34  ? 117 ARG A NH1 1 
ATOM   163 N NH2 A ARG A 1 18 ? 1.565   -1.056  -15.587 0.55 17.62  ? 117 ARG A NH2 1 
ATOM   164 N NH2 B ARG A 1 18 ? -1.791  -6.707  -12.100 0.45 34.72  ? 117 ARG A NH2 1 
ATOM   165 N N   . GLN A 1 19 ? -1.800  -1.134  -11.863 1.00 16.89  ? 118 GLN A N   1 
ATOM   166 C CA  . GLN A 1 19 ? -2.954  -0.441  -12.450 1.00 19.28  ? 118 GLN A CA  1 
ATOM   167 C C   . GLN A 1 19 ? -2.898  1.074   -12.249 1.00 20.46  ? 118 GLN A C   1 
ATOM   168 O O   . GLN A 1 19 ? -3.202  1.860   -13.178 1.00 26.40  ? 118 GLN A O   1 
ATOM   169 C CB  . GLN A 1 19 ? -4.243  -1.069  -11.875 1.00 22.30  ? 118 GLN A CB  1 
ATOM   170 C CG  . GLN A 1 19 ? -4.226  -2.575  -12.091 1.00 29.17  ? 118 GLN A CG  1 
ATOM   171 C CD  . GLN A 1 19 ? -5.532  -3.262  -11.747 1.00 38.68  ? 118 GLN A CD  1 
ATOM   172 O OE1 . GLN A 1 19 ? -6.018  -3.142  -10.616 1.00 49.38  ? 118 GLN A OE1 1 
ATOM   173 N NE2 . GLN A 1 19 ? -6.132  -4.004  -12.692 1.00 42.59  ? 118 GLN A NE2 1 
ATOM   174 N N   . ALA A 1 20 ? -2.483  1.557   -11.077 1.00 20.87  ? 119 ALA A N   1 
ATOM   175 C CA  . ALA A 1 20 ? -2.319  2.984   -10.861 1.00 19.96  ? 119 ALA A CA  1 
ATOM   176 C C   . ALA A 1 20 ? -1.314  3.623   -11.806 1.00 20.04  ? 119 ALA A C   1 
ATOM   177 O O   . ALA A 1 20 ? -1.349  4.839   -12.021 1.00 28.06  ? 119 ALA A O   1 
ATOM   178 C CB  . ALA A 1 20 ? -1.830  3.272   -9.433  1.00 21.27  ? 119 ALA A CB  1 
HETATM 179 N N   . DBZ A 1 21 ? -0.437  2.788   -12.342 1.00 20.73  ? 120 DBZ A N   1 
HETATM 180 C CA  . DBZ A 1 21 ? 0.631   3.295   -13.191 1.00 20.78  ? 120 DBZ A CA  1 
HETATM 181 C CB  . DBZ A 1 21 ? 1.954   2.686   -12.752 1.00 19.64  ? 120 DBZ A CB  1 
HETATM 182 N NG  . DBZ A 1 21 ? 2.095   2.931   -11.312 1.00 19.51  ? 120 DBZ A NG  1 
HETATM 183 C CD2 . DBZ A 1 21 ? 2.630   4.088   -10.880 1.00 18.01  ? 120 DBZ A CD2 1 
HETATM 184 O OD2 . DBZ A 1 21 ? 2.941   4.948   -11.704 1.00 22.27  ? 120 DBZ A OD2 1 
HETATM 185 C C1  . DBZ A 1 21 ? 2.843   4.298   -9.400  1.00 18.29  ? 120 DBZ A C1  1 
HETATM 186 C C2  . DBZ A 1 21 ? 3.912   5.095   -8.968  1.00 21.75  ? 120 DBZ A C2  1 
HETATM 187 C C6  . DBZ A 1 21 ? 2.040   3.714   -8.440  1.00 20.60  ? 120 DBZ A C6  1 
HETATM 188 C C3  . DBZ A 1 21 ? 4.169   5.334   -7.612  1.00 21.33  ? 120 DBZ A C3  1 
HETATM 189 C C5  . DBZ A 1 21 ? 2.269   3.962   -7.084  1.00 20.60  ? 120 DBZ A C5  1 
HETATM 190 C C4  . DBZ A 1 21 ? 3.319   4.783   -6.646  1.00 20.71  ? 120 DBZ A C4  1 
HETATM 191 C C   . DBZ A 1 21 ? 0.386   3.004   -14.665 1.00 19.48  ? 120 DBZ A C   1 
HETATM 192 O O   . DBZ A 1 21 ? 1.264   3.176   -15.502 1.00 26.51  ? 120 DBZ A O   1 
ATOM   193 N N   A GLY A 1 22 ? -0.815  2.531   -14.985 0.46 24.46  ? 121 GLY A N   1 
ATOM   194 N N   B GLY A 1 22 ? -0.849  2.622   -14.962 0.54 23.18  ? 121 GLY A N   1 
ATOM   195 C CA  A GLY A 1 22 ? -1.175  2.201   -16.352 0.46 25.78  ? 121 GLY A CA  1 
ATOM   196 C CA  B GLY A 1 22 ? -1.295  2.529   -16.334 0.54 23.52  ? 121 GLY A CA  1 
ATOM   197 C C   A GLY A 1 22 ? -1.860  3.358   -17.055 0.46 27.13  ? 121 GLY A C   1 
ATOM   198 C C   B GLY A 1 22 ? -1.407  1.109   -16.836 0.54 22.07  ? 121 GLY A C   1 
ATOM   199 O O   A GLY A 1 22 ? -1.501  3.706   -18.178 0.46 37.86  ? 121 GLY A O   1 
ATOM   200 O O   B GLY A 1 22 ? -1.695  0.949   -18.035 0.54 19.94  ? 121 GLY A O   1 
HETATM 201 N N   A NH2 A 1 23 ? -2.846  3.953   -16.383 0.46 34.38  ? 122 NH2 A N   1 
HETATM 202 N N   B NH2 A 1 23 ? -1.221  0.107   -15.989 0.54 21.40  ? 122 NH2 A N   1 
HETATM 203 C C   . ACE B 1 1  ? -5.242  12.605  -2.851  1.00 22.47  ? 200 ACE B C   1 
HETATM 204 O O   . ACE B 1 1  ? -4.362  13.361  -3.263  1.00 33.90  ? 200 ACE B O   1 
HETATM 205 C CH3 . ACE B 1 1  ? -6.633  13.042  -2.472  1.00 28.69  ? 200 ACE B CH3 1 
ATOM   206 N N   . TYR B 1 2  ? -4.990  11.295  -2.754  1.00 21.00  ? 201 TYR B N   1 
ATOM   207 C CA  . TYR B 1 2  ? -3.744  10.674  -3.241  1.00 20.55  ? 201 TYR B CA  1 
ATOM   208 C C   . TYR B 1 2  ? -4.053  10.029  -4.587  1.00 18.91  ? 201 TYR B C   1 
ATOM   209 O O   . TYR B 1 2  ? -4.515  8.897   -4.658  1.00 21.14  ? 201 TYR B O   1 
ATOM   210 C CB  . TYR B 1 2  ? -3.107  9.700   -2.206  1.00 21.15  ? 201 TYR B CB  1 
ATOM   211 C CG  . TYR B 1 2  ? -3.017  10.474  -0.897  1.00 22.50  ? 201 TYR B CG  1 
ATOM   212 C CD1 . TYR B 1 2  ? -1.865  11.177  -0.586  1.00 23.17  ? 201 TYR B CD1 1 
ATOM   213 C CD2 . TYR B 1 2  ? -4.094  10.507  -0.007  1.00 22.38  ? 201 TYR B CD2 1 
ATOM   214 C CE1 . TYR B 1 2  ? -1.775  11.893  0.602   1.00 23.93  ? 201 TYR B CE1 1 
ATOM   215 C CE2 . TYR B 1 2  ? -4.007  11.232  1.166   1.00 21.72  ? 201 TYR B CE2 1 
ATOM   216 C CZ  . TYR B 1 2  ? -2.845  11.907  1.456   1.00 22.71  ? 201 TYR B CZ  1 
ATOM   217 O OH  . TYR B 1 2  ? -2.816  12.623  2.641   1.00 25.15  ? 201 TYR B OH  1 
ATOM   218 N N   . ARG B 1 3  ? -3.858  10.767  -5.681  1.00 19.97  ? 202 ARG B N   1 
ATOM   219 C CA  . ARG B 1 3  ? -4.254  10.269  -7.003  1.00 19.14  ? 202 ARG B CA  1 
ATOM   220 C C   . ARG B 1 3  ? -3.069  10.135  -7.960  1.00 19.48  ? 202 ARG B C   1 
ATOM   221 O O   . ARG B 1 3  ? -2.057  10.819  -7.775  1.00 20.38  ? 202 ARG B O   1 
ATOM   222 C CB  . ARG B 1 3  ? -5.258  11.235  -7.622  1.00 24.78  ? 202 ARG B CB  1 
ATOM   223 C CG  . ARG B 1 3  ? -6.388  11.658  -6.681  1.00 30.22  ? 202 ARG B CG  1 
ATOM   224 C CD  . ARG B 1 3  ? -7.584  12.063  -7.534  1.00 37.65  ? 202 ARG B CD  1 
ATOM   225 N NE  . ARG B 1 3  ? -8.738  11.212  -7.217  1.00 41.79  ? 202 ARG B NE  1 
ATOM   226 C CZ  . ARG B 1 3  ? -9.859  11.169  -7.909  1.00 41.06  ? 202 ARG B CZ  1 
ATOM   227 N NH1 . ARG B 1 3  ? -10.847 10.365  -7.538  1.00 47.59  ? 202 ARG B NH1 1 
ATOM   228 N NH2 . ARG B 1 3  ? -10.029 11.928  -8.980  1.00 49.36  ? 202 ARG B NH2 1 
ATOM   229 N N   . ILE B 1 4  ? -3.194  9.273   -8.962  1.00 18.61  ? 203 ILE B N   1 
ATOM   230 C CA  . ILE B 1 4  ? -2.230  9.335   -10.068 1.00 18.72  ? 203 ILE B CA  1 
ATOM   231 C C   . ILE B 1 4  ? -3.122  9.585   -11.290 1.00 16.66  ? 203 ILE B C   1 
ATOM   232 O O   . ILE B 1 4  ? -3.883  8.696   -11.698 1.00 18.33  ? 203 ILE B O   1 
ATOM   233 C CB  . ILE B 1 4  ? -1.330  8.123   -10.206 1.00 23.83  ? 203 ILE B CB  1 
ATOM   234 C CG1 . ILE B 1 4  ? -0.464  7.845   -8.971  1.00 25.98  ? 203 ILE B CG1 1 
ATOM   235 C CG2 . ILE B 1 4  ? -0.436  8.264   -11.435 1.00 22.27  ? 203 ILE B CG2 1 
ATOM   236 C CD1 . ILE B 1 4  ? 0.213   6.494   -9.046  1.00 29.18  ? 203 ILE B CD1 1 
HETATM 237 N N   . DPR B 1 5  ? -3.135  10.821  -11.781 1.00 20.84  ? 204 DPR B N   1 
HETATM 238 C CA  . DPR B 1 5  ? -4.106  11.254  -12.784 1.00 22.34  ? 204 DPR B CA  1 
HETATM 239 C CB  . DPR B 1 5  ? -3.868  12.757  -12.924 1.00 24.64  ? 204 DPR B CB  1 
HETATM 240 C CG  . DPR B 1 5  ? -2.558  13.042  -12.295 1.00 27.98  ? 204 DPR B CG  1 
HETATM 241 C CD  . DPR B 1 5  ? -2.224  11.903  -11.381 1.00 25.05  ? 204 DPR B CD  1 
HETATM 242 C C   . DPR B 1 5  ? -5.500  11.005  -12.244 1.00 20.53  ? 204 DPR B C   1 
HETATM 243 O O   . DPR B 1 5  ? -5.838  11.495  -11.166 1.00 26.77  ? 204 DPR B O   1 
ATOM   244 N N   . SER B 1 6  ? -6.332  10.235  -12.956 1.00 24.20  ? 205 SER B N   1 
ATOM   245 C CA  . SER B 1 6  ? -7.711  10.107  -12.446 1.00 26.21  ? 205 SER B CA  1 
ATOM   246 C C   . SER B 1 6  ? -7.878  8.940   -11.483 1.00 27.01  ? 205 SER B C   1 
ATOM   247 O O   . SER B 1 6  ? -8.957  8.799   -10.898 1.00 34.24  ? 205 SER B O   1 
ATOM   248 C CB  . SER B 1 6  ? -8.719  9.984   -13.588 1.00 32.17  ? 205 SER B CB  1 
ATOM   249 O OG  . SER B 1 6  ? -8.454  8.829   -14.363 1.00 38.03  ? 205 SER B OG  1 
ATOM   250 N N   . TYR B 1 7  ? -6.866  8.109   -11.314 1.00 24.53  ? 206 TYR B N   1 
ATOM   251 C CA  . TYR B 1 7  ? -6.905  6.958   -10.420 1.00 24.42  ? 206 TYR B CA  1 
ATOM   252 C C   . TYR B 1 7  ? -6.787  7.379   -8.961  1.00 22.62  ? 206 TYR B C   1 
ATOM   253 O O   . TYR B 1 7  ? -5.777  7.983   -8.578  1.00 21.53  ? 206 TYR B O   1 
ATOM   254 C CB  . TYR B 1 7  ? -5.754  6.036   -10.801 1.00 27.74  ? 206 TYR B CB  1 
ATOM   255 C CG  . TYR B 1 7  ? -5.780  4.660   -10.167 1.00 32.38  ? 206 TYR B CG  1 
ATOM   256 C CD1 . TYR B 1 7  ? -6.404  3.627   -10.865 1.00 31.96  ? 206 TYR B CD1 1 
ATOM   257 C CD2 . TYR B 1 7  ? -5.210  4.376   -8.941  1.00 28.51  ? 206 TYR B CD2 1 
ATOM   258 C CE1 . TYR B 1 7  ? -6.457  2.357   -10.340 1.00 34.38  ? 206 TYR B CE1 1 
ATOM   259 C CE2 . TYR B 1 7  ? -5.251  3.089   -8.396  1.00 31.27  ? 206 TYR B CE2 1 
ATOM   260 C CZ  . TYR B 1 7  ? -5.877  2.088   -9.115  1.00 29.14  ? 206 TYR B CZ  1 
ATOM   261 O OH  . TYR B 1 7  ? -5.967  0.803   -8.645  1.00 39.93  ? 206 TYR B OH  1 
ATOM   262 N N   . ASP B 1 8  ? -7.788  7.082   -8.147  1.00 21.61  ? 207 ASP B N   1 
ATOM   263 C CA  . ASP B 1 8  ? -7.749  7.422   -6.723  1.00 19.35  ? 207 ASP B CA  1 
ATOM   264 C C   . ASP B 1 8  ? -6.985  6.342   -5.976  1.00 18.65  ? 207 ASP B C   1 
ATOM   265 O O   . ASP B 1 8  ? -7.535  5.430   -5.355  1.00 19.20  ? 207 ASP B O   1 
ATOM   266 C CB  . ASP B 1 8  ? -9.163  7.598   -6.147  1.00 19.12  ? 207 ASP B CB  1 
ATOM   267 C CG  . ASP B 1 8  ? -9.155  8.364   -4.830  1.00 17.20  ? 207 ASP B CG  1 
ATOM   268 O OD1 . ASP B 1 8  ? -8.132  8.234   -4.107  1.00 20.36  ? 207 ASP B OD1 1 
ATOM   269 O OD2 . ASP B 1 8  ? -10.113 9.093   -4.497  1.00 25.82  ? 207 ASP B OD2 1 
ATOM   270 N N   . PHE B 1 9  ? -5.658  6.443   -6.037  1.00 20.06  ? 208 PHE B N   1 
ATOM   271 C CA  . PHE B 1 9  ? -4.792  5.485   -5.337  1.00 19.59  ? 208 PHE B CA  1 
ATOM   272 C C   . PHE B 1 9  ? -5.115  5.388   -3.852  1.00 17.31  ? 208 PHE B C   1 
ATOM   273 O O   . PHE B 1 9  ? -5.181  4.280   -3.318  1.00 16.00  ? 208 PHE B O   1 
ATOM   274 C CB  . PHE B 1 9  ? -3.300  5.841   -5.529  1.00 22.30  ? 208 PHE B CB  1 
ATOM   275 C CG  . PHE B 1 9  ? -2.350  4.751   -5.012  1.00 19.57  ? 208 PHE B CG  1 
ATOM   276 C CD1 . PHE B 1 9  ? -1.736  4.877   -3.770  1.00 21.22  ? 208 PHE B CD1 1 
ATOM   277 C CD2 . PHE B 1 9  ? -2.078  3.605   -5.744  1.00 24.57  ? 208 PHE B CD2 1 
ATOM   278 C CE1 . PHE B 1 9  ? -0.902  3.898   -3.279  1.00 23.41  ? 208 PHE B CE1 1 
ATOM   279 C CE2 . PHE B 1 9  ? -1.227  2.631   -5.261  1.00 25.27  ? 208 PHE B CE2 1 
ATOM   280 C CZ  . PHE B 1 9  ? -0.607  2.767   -4.028  1.00 25.41  ? 208 PHE B CZ  1 
HETATM 281 N N   . DAL B 1 10 ? -5.310  6.504   -3.154  1.00 17.63  ? 209 DAL B N   1 
HETATM 282 C CA  . DAL B 1 10 ? -5.660  6.504   -1.744  1.00 17.57  ? 209 DAL B CA  1 
HETATM 283 C CB  . DAL B 1 10 ? -4.456  6.051   -0.920  1.00 19.52  ? 209 DAL B CB  1 
HETATM 284 C C   . DAL B 1 10 ? -6.890  5.627   -1.514  1.00 15.15  ? 209 DAL B C   1 
HETATM 285 O O   . DAL B 1 10 ? -6.825  4.730   -0.693  1.00 16.13  ? 209 DAL B O   1 
ATOM   286 N N   . ASP B 1 11 ? -8.001  5.886   -2.217  1.00 14.84  ? 210 ASP B N   1 
ATOM   287 C CA  . ASP B 1 11 ? -9.219  5.121   -2.026  1.00 15.79  ? 210 ASP B CA  1 
ATOM   288 C C   . ASP B 1 11 ? -9.052  3.662   -2.413  1.00 14.52  ? 210 ASP B C   1 
ATOM   289 O O   . ASP B 1 11 ? -9.583  2.793   -1.701  1.00 14.59  ? 210 ASP B O   1 
ATOM   290 C CB  . ASP B 1 11 ? -10.362 5.777   -2.838  1.00 17.39  ? 210 ASP B CB  1 
ATOM   291 C CG  . ASP B 1 11 ? -11.715 5.166   -2.513  1.00 19.07  ? 210 ASP B CG  1 
ATOM   292 O OD1 . ASP B 1 11 ? -12.333 4.664   -3.477  1.00 22.79  ? 210 ASP B OD1 1 
ATOM   293 O OD2 . ASP B 1 11 ? -12.098 5.111   -1.315  1.00 22.58  ? 210 ASP B OD2 1 
ATOM   294 N N   A GLU B 1 12 ? -8.331  3.391   -3.512  0.60 13.73  ? 211 GLU B N   1 
ATOM   295 N N   B GLU B 1 12 ? -8.336  3.386   -3.505  0.40 13.81  ? 211 GLU B N   1 
ATOM   296 C CA  A GLU B 1 12 ? -8.186  1.977   -3.890  0.60 13.54  ? 211 GLU B CA  1 
ATOM   297 C CA  B GLU B 1 12 ? -8.174  1.980   -3.894  0.40 13.80  ? 211 GLU B CA  1 
ATOM   298 C C   . GLU B 1 12 ? -7.405  1.208   -2.824  1.00 13.30  ? 211 GLU B C   1 
ATOM   299 O O   . GLU B 1 12 ? -7.651  0.065   -2.515  1.00 14.27  ? 211 GLU B O   1 
ATOM   300 C CB  A GLU B 1 12 ? -7.551  1.859   -5.274  0.60 17.14  ? 211 GLU B CB  1 
ATOM   301 C CB  B GLU B 1 12 ? -7.513  1.907   -5.273  0.40 16.21  ? 211 GLU B CB  1 
ATOM   302 C CG  A GLU B 1 12 ? -8.511  2.285   -6.383  0.60 20.23  ? 211 GLU B CG  1 
ATOM   303 C CG  B GLU B 1 12 ? -8.299  2.672   -6.338  0.40 19.19  ? 211 GLU B CG  1 
ATOM   304 C CD  A GLU B 1 12 ? -9.810  1.505   -6.406  0.60 22.14  ? 211 GLU B CD  1 
ATOM   305 C CD  B GLU B 1 12 ? -9.504  1.908   -6.854  0.40 21.49  ? 211 GLU B CD  1 
ATOM   306 O OE1 A GLU B 1 12 ? -9.785  0.264   -6.230  0.60 26.46  ? 211 GLU B OE1 1 
ATOM   307 O OE1 B GLU B 1 12 ? -9.934  2.144   -8.009  0.40 22.17  ? 211 GLU B OE1 1 
ATOM   308 O OE2 A GLU B 1 12 ? -10.882 2.125   -6.604  0.60 24.23  ? 211 GLU B OE2 1 
ATOM   309 O OE2 B GLU B 1 12 ? -10.040 1.049   -6.111  0.40 27.82  ? 211 GLU B OE2 1 
ATOM   310 N N   . LEU B 1 13 ? -6.422  1.836   -2.210  1.00 13.25  ? 212 LEU B N   1 
ATOM   311 C CA  . LEU B 1 13 ? -5.650  1.194   -1.169  1.00 12.78  ? 212 LEU B CA  1 
ATOM   312 C C   . LEU B 1 13 ? -6.542  1.021   0.046   1.00 11.74  ? 212 LEU B C   1 
ATOM   313 O O   . LEU B 1 13 ? -6.525  -0.065  0.680   1.00 12.58  ? 212 LEU B O   1 
ATOM   314 C CB  . LEU B 1 13 ? -4.452  2.084   -0.834  1.00 13.78  ? 212 LEU B CB  1 
ATOM   315 C CG  . LEU B 1 13 ? -3.591  1.549   0.314   1.00 16.50  ? 212 LEU B CG  1 
ATOM   316 C CD1 . LEU B 1 13 ? -3.063  0.157   -0.003  1.00 17.32  ? 212 LEU B CD1 1 
ATOM   317 C CD2 . LEU B 1 13 ? -2.467  2.552   0.478   1.00 22.74  ? 212 LEU B CD2 1 
ATOM   318 N N   . ALA B 1 14 ? -7.324  2.062   0.378   1.00 13.96  ? 213 ALA B N   1 
ATOM   319 C CA  . ALA B 1 14 ? -8.296  1.903   1.482   1.00 17.03  ? 213 ALA B CA  1 
ATOM   320 C C   . ALA B 1 14 ? -9.239  0.719   1.233   1.00 15.42  ? 213 ALA B C   1 
ATOM   321 O O   . ALA B 1 14 ? -9.490  -0.071  2.142   1.00 16.89  ? 213 ALA B O   1 
ATOM   322 C CB  . ALA B 1 14 ? -9.097  3.177   1.741   1.00 14.27  ? 213 ALA B CB  1 
ATOM   323 N N   . LYS B 1 15 ? -9.753  0.577   0.019   1.00 17.50  ? 214 LYS B N   1 
ATOM   324 C CA  . LYS B 1 15 ? -10.671 -0.504  -0.333  1.00 18.51  ? 214 LYS B CA  1 
ATOM   325 C C   . LYS B 1 15 ? -10.002 -1.853  -0.187  1.00 14.53  ? 214 LYS B C   1 
ATOM   326 O O   . LYS B 1 15 ? -10.579 -2.818  0.283   1.00 17.70  ? 214 LYS B O   1 
ATOM   327 C CB  . LYS B 1 15 ? -11.161 -0.320  -1.765  1.00 21.34  ? 214 LYS B CB  1 
ATOM   328 C CG  . LYS B 1 15 ? -12.228 0.734   -1.961  1.00 28.57  ? 214 LYS B CG  1 
ATOM   329 C CD  . LYS B 1 15 ? -11.915 1.482   -3.254  1.00 37.48  ? 214 LYS B CD  1 
ATOM   330 C CE  . LYS B 1 15 ? -13.163 1.933   -3.962  1.00 39.64  ? 214 LYS B CE  1 
ATOM   331 N NZ  . LYS B 1 15 ? -13.159 1.694   -5.431  1.00 43.50  ? 214 LYS B NZ  1 
ATOM   332 N N   . LEU B 1 16 ? -8.708  -1.959  -0.557  1.00 14.76  ? 215 LEU B N   1 
ATOM   333 C CA  . LEU B 1 16 ? -8.028  -3.221  -0.314  1.00 17.58  ? 215 LEU B CA  1 
ATOM   334 C C   . LEU B 1 16 ? -7.860  -3.564  1.146   1.00 17.12  ? 215 LEU B C   1 
ATOM   335 O O   . LEU B 1 16 ? -8.033  -4.722  1.558   1.00 18.24  ? 215 LEU B O   1 
ATOM   336 C CB  A LEU B 1 16 ? -5.873  -2.394  -0.994  0.19 27.93  ? 215 LEU B CB  1 
ATOM   337 C CB  B LEU B 1 16 ? -6.611  -3.045  -0.871  0.81 20.22  ? 215 LEU B CB  1 
ATOM   338 C CG  A LEU B 1 16 ? -5.297  -3.529  -1.857  0.19 26.62  ? 215 LEU B CG  1 
ATOM   339 C CG  B LEU B 1 16 ? -6.257  -3.443  -2.272  0.81 25.29  ? 215 LEU B CG  1 
ATOM   340 C CD1 A LEU B 1 16 ? -4.414  -2.961  -2.950  0.19 22.92  ? 215 LEU B CD1 1 
ATOM   341 C CD1 B LEU B 1 16 ? -6.489  -2.352  -3.307  0.81 32.52  ? 215 LEU B CD1 1 
ATOM   342 C CD2 A LEU B 1 16 ? -4.558  -4.527  -0.983  0.19 30.97  ? 215 LEU B CD2 1 
ATOM   343 C CD2 B LEU B 1 16 ? -4.781  -3.811  -2.289  0.81 29.87  ? 215 LEU B CD2 1 
ATOM   344 N N   . LEU B 1 17 ? -7.494  -2.560  1.953   1.00 16.36  ? 216 LEU B N   1 
ATOM   345 C CA  . LEU B 1 17 ? -7.367  -2.843  3.392   1.00 17.52  ? 216 LEU B CA  1 
ATOM   346 C C   . LEU B 1 17 ? -8.716  -3.348  3.937   1.00 16.98  ? 216 LEU B C   1 
ATOM   347 O O   . LEU B 1 17 ? -8.770  -4.264  4.746   1.00 19.03  ? 216 LEU B O   1 
ATOM   348 C CB  . LEU B 1 17 ? -6.916  -1.628  4.220   1.00 19.28  ? 216 LEU B CB  1 
ATOM   349 C CG  . LEU B 1 17 ? -5.520  -1.037  4.019   1.00 19.49  ? 216 LEU B CG  1 
ATOM   350 C CD1 . LEU B 1 17 ? -5.395  0.417   4.470   1.00 25.57  ? 216 LEU B CD1 1 
ATOM   351 C CD2 . LEU B 1 17 ? -4.468  -1.867  4.732   1.00 27.06  ? 216 LEU B CD2 1 
ATOM   352 N N   A ARG B 1 18 ? -9.791  -2.717  3.474   0.60 18.67  ? 217 ARG B N   1 
ATOM   353 N N   B ARG B 1 18 ? -9.805  -2.757  3.453   0.40 18.66  ? 217 ARG B N   1 
ATOM   354 C CA  A ARG B 1 18 ? -11.124 -3.192  3.880   0.60 18.74  ? 217 ARG B CA  1 
ATOM   355 C CA  B ARG B 1 18 ? -11.126 -3.212  3.893   0.40 18.66  ? 217 ARG B CA  1 
ATOM   356 C C   A ARG B 1 18 ? -11.392 -4.595  3.364   0.60 17.01  ? 217 ARG B C   1 
ATOM   357 C C   B ARG B 1 18 ? -11.518 -4.566  3.326   0.40 17.91  ? 217 ARG B C   1 
ATOM   358 O O   A ARG B 1 18 ? -11.800 -5.471  4.151   0.60 20.31  ? 217 ARG B O   1 
ATOM   359 O O   B ARG B 1 18 ? -12.158 -5.369  4.025   0.40 21.20  ? 217 ARG B O   1 
ATOM   360 C CB  A ARG B 1 18 ? -12.174 -2.192  3.386   0.60 19.04  ? 217 ARG B CB  1 
ATOM   361 C CB  B ARG B 1 18 ? -12.191 -2.181  3.495   0.40 19.06  ? 217 ARG B CB  1 
ATOM   362 C CG  A ARG B 1 18 ? -12.035 -0.822  4.036   0.60 16.83  ? 217 ARG B CG  1 
ATOM   363 C CG  B ARG B 1 18 ? -13.579 -2.595  3.960   0.40 21.02  ? 217 ARG B CG  1 
ATOM   364 C CD  A ARG B 1 18 ? -13.091 0.166   3.531   0.60 17.58  ? 217 ARG B CD  1 
ATOM   365 C CD  B ARG B 1 18 ? -14.460 -2.991  2.769   0.40 23.54  ? 217 ARG B CD  1 
ATOM   366 N NE  A ARG B 1 18 ? -14.412 -0.460  3.649   0.60 24.25  ? 217 ARG B NE  1 
ATOM   367 N NE  B ARG B 1 18 ? -14.450 -1.931  1.778   0.40 23.46  ? 217 ARG B NE  1 
ATOM   368 C CZ  A ARG B 1 18 ? -15.256 -0.514  2.630   0.60 28.81  ? 217 ARG B CZ  1 
ATOM   369 C CZ  B ARG B 1 18 ? -14.024 -1.924  0.531   0.40 25.12  ? 217 ARG B CZ  1 
ATOM   370 N NH1 A ARG B 1 18 ? -16.433 -1.096  2.799   0.60 34.99  ? 217 ARG B NH1 1 
ATOM   371 N NH1 B ARG B 1 18 ? -13.498 -2.973  -0.077  0.40 14.68  ? 217 ARG B NH1 1 
ATOM   372 N NH2 A ARG B 1 18 ? -14.911 0.019   1.463   0.60 29.68  ? 217 ARG B NH2 1 
ATOM   373 N NH2 B ARG B 1 18 ? -14.137 -0.784  -0.154  0.40 33.48  ? 217 ARG B NH2 1 
ATOM   374 N N   . GLN B 1 19 ? -11.166 -4.850  2.076   1.00 19.02  ? 218 GLN B N   1 
ATOM   375 C CA  . GLN B 1 19 ? -11.500 -6.159  1.475   1.00 20.86  ? 218 GLN B CA  1 
ATOM   376 C C   . GLN B 1 19 ? -10.725 -7.307  2.130   1.00 21.89  ? 218 GLN B C   1 
ATOM   377 O O   . GLN B 1 19 ? -11.301 -8.386  2.300   1.00 22.34  ? 218 GLN B O   1 
ATOM   378 C CB  . GLN B 1 19 ? -11.276 -6.179  -0.050  1.00 23.50  ? 218 GLN B CB  1 
ATOM   379 C CG  . GLN B 1 19 ? -12.075 -7.263  -0.779  1.00 26.99  ? 218 GLN B CG  1 
ATOM   380 C CD  . GLN B 1 19 ? -11.801 -7.310  -2.272  1.00 31.00  ? 218 GLN B CD  1 
ATOM   381 O OE1 . GLN B 1 19 ? -10.661 -7.213  -2.726  1.00 30.43  ? 218 GLN B OE1 1 
ATOM   382 N NE2 . GLN B 1 19 ? -12.823 -7.479  -3.102  1.00 34.60  ? 218 GLN B NE2 1 
ATOM   383 N N   . ALA B 1 20 ? -9.457  -7.082  2.454   1.00 21.60  ? 219 ALA B N   1 
ATOM   384 C CA  . ALA B 1 20 ? -8.572  -7.971  3.183   1.00 24.51  ? 219 ALA B CA  1 
ATOM   385 C C   . ALA B 1 20 ? -8.974  -8.126  4.641   1.00 26.11  ? 219 ALA B C   1 
ATOM   386 O O   . ALA B 1 20 ? -8.431  -9.009  5.308   1.00 31.45  ? 219 ALA B O   1 
ATOM   387 C CB  . ALA B 1 20 ? -7.136  -7.453  3.180   1.00 24.36  ? 219 ALA B CB  1 
HETATM 388 N N   . DBZ B 1 21 ? -9.877  -7.293  5.131   1.00 24.76  ? 220 DBZ B N   1 
HETATM 389 C CA  . DBZ B 1 21 ? -10.260 -7.343  6.529   1.00 30.23  ? 220 DBZ B CA  1 
HETATM 390 C CB  . DBZ B 1 21 ? -9.955  -6.027  7.229   1.00 29.75  ? 220 DBZ B CB  1 
HETATM 391 N NG  . DBZ B 1 21 ? -8.542  -5.705  7.159   1.00 27.39  ? 220 DBZ B NG  1 
HETATM 392 C CD2 . DBZ B 1 21 ? -7.614  -6.080  8.025   1.00 27.93  ? 220 DBZ B CD2 1 
HETATM 393 O OD2 . DBZ B 1 21 ? -7.862  -6.758  9.042   1.00 31.80  ? 220 DBZ B OD2 1 
HETATM 394 C C1  . DBZ B 1 21 ? -6.166  -5.744  7.791   1.00 25.39  ? 220 DBZ B C1  1 
HETATM 395 C C2  . DBZ B 1 21 ? -5.265  -5.858  8.859   1.00 32.00  ? 220 DBZ B C2  1 
HETATM 396 C C6  . DBZ B 1 21 ? -5.658  -5.312  6.565   1.00 25.83  ? 220 DBZ B C6  1 
HETATM 397 C C3  . DBZ B 1 21 ? -3.920  -5.551  8.687   1.00 28.76  ? 220 DBZ B C3  1 
HETATM 398 C C5  . DBZ B 1 21 ? -4.296  -5.015  6.380   1.00 25.86  ? 220 DBZ B C5  1 
HETATM 399 C C4  . DBZ B 1 21 ? -3.417  -5.153  7.455   1.00 29.22  ? 220 DBZ B C4  1 
HETATM 400 C C   . DBZ B 1 21 ? -11.761 -7.624  6.601   1.00 32.57  ? 220 DBZ B C   1 
HETATM 401 O O   . DBZ B 1 21 ? -12.398 -7.106  7.509   1.00 43.14  ? 220 DBZ B O   1 
ATOM   402 N N   A GLY B 1 22 ? -12.282 -8.443  5.692   0.69 30.59  ? 221 GLY B N   1 
ATOM   403 N N   B GLY B 1 22 ? -12.226 -8.347  5.596   0.31 31.47  ? 221 GLY B N   1 
ATOM   404 C CA  A GLY B 1 22 ? -13.639 -8.946  5.725   0.69 30.00  ? 221 GLY B CA  1 
ATOM   405 C CA  B GLY B 1 22 ? -13.632 -8.583  5.354   0.31 30.31  ? 221 GLY B CA  1 
ATOM   406 C C   A GLY B 1 22 ? -14.562 -8.449  4.635   0.69 30.43  ? 221 GLY B C   1 
ATOM   407 C C   B GLY B 1 22 ? -14.223 -9.519  6.387   0.31 25.73  ? 221 GLY B C   1 
ATOM   408 O O   A GLY B 1 22 ? -15.583 -9.093  4.349   0.69 31.30  ? 221 GLY B O   1 
ATOM   409 O O   B GLY B 1 22 ? -14.222 -10.728 6.195   0.31 29.47  ? 221 GLY B O   1 
HETATM 410 N N   A NH2 B 1 23 ? -14.257 -7.315  4.013   0.69 27.84  ? 222 NH2 B N   1 
HETATM 411 N N   B NH2 B 1 23 ? -14.732 -8.962  7.483   0.31 26.16  ? 222 NH2 B N   1 
HETATM 412 C C   . ACE C 1 1  ? 8.961   1.862   -10.101 1.00 13.61  ? 300 ACE C C   1 
HETATM 413 O O   . ACE C 1 1  ? 8.450   2.339   -11.111 1.00 14.15  ? 300 ACE C O   1 
HETATM 414 C CH3 . ACE C 1 1  ? 10.296  1.178   -10.144 1.00 15.49  ? 300 ACE C CH3 1 
ATOM   415 N N   . TYR C 1 2  ? 8.378   1.931   -8.881  1.00 12.48  ? 301 TYR C N   1 
ATOM   416 C CA  . TYR C 1 2  ? 7.159   2.685   -8.581  1.00 12.56  ? 301 TYR C CA  1 
ATOM   417 C C   . TYR C 1 2  ? 7.558   3.930   -7.780  1.00 16.39  ? 301 TYR C C   1 
ATOM   418 O O   . TYR C 1 2  ? 7.662   3.850   -6.570  1.00 17.25  ? 301 TYR C O   1 
ATOM   419 C CB  . TYR C 1 2  ? 6.122   1.850   -7.867  1.00 14.41  ? 301 TYR C CB  1 
ATOM   420 C CG  . TYR C 1 2  ? 5.519   0.708   -8.678  1.00 15.32  ? 301 TYR C CG  1 
ATOM   421 C CD1 . TYR C 1 2  ? 5.643   -0.617  -8.276  1.00 13.27  ? 301 TYR C CD1 1 
ATOM   422 C CD2 . TYR C 1 2  ? 4.819   0.998   -9.851  1.00 15.07  ? 301 TYR C CD2 1 
ATOM   423 C CE1 . TYR C 1 2  ? 5.100   -1.652  -9.024  1.00 12.21  ? 301 TYR C CE1 1 
ATOM   424 C CE2 . TYR C 1 2  ? 4.262   -0.049  -10.572 1.00 15.28  ? 301 TYR C CE2 1 
ATOM   425 C CZ  . TYR C 1 2  ? 4.397   -1.352  -10.156 1.00 13.81  ? 301 TYR C CZ  1 
ATOM   426 O OH  . TYR C 1 2  ? 3.845   -2.378  -10.888 1.00 15.45  ? 301 TYR C OH  1 
ATOM   427 N N   A ARG C 1 3  ? 7.770   5.006   -8.490  0.72 17.24  ? 302 ARG C N   1 
ATOM   428 N N   B ARG C 1 3  ? 7.803   5.027   -8.474  0.28 16.99  ? 302 ARG C N   1 
ATOM   429 C CA  A ARG C 1 3  ? 8.279   6.280   -8.032  0.72 17.55  ? 302 ARG C CA  1 
ATOM   430 C CA  B ARG C 1 3  ? 8.361   6.218   -7.857  0.28 16.67  ? 302 ARG C CA  1 
ATOM   431 C C   A ARG C 1 3  ? 7.218   7.361   -7.933  0.72 16.29  ? 302 ARG C C   1 
ATOM   432 C C   B ARG C 1 3  ? 7.470   7.450   -8.012  0.28 16.34  ? 302 ARG C C   1 
ATOM   433 O O   A ARG C 1 3  ? 6.311   7.408   -8.763  0.72 19.68  ? 302 ARG C O   1 
ATOM   434 O O   B ARG C 1 3  ? 6.929   7.647   -9.099  0.28 13.90  ? 302 ARG C O   1 
ATOM   435 C CB  A ARG C 1 3  ? 9.334   6.776   -9.055  0.72 19.56  ? 302 ARG C CB  1 
ATOM   436 C CB  B ARG C 1 3  ? 9.704   6.564   -8.497  0.28 21.72  ? 302 ARG C CB  1 
ATOM   437 C CG  A ARG C 1 3  ? 10.538  5.848   -9.080  0.72 23.52  ? 302 ARG C CG  1 
ATOM   438 C CG  B ARG C 1 3  ? 10.397  5.476   -9.286  0.28 22.60  ? 302 ARG C CG  1 
ATOM   439 C CD  A ARG C 1 3  ? 11.589  6.292   -10.093 0.72 26.42  ? 302 ARG C CD  1 
ATOM   440 C CD  B ARG C 1 3  ? 11.872  5.830   -9.491  0.28 23.46  ? 302 ARG C CD  1 
ATOM   441 N NE  A ARG C 1 3  ? 12.495  5.183   -10.419 0.72 24.00  ? 302 ARG C NE  1 
ATOM   442 N NE  B ARG C 1 3  ? 12.560  5.929   -8.211  0.28 23.42  ? 302 ARG C NE  1 
ATOM   443 C CZ  A ARG C 1 3  ? 13.168  5.152   -11.568 0.72 30.18  ? 302 ARG C CZ  1 
ATOM   444 C CZ  B ARG C 1 3  ? 12.818  7.059   -7.564  0.28 22.26  ? 302 ARG C CZ  1 
ATOM   445 N NH1 A ARG C 1 3  ? 13.016  6.129   -12.449 0.72 28.38  ? 302 ARG C NH1 1 
ATOM   446 N NH1 B ARG C 1 3  ? 13.444  7.056   -6.400  0.28 19.89  ? 302 ARG C NH1 1 
ATOM   447 N NH2 A ARG C 1 3  ? 13.980  4.148   -11.832 0.72 44.70  ? 302 ARG C NH2 1 
ATOM   448 N NH2 B ARG C 1 3  ? 12.429  8.207   -8.099  0.28 29.62  ? 302 ARG C NH2 1 
ATOM   449 N N   . ILE C 1 4  ? 7.408   8.220   -6.937  1.00 17.88  ? 303 ILE C N   1 
ATOM   450 C CA  . ILE C 1 4  ? 6.735   9.512   -6.873  1.00 21.42  ? 303 ILE C CA  1 
ATOM   451 C C   . ILE C 1 4  ? 7.870   10.538  -6.801  1.00 22.80  ? 303 ILE C C   1 
ATOM   452 O O   . ILE C 1 4  ? 8.524   10.699  -5.752  1.00 22.81  ? 303 ILE C O   1 
ATOM   453 C CB  . ILE C 1 4  ? 5.779   9.575   -5.673  1.00 24.89  ? 303 ILE C CB  1 
ATOM   454 C CG1 . ILE C 1 4  ? 4.813   8.374   -5.615  1.00 24.29  ? 303 ILE C CG1 1 
ATOM   455 C CG2 . ILE C 1 4  ? 4.987   10.858  -5.591  1.00 24.73  ? 303 ILE C CG2 1 
ATOM   456 C CD1 . ILE C 1 4  ? 3.646   8.471   -6.581  1.00 28.10  ? 303 ILE C CD1 1 
HETATM 457 N N   . DPR C 1 5  ? 8.159   11.179  -7.925  1.00 23.90  ? 304 DPR C N   1 
HETATM 458 C CA  . DPR C 1 5  ? 9.367   12.015  -7.972  1.00 26.69  ? 304 DPR C CA  1 
HETATM 459 C CB  . DPR C 1 5  ? 9.424   12.455  -9.422  1.00 29.77  ? 304 DPR C CB  1 
HETATM 460 C CG  . DPR C 1 5  ? 8.027   12.326  -9.946  1.00 28.85  ? 304 DPR C CG  1 
HETATM 461 C CD  . DPR C 1 5  ? 7.458   11.136  -9.211  1.00 25.19  ? 304 DPR C CD  1 
HETATM 462 C C   . DPR C 1 5  ? 10.575  11.141  -7.590  1.00 22.93  ? 304 DPR C C   1 
HETATM 463 O O   . DPR C 1 5  ? 10.745  10.043  -8.085  1.00 35.51  ? 304 DPR C O   1 
ATOM   464 N N   . SER C 1 6  ? 11.390  11.602  -6.642  1.00 26.46  ? 305 SER C N   1 
ATOM   465 C CA  . SER C 1 6  ? 12.610  10.905  -6.258  1.00 26.22  ? 305 SER C CA  1 
ATOM   466 C C   . SER C 1 6  ? 12.366  9.842   -5.198  1.00 25.16  ? 305 SER C C   1 
ATOM   467 O O   . SER C 1 6  ? 13.278  9.127   -4.797  1.00 29.64  ? 305 SER C O   1 
ATOM   468 C CB  . SER C 1 6  ? 13.591  11.928  -5.687  1.00 31.44  ? 305 SER C CB  1 
ATOM   469 O OG  . SER C 1 6  ? 13.019  12.584  -4.560  1.00 33.30  ? 305 SER C OG  1 
ATOM   470 N N   . TYR C 1 7  ? 11.123  9.749   -4.726  1.00 21.27  ? 306 TYR C N   1 
ATOM   471 C CA  . TYR C 1 7  ? 10.791  8.774   -3.683  1.00 19.43  ? 306 TYR C CA  1 
ATOM   472 C C   . TYR C 1 7  ? 10.400  7.415   -4.243  1.00 16.45  ? 306 TYR C C   1 
ATOM   473 O O   . TYR C 1 7  ? 9.455   7.274   -5.011  1.00 17.79  ? 306 TYR C O   1 
ATOM   474 C CB  . TYR C 1 7  ? 9.631   9.346   -2.865  1.00 18.40  ? 306 TYR C CB  1 
ATOM   475 C CG  . TYR C 1 7  ? 9.274   8.645   -1.577  1.00 15.80  ? 306 TYR C CG  1 
ATOM   476 C CD1 . TYR C 1 7  ? 8.505   7.500   -1.550  1.00 18.01  ? 306 TYR C CD1 1 
ATOM   477 C CD2 . TYR C 1 7  ? 9.737   9.156   -0.352  1.00 15.36  ? 306 TYR C CD2 1 
ATOM   478 C CE1 . TYR C 1 7  ? 8.196   6.875   -0.361  1.00 16.41  ? 306 TYR C CE1 1 
ATOM   479 C CE2 . TYR C 1 7  ? 9.432   8.540   0.843   1.00 13.68  ? 306 TYR C CE2 1 
ATOM   480 C CZ  . TYR C 1 7  ? 8.660   7.400   0.839   1.00 14.16  ? 306 TYR C CZ  1 
ATOM   481 O OH  . TYR C 1 7  ? 8.326   6.765   1.998   1.00 17.92  ? 306 TYR C OH  1 
ATOM   482 N N   . ASP C 1 8  ? 11.104  6.344   -3.839  1.00 17.48  ? 307 ASP C N   1 
ATOM   483 C CA  . ASP C 1 8  ? 10.787  5.021   -4.375  1.00 15.58  ? 307 ASP C CA  1 
ATOM   484 C C   . ASP C 1 8  ? 9.710   4.404   -3.485  1.00 14.28  ? 307 ASP C C   1 
ATOM   485 O O   . ASP C 1 8  ? 9.968   3.742   -2.492  1.00 15.16  ? 307 ASP C O   1 
ATOM   486 C CB  . ASP C 1 8  ? 12.030  4.142   -4.413  1.00 16.07  ? 307 ASP C CB  1 
ATOM   487 C CG  . ASP C 1 8  ? 11.800  2.847   -5.164  1.00 19.51  ? 307 ASP C CG  1 
ATOM   488 O OD1 . ASP C 1 8  ? 10.671  2.327   -5.189  1.00 21.36  ? 307 ASP C OD1 1 
ATOM   489 O OD2 . ASP C 1 8  ? 12.776  2.357   -5.720  1.00 38.86  ? 307 ASP C OD2 1 
ATOM   490 N N   . PHE C 1 9  ? 8.454   4.705   -3.854  1.00 14.88  ? 308 PHE C N   1 
ATOM   491 C CA  . PHE C 1 9  ? 7.315   4.238   -3.101  1.00 14.99  ? 308 PHE C CA  1 
ATOM   492 C C   . PHE C 1 9  ? 7.289   2.709   -3.085  1.00 14.71  ? 308 PHE C C   1 
ATOM   493 O O   . PHE C 1 9  ? 7.061   2.141   -2.002  1.00 13.35  ? 308 PHE C O   1 
ATOM   494 C CB  . PHE C 1 9  ? 6.024   4.848   -3.670  1.00 15.54  ? 308 PHE C CB  1 
ATOM   495 C CG  . PHE C 1 9  ? 4.792   4.514   -2.832  1.00 15.73  ? 308 PHE C CG  1 
ATOM   496 C CD1 . PHE C 1 9  ? 4.538   5.255   -1.672  1.00 17.83  ? 308 PHE C CD1 1 
ATOM   497 C CD2 . PHE C 1 9  ? 3.925   3.501   -3.117  1.00 18.68  ? 308 PHE C CD2 1 
ATOM   498 C CE1 . PHE C 1 9  ? 3.443   4.930   -0.901  1.00 16.62  ? 308 PHE C CE1 1 
ATOM   499 C CE2 . PHE C 1 9  ? 2.792   3.179   -2.395  1.00 16.88  ? 308 PHE C CE2 1 
ATOM   500 C CZ  . PHE C 1 9  ? 2.562   3.912   -1.235  1.00 18.78  ? 308 PHE C CZ  1 
HETATM 501 N N   . DAL C 1 10 ? 7.442   2.066   -4.229  1.00 14.51  ? 309 DAL C N   1 
HETATM 502 C CA  . DAL C 1 10 ? 7.415   0.643   -4.392  1.00 15.41  ? 309 DAL C CA  1 
HETATM 503 C CB  . DAL C 1 10 ? 6.010   0.049   -4.293  1.00 18.19  ? 309 DAL C CB  1 
HETATM 504 C C   . DAL C 1 10 ? 8.322   0.001   -3.339  1.00 14.46  ? 309 DAL C C   1 
HETATM 505 O O   . DAL C 1 10 ? 7.967   -0.903  -2.580  1.00 17.30  ? 309 DAL C O   1 
ATOM   506 N N   . ASP C 1 11 ? 9.551   0.491   -3.311  1.00 17.39  ? 310 ASP C N   1 
ATOM   507 C CA  . ASP C 1 11 ? 10.548  -0.114  -2.447  1.00 17.90  ? 310 ASP C CA  1 
ATOM   508 C C   . ASP C 1 11 ? 10.311  0.170   -0.980  1.00 16.13  ? 310 ASP C C   1 
ATOM   509 O O   . ASP C 1 11 ? 10.514  -0.709  -0.126  1.00 16.29  ? 310 ASP C O   1 
ATOM   510 C CB  . ASP C 1 11 ? 11.918  0.415   -2.926  1.00 18.32  ? 310 ASP C CB  1 
ATOM   511 C CG  . ASP C 1 11 ? 12.985  -0.642  -2.713  1.00 24.24  ? 310 ASP C CG  1 
ATOM   512 O OD1 . ASP C 1 11 ? 12.625  -1.832  -2.883  1.00 32.02  ? 310 ASP C OD1 1 
ATOM   513 O OD2 . ASP C 1 11 ? 14.124  -0.335  -2.374  1.00 34.35  ? 310 ASP C OD2 1 
ATOM   514 N N   . GLU C 1 12 ? 9.892   1.384   -0.622  1.00 15.18  ? 311 GLU C N   1 
ATOM   515 C CA  . GLU C 1 12 ? 9.561   1.635   0.785   1.00 16.60  ? 311 GLU C CA  1 
ATOM   516 C C   . GLU C 1 12 ? 8.380   0.822   1.275   1.00 14.05  ? 311 GLU C C   1 
ATOM   517 O O   . GLU C 1 12 ? 8.315   0.338   2.418   1.00 14.52  ? 311 GLU C O   1 
ATOM   518 C CB  . GLU C 1 12 ? 9.331   3.151   1.010   1.00 14.85  ? 311 GLU C CB  1 
ATOM   519 C CG  . GLU C 1 12 ? 10.613  3.946   0.698   1.00 18.45  ? 311 GLU C CG  1 
ATOM   520 C CD  . GLU C 1 12 ? 11.688  3.626   1.734   1.00 26.22  ? 311 GLU C CD  1 
ATOM   521 O OE1 . GLU C 1 12 ? 12.860  3.811   1.363   1.00 31.03  ? 311 GLU C OE1 1 
ATOM   522 O OE2 . GLU C 1 12 ? 11.379  3.198   2.864   1.00 33.33  ? 311 GLU C OE2 1 
ATOM   523 N N   . LEU C 1 13 ? 7.369   0.575   0.423   1.00 13.75  ? 312 LEU C N   1 
ATOM   524 C CA  . LEU C 1 13 ? 6.268   -0.300  0.783   1.00 12.30  ? 312 LEU C CA  1 
ATOM   525 C C   . LEU C 1 13 ? 6.763   -1.722  1.000   1.00 13.46  ? 312 LEU C C   1 
ATOM   526 O O   . LEU C 1 13 ? 6.407   -2.418  1.938   1.00 12.40  ? 312 LEU C O   1 
ATOM   527 C CB  . LEU C 1 13 ? 5.261   -0.246  -0.368  1.00 13.26  ? 312 LEU C CB  1 
ATOM   528 C CG  . LEU C 1 13 ? 4.013   -1.079  -0.176  1.00 15.46  ? 312 LEU C CG  1 
ATOM   529 C CD1 . LEU C 1 13 ? 3.255   -0.668  1.091   1.00 15.58  ? 312 LEU C CD1 1 
ATOM   530 C CD2 . LEU C 1 13 ? 3.157   -1.006  -1.443  1.00 20.23  ? 312 LEU C CD2 1 
ATOM   531 N N   . ALA C 1 14 ? 7.623   -2.211  0.094   1.00 12.01  ? 313 ALA C N   1 
ATOM   532 C CA  . ALA C 1 14 ? 8.113   -3.586  0.193   1.00 14.65  ? 313 ALA C CA  1 
ATOM   533 C C   . ALA C 1 14 ? 8.880   -3.714  1.501   1.00 14.85  ? 313 ALA C C   1 
ATOM   534 O O   . ALA C 1 14 ? 8.766   -4.670  2.267   1.00 16.24  ? 313 ALA C O   1 
ATOM   535 C CB  . ALA C 1 14 ? 8.984   -3.887  -0.994  1.00 17.20  ? 313 ALA C CB  1 
ATOM   536 N N   . LYS C 1 15 ? 9.647   -2.684  1.837   1.00 16.07  ? 314 LYS C N   1 
ATOM   537 C CA  . LYS C 1 15 ? 10.445  -2.740  3.062   1.00 18.13  ? 314 LYS C CA  1 
ATOM   538 C C   . LYS C 1 15 ? 9.535   -2.744  4.279   1.00 18.00  ? 314 LYS C C   1 
ATOM   539 O O   . LYS C 1 15 ? 9.767   -3.448  5.251   1.00 19.72  ? 314 LYS C O   1 
ATOM   540 C CB  . LYS C 1 15 ? 11.395  -1.546  3.124   1.00 19.52  ? 314 LYS C CB  1 
ATOM   541 C CG  . LYS C 1 15 ? 12.589  -1.612  2.191   1.00 23.13  ? 314 LYS C CG  1 
ATOM   542 C CD  . LYS C 1 15 ? 13.432  -0.359  2.090   1.00 27.44  ? 314 LYS C CD  1 
ATOM   543 C CE  . LYS C 1 15 ? 13.460  0.556   3.301   1.00 33.08  ? 314 LYS C CE  1 
ATOM   544 N NZ  . LYS C 1 15 ? 14.229  1.819   3.112   1.00 29.57  ? 314 LYS C NZ  1 
ATOM   545 N N   . LEU C 1 16 ? 8.455   -1.983  4.249   1.00 14.92  ? 315 LEU C N   1 
ATOM   546 C CA  . LEU C 1 16 ? 7.526   -1.943  5.379   1.00 14.60  ? 315 LEU C CA  1 
ATOM   547 C C   . LEU C 1 16 ? 6.850   -3.286  5.600   1.00 13.70  ? 315 LEU C C   1 
ATOM   548 O O   . LEU C 1 16 ? 6.725   -3.867  6.696   1.00 16.35  ? 315 LEU C O   1 
ATOM   549 C CB  . LEU C 1 16 ? 6.508   -0.798  5.152   1.00 14.74  ? 315 LEU C CB  1 
ATOM   550 C CG  . LEU C 1 16 ? 5.305   -0.774  6.126   1.00 15.84  ? 315 LEU C CG  1 
ATOM   551 C CD1 . LEU C 1 16 ? 5.695   -0.499  7.566   1.00 18.74  ? 315 LEU C CD1 1 
ATOM   552 C CD2 . LEU C 1 16 ? 4.297   0.250   5.610   1.00 15.94  ? 315 LEU C CD2 1 
ATOM   553 N N   . LEU C 1 17 ? 6.372   -3.895  4.485   1.00 11.56  ? 316 LEU C N   1 
ATOM   554 C CA  . LEU C 1 17 ? 5.716   -5.175  4.602   1.00 12.26  ? 316 LEU C CA  1 
ATOM   555 C C   . LEU C 1 17 ? 6.673   -6.220  5.157   1.00 12.81  ? 316 LEU C C   1 
ATOM   556 O O   . LEU C 1 17 ? 6.244   -7.003  6.005   1.00 14.55  ? 316 LEU C O   1 
ATOM   557 C CB  . LEU C 1 17 ? 5.264   -5.638  3.205   1.00 13.47  ? 316 LEU C CB  1 
ATOM   558 C CG  . LEU C 1 17 ? 4.125   -4.831  2.573   1.00 13.35  ? 316 LEU C CG  1 
ATOM   559 C CD1 . LEU C 1 17 ? 4.017   -5.098  1.079   1.00 18.18  ? 316 LEU C CD1 1 
ATOM   560 C CD2 . LEU C 1 17 ? 2.861   -5.225  3.284   1.00 19.44  ? 316 LEU C CD2 1 
ATOM   561 N N   . ARG C 1 18 ? 7.921   -6.194  4.649   1.00 15.90  ? 317 ARG C N   1 
ATOM   562 C CA  . ARG C 1 18 ? 8.894   -7.203  4.980   1.00 17.27  ? 317 ARG C CA  1 
ATOM   563 C C   . ARG C 1 18 ? 9.230   -7.011  6.456   1.00 18.43  ? 317 ARG C C   1 
ATOM   564 O O   . ARG C 1 18 ? 9.227   -7.950  7.264   1.00 21.22  ? 317 ARG C O   1 
ATOM   565 C CB  A ARG C 1 18 ? 10.163  -7.076  4.141   0.37 20.55  ? 317 ARG C CB  1 
ATOM   566 C CB  B ARG C 1 18 ? 10.206  -7.137  4.186   0.63 19.81  ? 317 ARG C CB  1 
ATOM   567 C CG  A ARG C 1 18 ? 10.856  -8.381  3.823   0.37 23.90  ? 317 ARG C CG  1 
ATOM   568 C CG  B ARG C 1 18 ? 11.225  -8.225  4.530   0.63 23.27  ? 317 ARG C CG  1 
ATOM   569 C CD  A ARG C 1 18 ? 11.342  -9.115  5.056   0.37 25.98  ? 317 ARG C CD  1 
ATOM   570 C CD  B ARG C 1 18 ? 10.769  -9.546  3.931   0.63 26.95  ? 317 ARG C CD  1 
ATOM   571 N NE  A ARG C 1 18 ? 12.368  -10.105 4.751   0.37 24.16  ? 317 ARG C NE  1 
ATOM   572 N NE  B ARG C 1 18 ? 11.843  -10.237 3.206   0.63 33.14  ? 317 ARG C NE  1 
ATOM   573 C CZ  A ARG C 1 18 ? 13.058  -10.848 5.600   0.37 26.45  ? 317 ARG C CZ  1 
ATOM   574 C CZ  B ARG C 1 18 ? 12.043  -11.539 3.395   0.63 35.16  ? 317 ARG C CZ  1 
ATOM   575 N NH1 A ARG C 1 18 ? 12.864  -10.760 6.901   0.37 36.88  ? 317 ARG C NH1 1 
ATOM   576 N NH1 B ARG C 1 18 ? 11.250  -12.179 4.242   0.63 28.94  ? 317 ARG C NH1 1 
ATOM   577 N NH2 A ARG C 1 18 ? 13.955  -11.692 5.114   0.37 23.83  ? 317 ARG C NH2 1 
ATOM   578 N NH2 B ARG C 1 18 ? 13.000  -12.191 2.765   0.63 52.29  ? 317 ARG C NH2 1 
ATOM   579 N N   A GLN C 1 19 ? 9.528   -5.767  6.839   0.44 17.04  ? 318 GLN C N   1 
ATOM   580 N N   B GLN C 1 19 ? 9.533   -5.761  6.827   0.56 16.80  ? 318 GLN C N   1 
ATOM   581 C CA  A GLN C 1 19 ? 9.965   -5.587  8.229   0.44 21.20  ? 318 GLN C CA  1 
ATOM   582 C CA  B GLN C 1 19 ? 9.970   -5.599  8.226   0.56 21.27  ? 318 GLN C CA  1 
ATOM   583 C C   A GLN C 1 19 ? 8.839   -5.819  9.217   0.44 21.85  ? 318 GLN C C   1 
ATOM   584 C C   B GLN C 1 19 ? 8.823   -5.931  9.165   0.56 23.17  ? 318 GLN C C   1 
ATOM   585 O O   A GLN C 1 19 ? 9.075   -6.329  10.327  0.44 21.05  ? 318 GLN C O   1 
ATOM   586 O O   B GLN C 1 19 ? 9.056   -6.632  10.168  0.56 23.81  ? 318 GLN C O   1 
ATOM   587 C CB  A GLN C 1 19 ? 10.611  -4.203  8.373   0.44 21.88  ? 318 GLN C CB  1 
ATOM   588 C CB  B GLN C 1 19 ? 10.583  -4.209  8.422   0.56 22.08  ? 318 GLN C CB  1 
ATOM   589 C CG  A GLN C 1 19 ? 11.411  -4.110  9.668   0.44 23.92  ? 318 GLN C CG  1 
ATOM   590 C CG  B GLN C 1 19 ? 11.736  -4.232  9.424   0.56 23.24  ? 318 GLN C CG  1 
ATOM   591 C CD  A GLN C 1 19 ? 12.840  -4.595  9.535   0.44 27.58  ? 318 GLN C CD  1 
ATOM   592 C CD  B GLN C 1 19 ? 12.399  -2.891  9.668   0.56 18.68  ? 318 GLN C CD  1 
ATOM   593 O OE1 A GLN C 1 19 ? 13.699  -3.929  8.950   0.44 30.79  ? 318 GLN C OE1 1 
ATOM   594 O OE1 B GLN C 1 19 ? 12.236  -1.939  8.896   0.56 16.48  ? 318 GLN C OE1 1 
ATOM   595 N NE2 A GLN C 1 19 ? 13.121  -5.765  10.099  0.44 39.03  ? 318 GLN C NE2 1 
ATOM   596 N NE2 B GLN C 1 19 ? 13.184  -2.773  10.738  0.56 16.40  ? 318 GLN C NE2 1 
ATOM   597 N N   . ALA C 1 20 ? 7.594   -5.504  8.894   1.00 20.35  ? 319 ALA C N   1 
ATOM   598 C CA  . ALA C 1 20 ? 6.471   -5.815  9.782   1.00 22.64  ? 319 ALA C CA  1 
ATOM   599 C C   . ALA C 1 20 ? 6.119   -7.304  9.809   1.00 20.96  ? 319 ALA C C   1 
ATOM   600 O O   . ALA C 1 20 ? 5.313   -7.751  10.637  1.00 28.74  ? 319 ALA C O   1 
ATOM   601 C CB  . ALA C 1 20 ? 5.231   -5.013  9.388   1.00 26.95  ? 319 ALA C CB  1 
HETATM 602 N N   . DBZ C 1 21 ? 6.716   -8.101  8.918   1.00 19.90  ? 320 DBZ C N   1 
HETATM 603 C CA  . DBZ C 1 21 ? 6.508   -9.552  8.893   1.00 23.88  ? 320 DBZ C CA  1 
HETATM 604 C CB  . DBZ C 1 21 ? 6.276   -10.002 7.470   1.00 21.52  ? 320 DBZ C CB  1 
HETATM 605 N NG  . DBZ C 1 21 ? 4.995   -9.427  7.053   1.00 20.40  ? 320 DBZ C NG  1 
HETATM 606 C CD2 . DBZ C 1 21 ? 3.798   -9.924  7.355   1.00 17.73  ? 320 DBZ C CD2 1 
HETATM 607 O OD2 . DBZ C 1 21 ? 3.586   -10.899 8.090   1.00 25.21  ? 320 DBZ C OD2 1 
HETATM 608 C C1  . DBZ C 1 21 ? 2.593   -9.269  6.754   1.00 17.09  ? 320 DBZ C C1  1 
HETATM 609 C C2  . DBZ C 1 21 ? 1.493   -10.094 6.454   1.00 20.03  ? 320 DBZ C C2  1 
HETATM 610 C C6  . DBZ C 1 21 ? 2.522   -7.913  6.467   1.00 16.40  ? 320 DBZ C C6  1 
HETATM 611 C C3  . DBZ C 1 21 ? 0.352   -9.520  5.888   1.00 19.78  ? 320 DBZ C C3  1 
HETATM 612 C C5  . DBZ C 1 21 ? 1.370   -7.322  5.916   1.00 17.07  ? 320 DBZ C C5  1 
HETATM 613 C C4  . DBZ C 1 21 ? 0.279   -8.154  5.642   1.00 19.74  ? 320 DBZ C C4  1 
HETATM 614 C C   . DBZ C 1 21 ? 7.745   -10.254 9.445   1.00 28.91  ? 320 DBZ C C   1 
HETATM 615 O O   . DBZ C 1 21 ? 7.847   -11.484 9.486   1.00 36.89  ? 320 DBZ C O   1 
ATOM   616 N N   . GLY C 1 22 ? 8.730   -9.458  9.892   1.00 30.85  ? 321 GLY C N   1 
ATOM   617 C CA  . GLY C 1 22 ? 9.886   -10.089 10.518  1.00 43.10  ? 321 GLY C CA  1 
ATOM   618 C C   . GLY C 1 22 ? 11.139  -9.269  10.648  1.00 45.12  ? 321 GLY C C   1 
ATOM   619 O O   . GLY C 1 22 ? 11.226  -8.250  11.339  1.00 55.58  ? 321 GLY C O   1 
HETATM 620 N N   . NH2 C 1 23 ? 12.214  -9.721  9.973   1.00 56.12  ? 322 NH2 C N   1 
HETATM 621 C C   . ACE D 1 1  ? -6.553  -0.705  12.725  1.00 33.18  ? 400 ACE D C   1 
HETATM 622 O O   . ACE D 1 1  ? -6.827  0.328   13.337  1.00 40.32  ? 400 ACE D O   1 
HETATM 623 C CH3 . ACE D 1 1  ? -7.159  -2.046  13.068  1.00 40.39  ? 400 ACE D CH3 1 
ATOM   624 N N   . TYR D 1 2  ? -5.707  -0.719  11.699  1.00 25.82  ? 401 TYR D N   1 
ATOM   625 C CA  . TYR D 1 2  ? -5.210  -1.953  11.073  1.00 23.31  ? 401 TYR D CA  1 
ATOM   626 C C   . TYR D 1 2  ? -3.855  -2.326  11.631  1.00 19.92  ? 401 TYR D C   1 
ATOM   627 O O   . TYR D 1 2  ? -2.892  -1.642  11.292  1.00 25.18  ? 401 TYR D O   1 
ATOM   628 C CB  . TYR D 1 2  ? -5.081  -1.745  9.561   1.00 21.29  ? 401 TYR D CB  1 
ATOM   629 C CG  . TYR D 1 2  ? -6.398  -1.274  8.976   1.00 25.37  ? 401 TYR D CG  1 
ATOM   630 C CD1 . TYR D 1 2  ? -7.339  -2.208  8.607   1.00 28.32  ? 401 TYR D CD1 1 
ATOM   631 C CD2 . TYR D 1 2  ? -6.658  0.075   8.802   1.00 27.60  ? 401 TYR D CD2 1 
ATOM   632 C CE1 . TYR D 1 2  ? -8.548  -1.836  8.068   1.00 34.20  ? 401 TYR D CE1 1 
ATOM   633 C CE2 . TYR D 1 2  ? -7.866  0.469   8.262   1.00 34.18  ? 401 TYR D CE2 1 
ATOM   634 C CZ  . TYR D 1 2  ? -8.796  -0.489  7.904   1.00 36.63  ? 401 TYR D CZ  1 
ATOM   635 O OH  . TYR D 1 2  ? -9.982  -0.089  7.375   1.00 46.12  ? 401 TYR D OH  1 
ATOM   636 N N   . ARG D 1 3  ? -3.753  -3.333  12.467  1.00 21.49  ? 402 ARG D N   1 
ATOM   637 C CA  . ARG D 1 3  ? -2.535  -3.732  13.137  1.00 23.35  ? 402 ARG D CA  1 
ATOM   638 C C   . ARG D 1 3  ? -1.964  -5.030  12.582  1.00 24.06  ? 402 ARG D C   1 
ATOM   639 O O   . ARG D 1 3  ? -2.664  -5.944  12.151  1.00 28.49  ? 402 ARG D O   1 
ATOM   640 C CB  . ARG D 1 3  ? -2.815  -3.922  14.637  1.00 32.23  ? 402 ARG D CB  1 
ATOM   641 C CG  . ARG D 1 3  ? -3.121  -2.632  15.387  1.00 37.72  ? 402 ARG D CG  1 
ATOM   642 C CD  . ARG D 1 3  ? -2.917  -2.848  16.888  1.00 41.47  ? 402 ARG D CD  1 
ATOM   643 N NE  . ARG D 1 3  ? -2.973  -4.247  17.253  1.00 46.13  ? 402 ARG D NE  1 
ATOM   644 C CZ  . ARG D 1 3  ? -2.287  -4.970  18.113  1.00 47.42  ? 402 ARG D CZ  1 
ATOM   645 N NH1 . ARG D 1 3  ? -2.571  -6.267  18.232  1.00 52.41  ? 402 ARG D NH1 1 
ATOM   646 N NH2 . ARG D 1 3  ? -1.324  -4.467  18.869  1.00 47.16  ? 402 ARG D NH2 1 
ATOM   647 N N   . ILE D 1 4  ? -0.644  -5.087  12.614  1.00 25.60  ? 403 ILE D N   1 
ATOM   648 C CA  . ILE D 1 4  ? 0.184   -6.269  12.408  1.00 27.19  ? 403 ILE D CA  1 
ATOM   649 C C   . ILE D 1 4  ? 1.158   -6.333  13.563  1.00 27.05  ? 403 ILE D C   1 
ATOM   650 O O   . ILE D 1 4  ? 2.181   -5.623  13.538  1.00 25.58  ? 403 ILE D O   1 
ATOM   651 C CB  . ILE D 1 4  ? 0.955   -6.163  11.082  1.00 28.69  ? 403 ILE D CB  1 
ATOM   652 C CG1 . ILE D 1 4  ? 0.037   -5.842  9.881   1.00 35.64  ? 403 ILE D CG1 1 
ATOM   653 C CG2 . ILE D 1 4  ? 1.811   -7.375  10.791  1.00 33.16  ? 403 ILE D CG2 1 
ATOM   654 C CD1 . ILE D 1 4  ? 0.822   -5.530  8.628   1.00 42.26  ? 403 ILE D CD1 1 
HETATM 655 N N   . DPR D 1 5  ? 0.848   -7.113  14.591  1.00 33.97  ? 404 DPR D N   1 
HETATM 656 C CA  . DPR D 1 5  ? 1.716   -7.184  15.769  1.00 36.58  ? 404 DPR D CA  1 
HETATM 657 C CB  . DPR D 1 5  ? 0.997   -8.121  16.719  1.00 40.40  ? 404 DPR D CB  1 
HETATM 658 C CG  . DPR D 1 5  ? -0.359  -8.356  16.168  1.00 43.55  ? 404 DPR D CG  1 
HETATM 659 C CD  . DPR D 1 5  ? -0.363  -7.935  14.725  1.00 39.85  ? 404 DPR D CD  1 
HETATM 660 C C   . DPR D 1 5  ? 1.837   -5.765  16.334  1.00 33.88  ? 404 DPR D C   1 
HETATM 661 O O   . DPR D 1 5  ? 0.867   -5.034  16.503  1.00 39.66  ? 404 DPR D O   1 
ATOM   662 N N   . SER D 1 6  ? 3.077   -5.377  16.592  1.00 38.75  ? 405 SER D N   1 
ATOM   663 C CA  . SER D 1 6  ? 3.436   -4.067  17.106  1.00 39.64  ? 405 SER D CA  1 
ATOM   664 C C   . SER D 1 6  ? 3.226   -2.956  16.093  1.00 36.67  ? 405 SER D C   1 
ATOM   665 O O   . SER D 1 6  ? 3.326   -1.769  16.456  1.00 35.84  ? 405 SER D O   1 
ATOM   666 C CB  . SER D 1 6  ? 4.905   -4.086  17.547  1.00 39.45  ? 405 SER D CB  1 
ATOM   667 O OG  . SER D 1 6  ? 5.748   -4.838  16.690  1.00 52.30  ? 405 SER D OG  1 
ATOM   668 N N   . TYR D 1 7  ? 2.960   -3.250  14.822  1.00 28.84  ? 406 TYR D N   1 
ATOM   669 C CA  . TYR D 1 7  ? 2.818   -2.151  13.862  1.00 21.89  ? 406 TYR D CA  1 
ATOM   670 C C   . TYR D 1 7  ? 1.370   -1.705  13.735  1.00 23.14  ? 406 TYR D C   1 
ATOM   671 O O   . TYR D 1 7  ? 0.485   -2.560  13.568  1.00 23.86  ? 406 TYR D O   1 
ATOM   672 C CB  . TYR D 1 7  ? 3.305   -2.563  12.482  1.00 21.16  ? 406 TYR D CB  1 
ATOM   673 C CG  . TYR D 1 7  ? 4.810   -2.704  12.323  1.00 20.22  ? 406 TYR D CG  1 
ATOM   674 C CD1 . TYR D 1 7  ? 5.523   -1.790  11.541  1.00 20.77  ? 406 TYR D CD1 1 
ATOM   675 C CD2 . TYR D 1 7  ? 5.510   -3.742  12.898  1.00 22.56  ? 406 TYR D CD2 1 
ATOM   676 C CE1 . TYR D 1 7  ? 6.887   -1.921  11.385  1.00 21.08  ? 406 TYR D CE1 1 
ATOM   677 C CE2 . TYR D 1 7  ? 6.882   -3.893  12.750  1.00 23.18  ? 406 TYR D CE2 1 
ATOM   678 C CZ  . TYR D 1 7  ? 7.560   -2.969  11.979  1.00 21.18  ? 406 TYR D CZ  1 
ATOM   679 O OH  . TYR D 1 7  ? 8.926   -3.073  11.802  1.00 25.94  ? 406 TYR D OH  1 
ATOM   680 N N   . ASP D 1 8  ? 1.172   -0.396  13.782  1.00 21.80  ? 407 ASP D N   1 
ATOM   681 C CA  . ASP D 1 8  ? -0.054  0.260   13.338  1.00 18.32  ? 407 ASP D CA  1 
ATOM   682 C C   . ASP D 1 8  ? 0.156   0.418   11.828  1.00 17.51  ? 407 ASP D C   1 
ATOM   683 O O   . ASP D 1 8  ? 0.670   1.426   11.325  1.00 16.66  ? 407 ASP D O   1 
ATOM   684 C CB  . ASP D 1 8  ? -0.319  1.601   13.979  1.00 19.16  ? 407 ASP D CB  1 
ATOM   685 C CG  . ASP D 1 8  ? -1.628  2.235   13.523  1.00 20.05  ? 407 ASP D CG  1 
ATOM   686 O OD1 . ASP D 1 8  ? -2.145  1.882   12.428  1.00 21.43  ? 407 ASP D OD1 1 
ATOM   687 O OD2 . ASP D 1 8  ? -2.117  3.115   14.264  1.00 27.61  ? 407 ASP D OD2 1 
ATOM   688 N N   . PHE D 1 9  ? -0.259  -0.653  11.160  1.00 17.99  ? 408 PHE D N   1 
ATOM   689 C CA  . PHE D 1 9  ? -0.053  -0.739  9.713   1.00 18.91  ? 408 PHE D CA  1 
ATOM   690 C C   . PHE D 1 9  ? -0.777  0.360   8.959   1.00 16.81  ? 408 PHE D C   1 
ATOM   691 O O   . PHE D 1 9  ? -0.207  0.920   8.027   1.00 17.75  ? 408 PHE D O   1 
ATOM   692 C CB  . PHE D 1 9  ? -0.514  -2.111  9.204   1.00 20.06  ? 408 PHE D CB  1 
ATOM   693 C CG  . PHE D 1 9  ? -0.145  -2.377  7.745   1.00 21.68  ? 408 PHE D CG  1 
ATOM   694 C CD1 . PHE D 1 9  ? -1.117  -2.503  6.762   1.00 27.89  ? 408 PHE D CD1 1 
ATOM   695 C CD2 . PHE D 1 9  ? 1.171   -2.515  7.337   1.00 23.58  ? 408 PHE D CD2 1 
ATOM   696 C CE1 . PHE D 1 9  ? -0.810  -2.756  5.443   1.00 28.32  ? 408 PHE D CE1 1 
ATOM   697 C CE2 . PHE D 1 9  ? 1.496   -2.768  6.009   1.00 26.53  ? 408 PHE D CE2 1 
ATOM   698 C CZ  . PHE D 1 9  ? 0.502   -2.891  5.048   1.00 28.55  ? 408 PHE D CZ  1 
HETATM 699 N N   . DAL D 1 10 ? -2.003  0.670   9.402   1.00 17.77  ? 409 DAL D N   1 
HETATM 700 C CA  . DAL D 1 10 ? -2.695  1.807   8.780   1.00 16.47  ? 409 DAL D CA  1 
HETATM 701 C CB  . DAL D 1 10 ? -3.163  1.434   7.372   1.00 22.95  ? 409 DAL D CB  1 
HETATM 702 C C   . DAL D 1 10 ? -1.844  3.082   8.795   1.00 14.97  ? 409 DAL D C   1 
HETATM 703 O O   . DAL D 1 10 ? -1.655  3.766   7.810   1.00 16.76  ? 409 DAL D O   1 
ATOM   704 N N   . ASP D 1 11 ? -1.338  3.409   9.998   1.00 16.77  ? 410 ASP D N   1 
ATOM   705 C CA  . ASP D 1 11 ? -0.537  4.632   10.148  1.00 16.55  ? 410 ASP D CA  1 
ATOM   706 C C   . ASP D 1 11 ? 0.800   4.604   9.402   1.00 13.93  ? 410 ASP D C   1 
ATOM   707 O O   . ASP D 1 11 ? 1.265   5.583   8.806   1.00 14.13  ? 410 ASP D O   1 
ATOM   708 C CB  . ASP D 1 11 ? -0.267  4.880   11.636  1.00 16.51  ? 410 ASP D CB  1 
ATOM   709 C CG  . ASP D 1 11 ? 0.465   6.202   11.835  1.00 15.85  ? 410 ASP D CG  1 
ATOM   710 O OD1 . ASP D 1 11 ? 0.019   7.235   11.296  1.00 18.22  ? 410 ASP D OD1 1 
ATOM   711 O OD2 . ASP D 1 11 ? 1.493   6.140   12.540  1.00 20.23  ? 410 ASP D OD2 1 
ATOM   712 N N   . GLU D 1 12 ? 1.439   3.419   9.371   1.00 13.91  ? 411 GLU D N   1 
ATOM   713 C CA  . GLU D 1 12 ? 2.703   3.279   8.629   1.00 14.28  ? 411 GLU D CA  1 
ATOM   714 C C   . GLU D 1 12 ? 2.532   3.483   7.136   1.00 12.81  ? 411 GLU D C   1 
ATOM   715 O O   . GLU D 1 12 ? 3.343   4.113   6.452   1.00 14.64  ? 411 GLU D O   1 
ATOM   716 C CB  . GLU D 1 12 ? 3.329   1.905   8.962   1.00 19.72  ? 411 GLU D CB  1 
ATOM   717 C CG  . GLU D 1 12 ? 3.754   1.746   10.415  1.00 20.44  ? 411 GLU D CG  1 
ATOM   718 C CD  . GLU D 1 12 ? 4.881   2.665   10.851  1.00 26.57  ? 411 GLU D CD  1 
ATOM   719 O OE1 . GLU D 1 12 ? 4.948   2.932   12.071  1.00 41.41  ? 411 GLU D OE1 1 
ATOM   720 O OE2 . GLU D 1 12 ? 5.710   3.114   10.030  1.00 23.27  ? 411 GLU D OE2 1 
ATOM   721 N N   . LEU D 1 13 ? 1.408   2.963   6.597   1.00 14.08  ? 412 LEU D N   1 
ATOM   722 C CA  . LEU D 1 13 ? 1.078   3.182   5.193   1.00 13.97  ? 412 LEU D CA  1 
ATOM   723 C C   . LEU D 1 13 ? 0.803   4.651   4.926   1.00 14.31  ? 412 LEU D C   1 
ATOM   724 O O   . LEU D 1 13 ? 1.243   5.203   3.906   1.00 14.56  ? 412 LEU D O   1 
ATOM   725 C CB  . LEU D 1 13 ? -0.151  2.378   4.764   1.00 15.90  ? 412 LEU D CB  1 
ATOM   726 C CG  . LEU D 1 13 ? 0.086   0.917   4.479   1.00 17.91  ? 412 LEU D CG  1 
ATOM   727 C CD1 . LEU D 1 13 ? -1.269  0.268   4.210   1.00 23.92  ? 412 LEU D CD1 1 
ATOM   728 C CD2 . LEU D 1 13 ? 1.028   0.785   3.288   1.00 24.51  ? 412 LEU D CD2 1 
ATOM   729 N N   . ALA D 1 14 ? 0.017   5.251   5.797   1.00 13.04  ? 413 ALA D N   1 
ATOM   730 C CA  . ALA D 1 14 ? -0.300  6.676   5.694   1.00 13.99  ? 413 ALA D CA  1 
ATOM   731 C C   . ALA D 1 14 ? 0.965   7.528   5.710   1.00 12.56  ? 413 ALA D C   1 
ATOM   732 O O   . ALA D 1 14 ? 1.092   8.471   4.964   1.00 14.17  ? 413 ALA D O   1 
ATOM   733 C CB  . ALA D 1 14 ? -1.288  7.025   6.811   1.00 13.22  ? 413 ALA D CB  1 
ATOM   734 N N   . LYS D 1 15 ? 1.939   7.141   6.558   1.00 12.76  ? 414 LYS D N   1 
ATOM   735 C CA  . LYS D 1 15 ? 3.235   7.804   6.548   1.00 12.39  ? 414 LYS D CA  1 
ATOM   736 C C   . LYS D 1 15 ? 3.911   7.752   5.187   1.00 11.98  ? 414 LYS D C   1 
ATOM   737 O O   . LYS D 1 15 ? 4.447   8.760   4.708   1.00 12.99  ? 414 LYS D O   1 
ATOM   738 C CB  . LYS D 1 15 ? 4.161   7.267   7.635   1.00 15.29  ? 414 LYS D CB  1 
ATOM   739 C CG  . LYS D 1 15 ? 3.781   7.724   9.045   1.00 17.60  ? 414 LYS D CG  1 
ATOM   740 C CD  . LYS D 1 15 ? 4.993   7.609   9.959   1.00 26.73  ? 414 LYS D CD  1 
ATOM   741 C CE  . LYS D 1 15 ? 5.297   6.167   10.273  1.00 33.71  ? 414 LYS D CE  1 
ATOM   742 N NZ  . LYS D 1 15 ? 6.042   6.041   11.557  1.00 35.59  ? 414 LYS D NZ  1 
ATOM   743 N N   . LEU D 1 16 ? 3.940   6.557   4.575   1.00 12.82  ? 415 LEU D N   1 
ATOM   744 C CA  . LEU D 1 16 ? 4.609   6.479   3.282   1.00 13.88  ? 415 LEU D CA  1 
ATOM   745 C C   . LEU D 1 16 ? 3.925   7.340   2.232   1.00 12.64  ? 415 LEU D C   1 
ATOM   746 O O   . LEU D 1 16 ? 4.621   7.949   1.390   1.00 14.47  ? 415 LEU D O   1 
ATOM   747 C CB  . LEU D 1 16 ? 4.599   5.022   2.804   1.00 13.68  ? 415 LEU D CB  1 
ATOM   748 C CG  . LEU D 1 16 ? 5.400   4.015   3.640   1.00 15.44  ? 415 LEU D CG  1 
ATOM   749 C CD1 . LEU D 1 16 ? 5.468   2.654   2.931   1.00 17.85  ? 415 LEU D CD1 1 
ATOM   750 C CD2 . LEU D 1 16 ? 6.779   4.602   3.931   1.00 18.83  ? 415 LEU D CD2 1 
ATOM   751 N N   . LEU D 1 17 ? 2.587   7.384   2.273   1.00 12.86  ? 416 LEU D N   1 
ATOM   752 C CA  . LEU D 1 17 ? 1.824   8.222   1.327   1.00 13.00  ? 416 LEU D CA  1 
ATOM   753 C C   . LEU D 1 17 ? 2.224   9.680   1.435   1.00 12.94  ? 416 LEU D C   1 
ATOM   754 O O   . LEU D 1 17 ? 2.450   10.373  0.445   1.00 14.38  ? 416 LEU D O   1 
ATOM   755 C CB  . LEU D 1 17 ? 0.322   8.084   1.570   1.00 14.77  ? 416 LEU D CB  1 
ATOM   756 C CG  . LEU D 1 17 ? -0.296  6.739   1.155   1.00 18.06  ? 416 LEU D CG  1 
ATOM   757 C CD1 . LEU D 1 17 ? -1.737  6.647   1.668   1.00 21.09  ? 416 LEU D CD1 1 
ATOM   758 C CD2 . LEU D 1 17 ? -0.243  6.541   -0.352  1.00 19.96  ? 416 LEU D CD2 1 
ATOM   759 N N   A ARG D 1 18 ? 2.250   10.133  2.684   0.78 12.63  ? 417 ARG D N   1 
ATOM   760 N N   B ARG D 1 18 ? 2.285   10.153  2.678   0.22 12.88  ? 417 ARG D N   1 
ATOM   761 C CA  A ARG D 1 18 ? 2.571   11.545  2.938   0.78 12.82  ? 417 ARG D CA  1 
ATOM   762 C CA  B ARG D 1 18 ? 2.583   11.550  2.978   0.22 12.66  ? 417 ARG D CA  1 
ATOM   763 C C   A ARG D 1 18 ? 4.036   11.867  2.657   0.78 11.57  ? 417 ARG D C   1 
ATOM   764 C C   B ARG D 1 18 ? 4.048   11.894  2.750   0.22 12.06  ? 417 ARG D C   1 
ATOM   765 O O   A ARG D 1 18 ? 4.339   12.941  2.105   0.78 16.44  ? 417 ARG D O   1 
ATOM   766 O O   B ARG D 1 18 ? 4.369   13.009  2.323   0.22 12.96  ? 417 ARG D O   1 
ATOM   767 C CB  A ARG D 1 18 ? 2.137   11.908  4.375   0.78 15.18  ? 417 ARG D CB  1 
ATOM   768 C CB  B ARG D 1 18 ? 2.169   11.866  4.425   0.22 15.06  ? 417 ARG D CB  1 
ATOM   769 C CG  A ARG D 1 18 ? 0.615   11.878  4.500   0.78 18.12  ? 417 ARG D CG  1 
ATOM   770 C CG  B ARG D 1 18 ? 0.827   11.247  4.776   0.22 16.91  ? 417 ARG D CG  1 
ATOM   771 C CD  A ARG D 1 18 ? 0.066   12.419  5.804   0.78 19.70  ? 417 ARG D CD  1 
ATOM   772 C CD  B ARG D 1 18 ? 0.031   12.020  5.802   0.22 17.72  ? 417 ARG D CD  1 
ATOM   773 N NE  A ARG D 1 18 ? 0.216   13.878  5.891   0.78 18.94  ? 417 ARG D NE  1 
ATOM   774 N NE  B ARG D 1 18 ? -1.372  12.158  5.435   0.22 18.41  ? 417 ARG D NE  1 
ATOM   775 C CZ  A ARG D 1 18 ? 1.131   14.466  6.650   0.78 19.62  ? 417 ARG D CZ  1 
ATOM   776 C CZ  B ARG D 1 18 ? -2.210  11.197  5.074   0.22 19.20  ? 417 ARG D CZ  1 
ATOM   777 N NH1 A ARG D 1 18 ? 1.955   13.737  7.375   0.78 23.23  ? 417 ARG D NH1 1 
ATOM   778 N NH1 B ARG D 1 18 ? -1.850  9.923   4.998   0.22 24.80  ? 417 ARG D NH1 1 
ATOM   779 N NH2 A ARG D 1 18 ? 1.158   15.785  6.635   0.78 20.56  ? 417 ARG D NH2 1 
ATOM   780 N NH2 B ARG D 1 18 ? -3.475  11.485  4.765   0.22 31.92  ? 417 ARG D NH2 1 
ATOM   781 N N   . GLN D 1 19 ? 4.935   10.936  3.037   1.00 12.90  ? 418 GLN D N   1 
ATOM   782 C CA  . GLN D 1 19 ? 6.350   11.171  2.721   1.00 13.37  ? 418 GLN D CA  1 
ATOM   783 C C   . GLN D 1 19 ? 6.572   11.346  1.231   1.00 14.12  ? 418 GLN D C   1 
ATOM   784 O O   . GLN D 1 19 ? 7.224   12.274  0.767   1.00 15.77  ? 418 GLN D O   1 
ATOM   785 C CB  . GLN D 1 19 ? 7.170   9.991   3.221   1.00 11.85  ? 418 GLN D CB  1 
ATOM   786 C CG  . GLN D 1 19 ? 7.248   9.925   4.725   1.00 13.32  ? 418 GLN D CG  1 
ATOM   787 C CD  . GLN D 1 19 ? 8.010   8.691   5.208   1.00 12.95  ? 418 GLN D CD  1 
ATOM   788 O OE1 . GLN D 1 19 ? 8.627   8.002   4.401   1.00 16.23  ? 418 GLN D OE1 1 
ATOM   789 N NE2 . GLN D 1 19 ? 7.941   8.451   6.519   1.00 14.00  ? 418 GLN D NE2 1 
ATOM   790 N N   . ALA D 1 20 ? 5.997   10.459  0.447   1.00 14.09  ? 419 ALA D N   1 
ATOM   791 C CA  . ALA D 1 20 ? 6.120   10.499  -1.004  1.00 16.05  ? 419 ALA D CA  1 
ATOM   792 C C   . ALA D 1 20 ? 5.486   11.748  -1.601  1.00 16.85  ? 419 ALA D C   1 
ATOM   793 O O   . ALA D 1 20 ? 6.080   12.401  -2.476  1.00 20.49  ? 419 ALA D O   1 
ATOM   794 C CB  . ALA D 1 20 ? 5.524   9.219   -1.579  1.00 16.69  ? 419 ALA D CB  1 
HETATM 795 N N   . DBZ D 1 21 ? 4.289   12.157  -1.177  1.00 16.62  ? 420 DBZ D N   1 
HETATM 796 C CA  . DBZ D 1 21 ? 3.590   13.280  -1.772  1.00 17.86  ? 420 DBZ D CA  1 
HETATM 797 C CB  . DBZ D 1 21 ? 2.108   13.192  -1.380  1.00 20.04  ? 420 DBZ D CB  1 
HETATM 798 N NG  . DBZ D 1 21 ? 1.683   11.867  -1.845  1.00 18.28  ? 420 DBZ D NG  1 
HETATM 799 C CD2 . DBZ D 1 21 ? 1.323   11.658  -3.105  1.00 22.22  ? 420 DBZ D CD2 1 
HETATM 800 O OD2 . DBZ D 1 21 ? 1.334   12.583  -3.925  1.00 27.41  ? 420 DBZ D OD2 1 
HETATM 801 C C1  . DBZ D 1 21 ? 0.926   10.299  -3.602  1.00 22.47  ? 420 DBZ D C1  1 
HETATM 802 C C2  . DBZ D 1 21 ? 1.384   9.135   -2.996  1.00 24.87  ? 420 DBZ D C2  1 
HETATM 803 C C6  . DBZ D 1 21 ? 0.067   10.218  -4.706  1.00 27.62  ? 420 DBZ D C6  1 
HETATM 804 C C3  . DBZ D 1 21 ? 0.990   7.860   -3.466  1.00 25.31  ? 420 DBZ D C3  1 
HETATM 805 C C5  . DBZ D 1 21 ? -0.310  8.968   -5.200  1.00 27.51  ? 420 DBZ D C5  1 
HETATM 806 C C4  . DBZ D 1 21 ? 0.162   7.814   -4.573  1.00 29.27  ? 420 DBZ D C4  1 
HETATM 807 C C   . DBZ D 1 21 ? 4.141   14.631  -1.354  1.00 19.71  ? 420 DBZ D C   1 
HETATM 808 O O   . DBZ D 1 21 ? 3.751   15.678  -1.914  1.00 23.72  ? 420 DBZ D O   1 
ATOM   809 N N   . GLY D 1 22 ? 4.995   14.691  -0.354  1.00 22.05  ? 421 GLY D N   1 
ATOM   810 C CA  . GLY D 1 22 ? 5.603   15.909  0.122   1.00 23.69  ? 421 GLY D CA  1 
ATOM   811 C C   . GLY D 1 22 ? 6.768   16.326  -0.746  1.00 28.43  ? 421 GLY D C   1 
ATOM   812 O O   . GLY D 1 22 ? 7.357   17.383  -0.520  1.00 28.48  ? 421 GLY D O   1 
HETATM 813 N N   . NH2 D 1 23 ? 7.109   15.504  -1.729  1.00 34.98  ? 422 NH2 D N   1 
HETATM 814 O O   . HOH E 2 .  ? 8.584   -7.132  0.655   1.00 29.00  ? 123 HOH A O   1 
HETATM 815 O O   . HOH E 2 .  ? -5.761  -5.077  -6.303  1.00 19.95  ? 124 HOH A O   1 
HETATM 816 O O   . HOH E 2 .  ? 1.199   -21.728 3.035   1.00 26.62  ? 125 HOH A O   1 
HETATM 817 O O   . HOH E 2 .  ? -3.201  6.273   -13.371 1.00 36.71  ? 126 HOH A O   1 
HETATM 818 O O   . HOH E 2 .  ? -8.762  -11.952 5.215   1.00 29.65  ? 127 HOH A O   1 
HETATM 819 O O   . HOH E 2 .  ? 1.993   -15.473 3.251   1.00 23.98  ? 128 HOH A O   1 
HETATM 820 O O   . HOH E 2 .  ? -7.312  -12.961 -2.589  1.00 20.00  ? 129 HOH A O   1 
HETATM 821 O O   . HOH E 2 .  ? -0.570  -12.056 -1.721  1.00 19.36  ? 130 HOH A O   1 
HETATM 822 O O   . HOH E 2 .  ? 5.157   4.632   -13.630 1.00 38.13  ? 131 HOH A O   1 
HETATM 823 O O   . HOH E 2 .  ? -1.859  -18.035 4.198   1.00 39.55  ? 132 HOH A O   1 
HETATM 824 O O   . HOH E 2 .  ? -2.531  -11.770 9.316   1.00 35.22  ? 133 HOH A O   1 
HETATM 825 O O   . HOH E 2 .  ? 1.675   -6.625  -10.681 1.00 31.10  ? 134 HOH A O   1 
HETATM 826 O O   . HOH E 2 .  ? 3.432   -4.936  -2.935  1.00 30.10  ? 135 HOH A O   1 
HETATM 827 O O   . HOH E 2 .  ? 1.154   -14.235 5.754   1.00 31.99  ? 136 HOH A O   1 
HETATM 828 O O   . HOH E 2 .  ? -0.481  1.848   -20.445 1.00 45.28  ? 137 HOH A O   1 
HETATM 829 O O   . HOH E 2 .  ? -3.277  -5.591  -13.763 1.00 39.24  ? 138 HOH A O   1 
HETATM 830 O O   . HOH E 2 .  ? -8.640  -6.490  -3.537  1.00 45.86  ? 139 HOH A O   1 
HETATM 831 O O   . HOH E 2 .  ? -0.691  -20.919 -0.774  1.00 58.16  ? 140 HOH A O   1 
HETATM 832 O O   . HOH E 2 .  ? -9.738  -13.749 -1.389  0.50 26.88  ? 141 HOH A O   1 
HETATM 833 O O   . HOH E 2 .  ? -5.531  -10.742 -11.548 1.00 42.36  ? 142 HOH A O   1 
HETATM 834 O O   . HOH E 2 .  ? 3.669   -14.317 2.110   1.00 46.89  ? 143 HOH A O   1 
HETATM 835 O O   . HOH E 2 .  ? -4.153  6.345   -16.008 1.00 52.32  ? 144 HOH A O   1 
HETATM 836 O O   . HOH E 2 .  ? -4.012  -0.205  -16.406 1.00 50.83  ? 145 HOH A O   1 
HETATM 837 O O   . HOH E 2 .  ? 4.466   -8.130  -1.992  1.00 55.63  ? 146 HOH A O   1 
HETATM 838 O O   . HOH E 2 .  ? -6.733  -0.092  -14.462 0.50 43.27  ? 147 HOH A O   1 
HETATM 839 O O   . HOH E 2 .  ? 8.712   -11.438 1.737   1.00 43.73  ? 148 HOH A O   1 
HETATM 840 O O   . HOH E 2 .  ? -7.781  -11.224 -4.549  0.50 20.38  ? 149 HOH A O   1 
HETATM 841 O O   . HOH E 2 .  ? -6.679  -2.156  -6.092  1.00 49.95  ? 150 HOH A O   1 
HETATM 842 O O   . HOH E 2 .  ? -10.701 -11.582 4.038   1.00 61.67  ? 151 HOH A O   1 
HETATM 843 O O   . HOH E 2 .  ? -6.559  -3.688  -7.952  1.00 56.70  ? 152 HOH A O   1 
HETATM 844 O O   . HOH E 2 .  ? -2.635  -10.670 -11.876 1.00 59.72  ? 153 HOH A O   1 
HETATM 845 O O   . HOH E 2 .  ? 4.235   2.174   -16.537 1.00 62.30  ? 154 HOH A O   1 
HETATM 846 O O   . HOH F 2 .  ? -8.878  -1.588  -4.539  1.00 20.17  ? 4   HOH B O   1 
HETATM 847 O O   . HOH F 2 .  ? -9.449  6.715   2.676   1.00 24.32  ? 8   HOH B O   1 
HETATM 848 O O   . HOH F 2 .  ? -7.183  9.553   -2.095  1.00 22.61  ? 9   HOH B O   1 
HETATM 849 O O   . HOH F 2 .  ? -11.946 5.571   1.180   1.00 22.21  ? 13  HOH B O   1 
HETATM 850 O O   . HOH F 2 .  ? -9.326  1.021   4.753   1.00 28.68  ? 25  HOH B O   1 
HETATM 851 O O   . HOH F 2 .  ? -8.896  5.565   4.812   1.00 39.33  ? 30  HOH B O   1 
HETATM 852 O O   . HOH F 2 .  ? -16.759 -10.649 6.043   1.00 26.51  ? 31  HOH B O   1 
HETATM 853 O O   . HOH F 2 .  ? -11.034 3.201   5.100   1.00 36.32  ? 32  HOH B O   1 
HETATM 854 O O   . HOH F 2 .  ? -5.229  4.616   2.690   1.00 33.88  ? 36  HOH B O   1 
HETATM 855 O O   . HOH F 2 .  ? -12.617 2.004   1.375   1.00 39.60  ? 37  HOH B O   1 
HETATM 856 O O   . HOH F 2 .  ? -3.067  14.667  -8.406  1.00 42.05  ? 44  HOH B O   1 
HETATM 857 O O   . HOH F 2 .  ? -12.389 12.513  -9.813  1.00 34.03  ? 46  HOH B O   1 
HETATM 858 O O   . HOH F 2 .  ? -5.923  14.092  -9.992  1.00 40.53  ? 49  HOH B O   1 
HETATM 859 O O   . HOH F 2 .  ? -5.858  5.545   4.695   1.00 49.74  ? 52  HOH B O   1 
HETATM 860 O O   . HOH F 2 .  ? -5.418  9.768   -15.715 1.00 36.80  ? 53  HOH B O   1 
HETATM 861 O O   . HOH F 2 .  ? -11.834 -1.190  -6.568  1.00 45.52  ? 54  HOH B O   1 
HETATM 862 O O   . HOH F 2 .  ? -16.165 -0.487  -1.574  1.00 35.22  ? 55  HOH B O   1 
HETATM 863 O O   . HOH F 2 .  ? -14.155 -5.272  -3.227  1.00 45.44  ? 58  HOH B O   1 
HETATM 864 O O   . HOH F 2 .  ? -14.683 -6.701  9.977   1.00 46.49  ? 59  HOH B O   1 
HETATM 865 O O   . HOH F 2 .  ? -11.505 4.627   -6.261  1.00 42.01  ? 60  HOH B O   1 
HETATM 866 O O   . HOH F 2 .  ? -17.321 -8.866  9.636   1.00 53.21  ? 61  HOH B O   1 
HETATM 867 O O   . HOH F 2 .  ? -2.400  13.404  -4.714  1.00 42.35  ? 62  HOH B O   1 
HETATM 868 O O   . HOH F 2 .  ? -4.560  3.631   4.651   1.00 43.32  ? 63  HOH B O   1 
HETATM 869 O O   . HOH F 2 .  ? -5.002  16.343  -3.283  0.50 29.80  ? 70  HOH B O   1 
HETATM 870 O O   . HOH F 2 .  ? -10.168 11.189  -3.015  1.00 36.97  ? 71  HOH B O   1 
HETATM 871 O O   . HOH F 2 .  ? -10.726 14.653  -8.236  1.00 45.88  ? 85  HOH B O   1 
HETATM 872 O O   . HOH F 2 .  ? -3.356  17.662  -5.558  1.00 59.72  ? 86  HOH B O   1 
HETATM 873 O O   . HOH F 2 .  ? 0.634   11.363  -8.083  1.00 56.65  ? 97  HOH B O   1 
HETATM 874 O O   . HOH F 2 .  ? -7.370  3.045   5.586   1.00 88.39  ? 106 HOH B O   1 
HETATM 875 O O   . HOH F 2 .  ? -5.345  14.391  -6.683  1.00 74.90  ? 108 HOH B O   1 
HETATM 876 O O   . HOH G 2 .  ? 3.118   -4.562  -9.583  1.00 18.47  ? 1   HOH C O   1 
HETATM 877 O O   . HOH G 2 .  ? 9.674   1.762   4.358   1.00 22.75  ? 2   HOH C O   1 
HETATM 878 O O   . HOH G 2 .  ? 9.699   0.477   -6.888  1.00 18.30  ? 7   HOH C O   1 
HETATM 879 O O   . HOH G 2 .  ? 10.987  -3.430  -4.124  1.00 30.02  ? 18  HOH C O   1 
HETATM 880 O O   . HOH G 2 .  ? 7.218   4.889   -11.498 1.00 23.26  ? 22  HOH C O   1 
HETATM 881 O O   . HOH G 2 .  ? 15.309  4.235   2.287   1.00 46.36  ? 28  HOH C O   1 
HETATM 882 O O   . HOH G 2 .  ? 13.401  6.566   -2.288  1.00 28.86  ? 29  HOH C O   1 
HETATM 883 O O   . HOH G 2 .  ? 5.466   -6.074  -1.835  1.00 38.02  ? 33  HOH C O   1 
HETATM 884 O O   . HOH G 2 .  ? 15.062  1.763   -2.392  1.00 38.30  ? 39  HOH C O   1 
HETATM 885 O O   . HOH G 2 .  ? 12.216  9.655   -10.147 1.00 38.60  ? 50  HOH C O   1 
HETATM 886 O O   . HOH G 2 .  ? 13.933  4.293   -1.137  1.00 31.01  ? 68  HOH C O   1 
HETATM 887 O O   . HOH G 2 .  ? 17.574  3.284   2.023   1.00 44.55  ? 74  HOH C O   1 
HETATM 888 O O   . HOH G 2 .  ? 6.113   -13.239 6.972   1.00 52.05  ? 76  HOH C O   1 
HETATM 889 O O   . HOH G 2 .  ? 3.221   -12.907 9.484   1.00 52.77  ? 78  HOH C O   1 
HETATM 890 O O   . HOH G 2 .  ? 12.958  11.888  -8.856  1.00 61.93  ? 81  HOH C O   1 
HETATM 891 O O   . HOH G 2 .  ? 5.249   -3.554  -2.705  1.00 34.23  ? 84  HOH C O   1 
HETATM 892 O O   . HOH G 2 .  ? 4.403   8.130   -10.568 1.00 54.10  ? 87  HOH C O   1 
HETATM 893 O O   . HOH G 2 .  ? 5.810   -14.079 9.089   1.00 54.02  ? 89  HOH C O   1 
HETATM 894 O O   . HOH G 2 .  ? 9.334   -1.752  -6.088  1.00 42.92  ? 96  HOH C O   1 
HETATM 895 O O   . HOH G 2 .  ? 12.207  2.850   5.235   1.00 56.73  ? 102 HOH C O   1 
HETATM 896 O O   . HOH G 2 .  ? 10.302  13.077  -2.807  1.00 62.94  ? 104 HOH C O   1 
HETATM 897 O O   . HOH G 2 .  ? 16.198  -2.532  9.507   1.00 69.93  ? 109 HOH C O   1 
HETATM 898 O O   . HOH G 2 .  ? 17.029  1.978   0.213   1.00 63.81  ? 112 HOH C O   1 
HETATM 899 O O   . HOH G 2 .  ? 10.486  -11.398 0.274   1.00 84.56  ? 113 HOH C O   1 
HETATM 900 O O   . HOH G 2 .  ? 3.806   10.587  -10.966 1.00 157.91 ? 114 HOH C O   1 
HETATM 901 O O   . HOH G 2 .  ? 15.850  -3.879  7.676   1.00 59.72  ? 115 HOH C O   1 
HETATM 902 O O   . HOH G 2 .  ? 8.920   -11.696 5.006   1.00 64.48  ? 117 HOH C O   1 
HETATM 903 O O   . HOH H 2 .  ? 6.053   3.902   7.359   1.00 19.31  ? 3   HOH D O   1 
HETATM 904 O O   . HOH H 2 .  ? 9.614   13.081  -0.074  1.00 26.10  ? 6   HOH D O   1 
HETATM 905 O O   . HOH H 2 .  ? -6.133  -4.757  13.133  1.00 33.09  ? 11  HOH D O   1 
HETATM 906 O O   . HOH H 2 .  ? 8.335   12.684  -3.926  1.00 23.24  ? 14  HOH D O   1 
HETATM 907 O O   . HOH H 2 .  ? 2.846   3.953   13.515  1.00 31.81  ? 17  HOH D O   1 
HETATM 908 O O   . HOH H 2 .  ? 4.346   -7.323  13.256  1.00 35.48  ? 20  HOH D O   1 
HETATM 909 O O   . HOH H 2 .  ? 10.244  -4.795  13.394  1.00 25.27  ? 24  HOH D O   1 
HETATM 910 O O   . HOH H 2 .  ? 9.979   16.326  -2.858  1.00 41.78  ? 34  HOH D O   1 
HETATM 911 O O   . HOH H 2 .  ? 3.555   0.782   16.182  1.00 34.83  ? 35  HOH D O   1 
HETATM 912 O O   . HOH H 2 .  ? -2.081  8.243   10.363  1.00 27.72  ? 38  HOH D O   1 
HETATM 913 O O   . HOH H 2 .  ? 10.077  15.119  1.724   1.00 32.64  ? 42  HOH D O   1 
HETATM 914 O O   . HOH H 2 .  ? 0.931   14.852  1.605   1.00 32.87  ? 45  HOH D O   1 
HETATM 915 O O   . HOH H 2 .  ? 7.807   14.737  2.352   1.00 30.61  ? 51  HOH D O   1 
HETATM 916 O O   . HOH H 2 .  ? -4.598  3.487   14.978  1.00 31.81  ? 66  HOH D O   1 
HETATM 917 O O   . HOH H 2 .  ? -4.368  1.581   11.678  1.00 31.70  ? 69  HOH D O   1 
HETATM 918 O O   . HOH H 2 .  ? -3.594  -5.268  21.054  1.00 47.19  ? 72  HOH D O   1 
HETATM 919 O O   . HOH H 2 .  ? 5.898   19.445  -0.624  1.00 41.92  ? 73  HOH D O   1 
HETATM 920 O O   . HOH H 2 .  ? -10.166 2.530   9.110   1.00 55.81  ? 75  HOH D O   1 
HETATM 921 O O   . HOH H 2 .  ? -2.128  -9.973  10.926  1.00 45.33  ? 80  HOH D O   1 
HETATM 922 O O   . HOH H 2 .  ? -7.948  2.961   9.526   0.50 67.84  ? 88  HOH D O   1 
HETATM 923 O O   . HOH H 2 .  ? 5.358   4.663   13.525  1.00 63.67  ? 90  HOH D O   1 
HETATM 924 O O   . HOH H 2 .  ? -8.963  -4.004  11.581  1.00 53.00  ? 91  HOH D O   1 
HETATM 925 O O   . HOH H 2 .  ? 8.315   5.837   7.932   1.00 36.17  ? 93  HOH D O   1 
HETATM 926 O O   . HOH H 2 .  ? 3.192   1.587   13.901  1.00 43.16  ? 98  HOH D O   1 
HETATM 927 O O   . HOH H 2 .  ? 3.141   18.785  1.005   1.00 77.65  ? 105 HOH D O   1 
HETATM 928 O O   . HOH H 2 .  ? -4.151  0.601   15.762  1.00 86.29  ? 110 HOH D O   1 
HETATM 929 O O   . HOH H 2 .  ? -0.803  15.582  -1.209  1.00 61.68  ? 111 HOH D O   1 
HETATM 930 O O   . HOH H 2 .  ? -9.101  4.232   7.995   1.00 65.89  ? 116 HOH D O   1 
HETATM 931 O O   . HOH H 2 .  ? 8.395   5.835   10.755  1.00 64.88  ? 118 HOH D O   1 
# 
loop_
_atom_site_anisotrop.id 
_atom_site_anisotrop.type_symbol 
_atom_site_anisotrop.pdbx_label_atom_id 
_atom_site_anisotrop.pdbx_label_alt_id 
_atom_site_anisotrop.pdbx_label_comp_id 
_atom_site_anisotrop.pdbx_label_asym_id 
_atom_site_anisotrop.pdbx_label_seq_id 
_atom_site_anisotrop.pdbx_PDB_ins_code 
_atom_site_anisotrop.U[1][1] 
_atom_site_anisotrop.U[2][2] 
_atom_site_anisotrop.U[3][3] 
_atom_site_anisotrop.U[1][2] 
_atom_site_anisotrop.U[1][3] 
_atom_site_anisotrop.U[2][3] 
_atom_site_anisotrop.pdbx_auth_seq_id 
_atom_site_anisotrop.pdbx_auth_comp_id 
_atom_site_anisotrop.pdbx_auth_asym_id 
_atom_site_anisotrop.pdbx_auth_atom_id 
1   C C   . ACE A 1  ? 0.3536 0.2830 0.2653 0.0565  0.0374  -0.0748 100 ACE A C   
2   O O   . ACE A 1  ? 0.3812 0.2605 0.2879 -0.0106 -0.0536 -0.0724 100 ACE A O   
3   C CH3 . ACE A 1  ? 0.5018 0.2835 0.4053 0.0264  0.2179  -0.0682 100 ACE A CH3 
4   N N   . TYR A 2  ? 0.2012 0.1841 0.2953 -0.0288 -0.0029 -0.0914 101 TYR A N   
5   C CA  . TYR A 2  ? 0.1775 0.1375 0.2107 -0.0003 -0.0229 -0.0095 101 TYR A CA  
6   C C   . TYR A 2  ? 0.1814 0.1501 0.2336 -0.0101 -0.0110 0.0627  101 TYR A C   
7   O O   . TYR A 2  ? 0.1742 0.1362 0.3141 -0.0009 -0.0109 0.0210  101 TYR A O   
8   C CB  . TYR A 2  ? 0.1871 0.1433 0.2230 -0.0377 -0.0407 -0.0241 101 TYR A CB  
9   C CG  . TYR A 2  ? 0.1772 0.1411 0.2186 -0.0016 -0.0325 -0.0224 101 TYR A CG  
10  C CD1 . TYR A 2  ? 0.1906 0.2589 0.2365 -0.0588 -0.0344 -0.0037 101 TYR A CD1 
11  C CD2 . TYR A 2  ? 0.1994 0.1406 0.2435 -0.0268 -0.0594 -0.0211 101 TYR A CD2 
12  C CE1 . TYR A 2  ? 0.1912 0.2934 0.2280 -0.0579 -0.0318 -0.0481 101 TYR A CE1 
13  C CE2 . TYR A 2  ? 0.1998 0.1784 0.2627 -0.0261 -0.0718 -0.0069 101 TYR A CE2 
14  C CZ  . TYR A 2  ? 0.1860 0.1317 0.2626 -0.0250 -0.0476 -0.0570 101 TYR A CZ  
15  O OH  . TYR A 2  ? 0.1817 0.2312 0.3355 -0.0356 -0.0463 -0.0640 101 TYR A OH  
16  N N   . ARG A 3  ? 0.1780 0.1458 0.3158 -0.0043 -0.0364 0.0502  102 ARG A N   
17  C CA  . ARG A 3  ? 0.1756 0.2020 0.2864 -0.0237 -0.0202 0.0928  102 ARG A CA  
18  C C   . ARG A 3  ? 0.1921 0.2283 0.2600 -0.0285 -0.0418 0.0921  102 ARG A C   
19  O O   . ARG A 3  ? 0.3207 0.2041 0.2888 -0.0905 -0.0996 0.0818  102 ARG A O   
20  C CB  . ARG A 3  ? 0.2337 0.2137 0.2455 -0.0761 -0.0089 0.0976  102 ARG A CB  
21  C CG  . ARG A 3  ? 0.2595 0.2533 0.3284 -0.0191 0.0532  0.0643  102 ARG A CG  
22  C CD  . ARG A 3  ? 0.2288 0.2525 0.3199 -0.0302 0.0264  0.0701  102 ARG A CD  
23  N NE  . ARG A 3  ? 0.2998 0.2513 0.2408 -0.0320 -0.0086 0.0522  102 ARG A NE  
24  C CZ  . ARG A 3  ? 0.2162 0.2575 0.3101 0.0011  0.0345  0.0205  102 ARG A CZ  
25  N NH1 . ARG A 3  ? 0.4171 0.3145 0.8199 -0.0489 -0.1576 -0.0971 102 ARG A NH1 
26  N NH2 . ARG A 3  ? 0.2406 0.3865 0.4087 0.1140  0.0615  0.0553  102 ARG A NH2 
27  N N   . ILE A 4  ? 0.2048 0.1756 0.3419 -0.0078 0.0178  0.1126  103 ILE A N   
28  C CA  . ILE A 4  ? 0.2052 0.1831 0.3197 -0.0351 -0.0200 0.0452  103 ILE A CA  
29  C C   . ILE A 4  ? 0.1816 0.2192 0.3590 -0.0399 -0.0123 0.1089  103 ILE A C   
30  O O   . ILE A 4  ? 0.2076 0.2228 0.3993 -0.0641 -0.0492 0.1096  103 ILE A O   
31  C CB  . ILE A 4  ? 0.2193 0.2085 0.3785 -0.0061 -0.0452 0.0202  103 ILE A CB  
32  C CG1 . ILE A 4  ? 0.2884 0.1653 0.3330 -0.0201 -0.0104 -0.0175 103 ILE A CG1 
33  C CG2 . ILE A 4  ? 0.1824 0.2746 0.4213 -0.0223 -0.0404 -0.0518 103 ILE A CG2 
34  C CD1 . ILE A 4  ? 0.3836 0.1840 0.3597 0.0067  -0.1334 -0.0129 103 ILE A CD1 
35  N N   . DPR A 5  ? 0.2168 0.2398 0.2404 -0.0536 0.0033  0.0844  104 DPR A N   
36  C CA  . DPR A 5  ? 0.2921 0.2121 0.2755 -0.0645 -0.0484 0.1041  104 DPR A CA  
37  C CB  . DPR A 5  ? 0.2984 0.2742 0.2553 -0.0825 -0.0669 0.1302  104 DPR A CB  
38  C CG  . DPR A 5  ? 0.3005 0.2299 0.3586 -0.0686 -0.0846 0.1004  104 DPR A CG  
39  C CD  . DPR A 5  ? 0.3576 0.2313 0.2502 -0.0704 -0.0889 0.0806  104 DPR A CD  
40  C C   . DPR A 5  ? 0.3851 0.2545 0.2525 -0.1449 -0.0737 0.1407  104 DPR A C   
41  O O   . DPR A 5  ? 0.4395 0.1804 0.2501 -0.1034 -0.0325 0.0831  104 DPR A O   
42  N N   . SER A 6  ? 0.4702 0.2971 0.2859 -0.2113 -0.1456 0.2112  105 SER A N   
43  C CA  . SER A 6  ? 0.5513 0.2600 0.3097 -0.2235 -0.1618 0.1678  105 SER A CA  
44  C C   . SER A 6  ? 0.5913 0.2336 0.2491 -0.2079 -0.1390 0.1332  105 SER A C   
45  O O   . SER A 6  ? 0.8795 0.2594 0.2613 -0.2738 -0.2301 0.1120  105 SER A O   
46  C CB  . SER A 6  ? 0.5172 0.2980 0.3520 -0.2352 -0.1381 0.1642  105 SER A CB  
47  O OG  . SER A 6  ? 0.4583 0.4737 0.6301 -0.2253 0.0177  0.1272  105 SER A OG  
48  N N   . TYR A 7  ? 0.3403 0.2343 0.2669 -0.1247 -0.0610 0.1121  106 TYR A N   
49  C CA  . TYR A 7  ? 0.2303 0.2282 0.3056 -0.0921 -0.0534 0.1254  106 TYR A CA  
50  C C   . TYR A 7  ? 0.2210 0.2053 0.2940 -0.0818 -0.0572 0.0971  106 TYR A C   
51  O O   . TYR A 7  ? 0.2316 0.2386 0.3850 -0.0779 -0.1168 0.1913  106 TYR A O   
52  C CB  . TYR A 7  ? 0.2285 0.2728 0.2812 -0.0704 -0.0381 0.1246  106 TYR A CB  
53  C CG  . TYR A 7  ? 0.2092 0.2803 0.1995 -0.0142 0.0411  0.0976  106 TYR A CG  
54  C CD1 . TYR A 7  ? 0.2865 0.2568 0.2957 0.0074  -0.0521 0.0608  106 TYR A CD1 
55  C CD2 . TYR A 7  ? 0.2644 0.2050 0.3476 -0.0110 0.0061  0.1099  106 TYR A CD2 
56  C CE1 . TYR A 7  ? 0.3562 0.2429 0.2284 0.0587  -0.0471 0.0151  106 TYR A CE1 
57  C CE2 . TYR A 7  ? 0.3798 0.2739 0.3614 -0.0380 -0.0327 0.1582  106 TYR A CE2 
58  C CZ  . TYR A 7  ? 0.3587 0.3151 0.2884 0.0407  0.0158  0.1347  106 TYR A CZ  
59  O OH  . TYR A 7  ? 0.4743 0.3336 0.3069 0.0791  0.0295  0.1503  106 TYR A OH  
60  N N   . ASP A 8  ? 0.2933 0.2161 0.3027 -0.0670 -0.0235 0.1130  107 ASP A N   
61  C CA  . ASP A 8  ? 0.3639 0.1157 0.4735 -0.0280 0.1371  0.0298  107 ASP A CA  
62  C C   . ASP A 8  ? 0.2730 0.1147 0.3144 0.0011  0.0714  0.0470  107 ASP A C   
63  O O   . ASP A 8  ? 0.2041 0.1369 0.2860 -0.0086 -0.0246 0.0452  107 ASP A O   
64  C CB  . ASP A 8  ? 0.5930 0.1982 0.5946 -0.0361 0.2173  -0.1073 107 ASP A CB  
65  C CG  . ASP A 8  ? 0.8331 0.3254 0.4666 -0.0500 0.1228  -0.0659 107 ASP A CG  
66  O OD1 . ASP A 8  ? 0.9809 0.2693 0.8027 -0.1432 -0.0838 -0.0084 107 ASP A OD1 
67  O OD2 . ASP A 8  ? 0.8779 0.2662 0.1598 0.0056  0.0201  -0.0364 107 ASP A OD2 
68  N N   . PHE A 9  ? 0.2421 0.1583 0.2823 -0.0560 0.0429  0.0936  108 PHE A N   
69  C CA  . PHE A 9  ? 0.2213 0.1611 0.2278 -0.0291 0.0420  0.0619  108 PHE A CA  
70  C C   . PHE A 9  ? 0.1897 0.1371 0.2173 -0.0370 -0.0015 0.0792  108 PHE A C   
71  O O   . PHE A 9  ? 0.1985 0.1434 0.1908 -0.0240 0.0019  0.0679  108 PHE A O   
72  C CB  . PHE A 9  ? 0.1871 0.2616 0.2329 0.0216  0.0289  0.0505  108 PHE A CB  
73  C CG  . PHE A 9  ? 0.2054 0.2760 0.1867 -0.0024 -0.0383 0.0362  108 PHE A CG  
74  C CD1 . PHE A 9  ? 0.2221 0.3825 0.2483 -0.0128 -0.0523 -0.0212 108 PHE A CD1 
75  C CD2 . PHE A 9  ? 0.2166 0.2295 0.1897 -0.0115 -0.0077 0.0409  108 PHE A CD2 
76  C CE1 . PHE A 9  ? 0.2258 0.3869 0.2303 -0.0729 -0.0214 -0.0039 108 PHE A CE1 
77  C CE2 . PHE A 9  ? 0.2625 0.2646 0.1828 -0.0164 -0.0314 -0.0406 108 PHE A CE2 
78  C CZ  . PHE A 9  ? 0.2670 0.3278 0.2180 -0.0715 -0.0173 0.0069  108 PHE A CZ  
79  N N   . DAL A 10 ? 0.1828 0.1861 0.2165 -0.0324 -0.0262 0.0971  109 DAL A N   
80  C CA  . DAL A 10 ? 0.1980 0.1930 0.2093 -0.0329 0.0011  0.0555  109 DAL A CA  
81  C CB  . DAL A 10 ? 0.1919 0.1851 0.2059 -0.0310 0.0161  0.0437  109 DAL A CB  
82  C C   . DAL A 10 ? 0.1827 0.1478 0.2201 -0.0415 -0.0184 0.0711  109 DAL A C   
83  O O   . DAL A 10 ? 0.2215 0.1345 0.2197 -0.0363 0.0349  0.0535  109 DAL A O   
84  N N   . ASP A 11 ? 0.1982 0.1138 0.2419 -0.0119 -0.0366 0.0719  110 ASP A N   
85  C CA  . ASP A 11 ? 0.2164 0.1591 0.2410 0.0244  -0.0391 0.0324  110 ASP A CA  
86  C C   . ASP A 11 ? 0.1770 0.1247 0.1782 -0.0088 -0.0232 0.0277  110 ASP A C   
87  O O   . ASP A 11 ? 0.2213 0.1717 0.1757 0.0080  0.0017  0.0396  110 ASP A O   
88  C CB  . ASP A 11 ? 0.3472 0.1545 0.3880 0.0960  -0.0949 -0.0737 110 ASP A CB  
89  C CG  . ASP A 11 ? 0.5800 0.4068 0.3532 0.1946  -0.0387 -0.1407 110 ASP A CG  
90  O OD1 . ASP A 11 ? 0.7264 0.6529 0.2276 0.5335  0.1619  0.1660  110 ASP A OD1 
91  O OD2 . ASP A 11 ? 0.9857 0.6853 0.3355 0.3277  -0.0993 -0.1073 110 ASP A OD2 
92  N N   . GLU A 12 ? 0.1994 0.1355 0.1639 -0.0002 -0.0172 0.0316  111 GLU A N   
93  C CA  . GLU A 12 ? 0.1820 0.1258 0.1693 -0.0082 -0.0092 0.0316  111 GLU A CA  
94  C C   . GLU A 12 ? 0.2149 0.1282 0.0986 -0.0184 0.0301  0.0164  111 GLU A C   
95  O O   . GLU A 12 ? 0.2255 0.1305 0.1555 -0.0301 0.0123  0.0396  111 GLU A O   
96  C CB  . GLU A 12 ? 0.1738 0.1650 0.2583 -0.0459 0.0188  0.0055  111 GLU A CB  
97  C CG  . GLU A 12 ? 0.2547 0.2142 0.2797 -0.1058 -0.0332 0.0231  111 GLU A CG  
98  C CD  . GLU A 12 ? 0.2893 0.2989 0.3507 -0.0117 -0.1539 0.0007  111 GLU A CD  
99  O OE1 . GLU A 12 ? 0.5886 0.3417 0.3262 -0.0051 -0.1729 -0.0339 111 GLU A OE1 
100 O OE2 . GLU A 12 ? 0.2609 0.3721 0.4645 0.0168  -0.1209 0.0805  111 GLU A OE2 
101 N N   . LEU A 13 ? 0.2030 0.1391 0.1414 -0.0233 0.0166  0.0131  112 LEU A N   
102 C CA  . LEU A 13 ? 0.2000 0.1540 0.1106 -0.0301 0.0145  0.0355  112 LEU A CA  
103 C C   . LEU A 13 ? 0.2388 0.1561 0.1281 -0.0009 0.0429  0.0468  112 LEU A C   
104 O O   . LEU A 13 ? 0.2955 0.1384 0.1176 -0.0354 0.0378  0.0358  112 LEU A O   
105 C CB  A LEU A 13 ? 0.2242 0.2248 0.1209 -0.0800 0.0037  0.0349  112 LEU A CB  
106 C CB  B LEU A 13 ? 0.2064 0.2409 0.1269 -0.0532 0.0111  -0.0014 112 LEU A CB  
107 C CG  A LEU A 13 ? 0.2295 0.2325 0.2240 -0.0839 -0.0408 0.0248  112 LEU A CG  
108 C CG  B LEU A 13 ? 0.2456 0.2057 0.2221 -0.0837 -0.0457 -0.0132 112 LEU A CG  
109 C CD1 A LEU A 13 ? 0.2886 0.2727 0.3777 -0.0066 0.0861  -0.0659 112 LEU A CD1 
110 C CD1 B LEU A 13 ? 0.4059 0.2600 0.2562 0.0685  0.1530  0.0345  112 LEU A CD1 
111 C CD2 A LEU A 13 ? 0.3945 0.4538 0.1995 -0.2098 -0.0496 -0.0246 112 LEU A CD2 
112 C CD2 B LEU A 13 ? 0.3753 0.1926 0.2290 0.0939  0.0755  0.0817  112 LEU A CD2 
113 N N   . ALA A 14 ? 0.1572 0.1590 0.1526 -0.0235 0.0096  0.0248  113 ALA A N   
114 C CA  . ALA A 14 ? 0.2245 0.1996 0.1113 0.0027  0.0090  -0.0011 113 ALA A CA  
115 C C   . ALA A 14 ? 0.2237 0.2175 0.1603 -0.0205 -0.0058 0.0542  113 ALA A C   
116 O O   . ALA A 14 ? 0.2689 0.1818 0.1441 0.0066  0.0230  0.0361  113 ALA A O   
117 C CB  . ALA A 14 ? 0.1616 0.2100 0.1946 -0.0003 0.0233  0.0155  113 ALA A CB  
118 N N   . LYS A 15 ? 0.1938 0.2235 0.1125 0.0096  0.0300  -0.0035 114 LYS A N   
119 C CA  . LYS A 15 ? 0.2518 0.1640 0.1623 -0.0234 -0.0251 0.0103  114 LYS A CA  
120 C C   . LYS A 15 ? 0.2893 0.1822 0.1354 -0.0001 0.0084  0.0254  114 LYS A C   
121 O O   . LYS A 15 ? 0.3042 0.1912 0.1451 -0.0281 -0.0144 0.0439  114 LYS A O   
122 C CB  . LYS A 15 ? 0.2285 0.2054 0.1853 -0.0257 -0.0073 0.0354  114 LYS A CB  
123 C CG  . LYS A 15 ? 0.3613 0.1840 0.2604 -0.0720 0.0079  0.0043  114 LYS A CG  
124 C CD  . LYS A 15 ? 0.3801 0.2327 0.4109 -0.1168 0.0613  -0.0497 114 LYS A CD  
125 C CE  . LYS A 15 ? 0.3729 0.4406 0.4253 -0.0780 0.0782  0.0055  114 LYS A CE  
126 N NZ  . LYS A 15 ? 0.5155 0.6110 0.4771 0.0221  0.0506  0.0805  114 LYS A NZ  
127 N N   . LEU A 16 ? 0.2071 0.1930 0.1468 0.0149  0.0183  0.0337  115 LEU A N   
128 C CA  . LEU A 16 ? 0.2375 0.1880 0.1457 -0.0068 0.0290  0.0218  115 LEU A CA  
129 C C   . LEU A 16 ? 0.2500 0.1983 0.1332 0.0033  0.0174  0.0623  115 LEU A C   
130 O O   . LEU A 16 ? 0.2878 0.2172 0.1583 0.0239  0.0246  0.0811  115 LEU A O   
131 C CB  . LEU A 16 ? 0.2796 0.2769 0.1891 0.0128  0.0934  -0.0033 115 LEU A CB  
132 C CG  . LEU A 16 ? 0.3568 0.2894 0.2313 0.1385  0.0973  -0.0204 115 LEU A CG  
133 C CD1 . LEU A 16 ? 0.2396 0.3149 0.5970 0.0377  -0.0589 -0.0682 115 LEU A CD1 
134 C CD2 . LEU A 16 ? 0.6572 0.5447 0.2572 0.1888  0.1883  -0.1265 115 LEU A CD2 
135 N N   . LEU A 17 ? 0.2338 0.1426 0.1099 -0.0034 0.0215  0.0001  116 LEU A N   
136 C CA  . LEU A 17 ? 0.2552 0.1400 0.1164 0.0045  0.0339  0.0187  116 LEU A CA  
137 C C   . LEU A 17 ? 0.3256 0.1209 0.1092 -0.0140 0.0149  0.0303  116 LEU A C   
138 O O   . LEU A 17 ? 0.2856 0.1368 0.1490 -0.0075 0.0340  0.0497  116 LEU A O   
139 C CB  . LEU A 17 ? 0.2416 0.1705 0.1274 -0.0288 0.0090  0.0173  116 LEU A CB  
140 C CG  . LEU A 17 ? 0.2436 0.1455 0.1336 0.0065  0.0148  -0.0064 116 LEU A CG  
141 C CD1 . LEU A 17 ? 0.1861 0.1764 0.1772 -0.0349 -0.0078 0.0247  116 LEU A CD1 
142 C CD2 . LEU A 17 ? 0.1937 0.1734 0.2112 -0.0216 0.0291  -0.0444 116 LEU A CD2 
143 N N   A ARG A 18 ? 0.3544 0.1334 0.1178 -0.0051 0.0341  0.0133  117 ARG A N   
144 N N   B ARG A 18 ? 0.3520 0.1313 0.1179 0.0041  0.0311  0.0132  117 ARG A N   
145 C CA  A ARG A 18 ? 0.3523 0.1519 0.1211 -0.0241 0.0208  0.0079  117 ARG A CA  
146 C CA  B ARG A 18 ? 0.3543 0.1496 0.1193 -0.0179 0.0233  0.0124  117 ARG A CA  
147 C C   A ARG A 18 ? 0.3703 0.1590 0.1096 -0.0105 0.0341  0.0200  117 ARG A C   
148 C C   B ARG A 18 ? 0.3722 0.1484 0.1157 -0.0138 0.0286  0.0323  117 ARG A C   
149 O O   A ARG A 18 ? 0.4222 0.1437 0.1730 0.0439  0.0989  0.0397  117 ARG A O   
150 O O   B ARG A 18 ? 0.4153 0.2281 0.0691 -0.0954 -0.0325 0.0287  117 ARG A O   
151 C CB  A ARG A 18 ? 0.3981 0.1491 0.1022 -0.0213 -0.0071 0.0166  117 ARG A CB  
152 C CB  B ARG A 18 ? 0.3899 0.1492 0.0768 -0.0143 -0.0298 0.0178  117 ARG A CB  
153 C CG  A ARG A 18 ? 0.3954 0.1858 0.1080 -0.0454 -0.0383 0.0132  117 ARG A CG  
154 C CG  B ARG A 18 ? 0.4291 0.1755 0.0962 -0.0278 0.0111  0.0070  117 ARG A CG  
155 C CD  A ARG A 18 ? 0.4560 0.1538 0.1230 -0.0529 0.0433  0.0450  117 ARG A CD  
156 C CD  B ARG A 18 ? 0.5498 0.1862 0.1096 -0.0495 0.0390  -0.0162 117 ARG A CD  
157 N NE  A ARG A 18 ? 0.4451 0.1551 0.1781 -0.0487 0.0725  0.0226  117 ARG A NE  
158 N NE  B ARG A 18 ? 0.6678 0.1796 0.1844 -0.1072 0.1453  -0.0904 117 ARG A NE  
159 C CZ  A ARG A 18 ? 0.3791 0.1148 0.1746 -0.0576 -0.0364 -0.0134 117 ARG A CZ  
160 C CZ  B ARG A 18 ? 0.7486 0.1399 0.1566 -0.1130 0.2177  -0.1559 117 ARG A CZ  
161 N NH1 A ARG A 18 ? 0.1789 0.1662 0.2366 -0.0041 0.0272  0.0548  117 ARG A NH1 
162 N NH1 B ARG A 18 ? 0.7711 0.0959 0.3997 -0.1521 0.0592  -0.1618 117 ARG A NH1 
163 N NH2 A ARG A 18 ? 0.2560 0.1929 0.2206 -0.0203 0.0118  -0.0492 117 ARG A NH2 
164 N NH2 B ARG A 18 ? 0.7282 0.2522 0.3389 -0.2191 0.2021  -0.1673 117 ARG A NH2 
165 N N   . GLN A 19 ? 0.3535 0.1471 0.1413 -0.0179 0.0114  0.0227  118 GLN A N   
166 C CA  . GLN A 19 ? 0.3870 0.2031 0.1427 0.0075  -0.0225 0.0156  118 GLN A CA  
167 C C   . GLN A 19 ? 0.4660 0.1922 0.1190 0.0561  0.0239  0.0239  118 GLN A C   
168 O O   . GLN A 19 ? 0.5418 0.2735 0.1880 0.0838  0.0303  0.0994  118 GLN A O   
169 C CB  . GLN A 19 ? 0.3508 0.2612 0.2353 0.0332  -0.0293 0.0584  118 GLN A CB  
170 C CG  . GLN A 19 ? 0.4645 0.2708 0.3731 -0.0952 -0.1122 0.0122  118 GLN A CG  
171 C CD  . GLN A 19 ? 0.4490 0.4234 0.5970 -0.1482 -0.1188 -0.0252 118 GLN A CD  
172 O OE1 . GLN A 19 ? 0.4813 0.5192 0.8758 -0.0997 0.1760  -0.1687 118 GLN A OE1 
173 N NE2 . GLN A 19 ? 0.5058 0.3203 0.7921 -0.0538 -0.4110 0.0553  118 GLN A NE2 
174 N N   . ALA A 20 ? 0.4173 0.1911 0.1845 -0.0103 0.0008  0.0070  119 ALA A N   
175 C CA  . ALA A 20 ? 0.4285 0.1812 0.1485 0.0389  0.0239  0.0263  119 ALA A CA  
176 C C   . ALA A 20 ? 0.3799 0.1826 0.1989 0.0296  -0.0085 0.0632  119 ALA A C   
177 O O   . ALA A 20 ? 0.5573 0.1972 0.3119 0.0435  0.0345  0.1202  119 ALA A O   
178 C CB  . ALA A 20 ? 0.4671 0.1629 0.1783 -0.0011 -0.0210 0.0210  119 ALA A CB  
179 N N   . DBZ A 21 ? 0.3905 0.2410 0.1561 0.0251  0.0121  0.0404  120 DBZ A N   
180 C CA  . DBZ A 21 ? 0.3918 0.2292 0.1686 -0.0034 -0.0049 0.0481  120 DBZ A CA  
181 C CB  . DBZ A 21 ? 0.3689 0.1731 0.2042 -0.0485 -0.0217 0.0471  120 DBZ A CB  
182 N NG  . DBZ A 21 ? 0.3776 0.1557 0.2078 0.0139  -0.0277 0.0379  120 DBZ A NG  
183 C CD2 . DBZ A 21 ? 0.3354 0.1520 0.1968 0.0139  0.0333  0.0206  120 DBZ A CD2 
184 O OD2 . DBZ A 21 ? 0.4391 0.1933 0.2138 -0.0290 0.0172  0.0480  120 DBZ A OD2 
185 C C1  . DBZ A 21 ? 0.3545 0.1331 0.2074 0.0099  0.0022  0.0333  120 DBZ A C1  
186 C C2  . DBZ A 21 ? 0.4223 0.1349 0.2693 -0.0212 0.0224  -0.0506 120 DBZ A C2  
187 C C6  . DBZ A 21 ? 0.3929 0.2009 0.1888 -0.0041 0.0155  0.0280  120 DBZ A C6  
188 C C3  . DBZ A 21 ? 0.3805 0.1659 0.2642 -0.0013 -0.0103 -0.0040 120 DBZ A C3  
189 C C5  . DBZ A 21 ? 0.4066 0.1740 0.2021 -0.0103 0.0207  -0.0097 120 DBZ A C5  
190 C C4  . DBZ A 21 ? 0.3991 0.1185 0.2694 0.0151  0.0116  -0.0204 120 DBZ A C4  
191 C C   . DBZ A 21 ? 0.3715 0.2105 0.1581 -0.0018 0.0151  0.0590  120 DBZ A C   
192 O O   . DBZ A 21 ? 0.4229 0.3681 0.2164 -0.0249 0.0769  0.0355  120 DBZ A O   
193 N N   A GLY A 22 ? 0.4416 0.2882 0.1998 -0.0986 0.0145  0.0110  121 GLY A N   
194 N N   B GLY A 22 ? 0.4250 0.2962 0.1594 -0.0837 0.0059  0.0519  121 GLY A N   
195 C CA  A GLY A 22 ? 0.4274 0.3570 0.1951 -0.0757 0.0030  0.0230  121 GLY A CA  
196 C CA  B GLY A 22 ? 0.4322 0.2974 0.1639 -0.0606 -0.0104 0.0737  121 GLY A CA  
197 C C   A GLY A 22 ? 0.4445 0.3777 0.2084 -0.0334 0.0414  0.0351  121 GLY A C   
198 C C   B GLY A 22 ? 0.3836 0.3200 0.1352 -0.0441 0.0150  0.0437  121 GLY A C   
199 O O   A GLY A 22 ? 0.6004 0.5103 0.3279 0.1145  0.1836  0.1699  121 GLY A O   
201 N N   A NH2 A 23 ? 0.6137 0.2832 0.4093 -0.0249 0.2473  0.1078  122 NH2 A N   
202 N N   B NH2 A 23 ? 0.3966 0.2797 0.1367 -0.1381 -0.0135 0.0364  122 NH2 A N   
203 C C   . ACE B 1  ? 0.3631 0.1601 0.3306 -0.0469 0.0406  0.0034  200 ACE B C   
204 O O   . ACE B 1  ? 0.4611 0.2125 0.6143 -0.0697 0.0557  0.1842  200 ACE B O   
205 C CH3 . ACE B 1  ? 0.4384 0.3054 0.3462 0.0709  0.0633  -0.0131 200 ACE B CH3 
206 N N   . TYR B 2  ? 0.3872 0.1409 0.2699 -0.0539 0.0895  -0.0353 201 TYR B N   
207 C CA  . TYR B 2  ? 0.3980 0.2141 0.1686 -0.0108 0.0876  0.0201  201 TYR B CA  
208 C C   . TYR B 2  ? 0.3388 0.2035 0.1764 -0.0208 0.0713  0.0253  201 TYR B C   
209 O O   . TYR B 2  ? 0.3578 0.2129 0.2325 -0.0445 -0.0162 0.0616  201 TYR B O   
210 C CB  . TYR B 2  ? 0.3802 0.2252 0.1981 -0.0703 0.0263  0.0346  201 TYR B CB  
211 C CG  . TYR B 2  ? 0.3936 0.2541 0.2072 -0.1205 0.0263  0.0185  201 TYR B CG  
212 C CD1 . TYR B 2  ? 0.3384 0.2444 0.2972 -0.0567 -0.0045 -0.0030 201 TYR B CD1 
213 C CD2 . TYR B 2  ? 0.3818 0.3101 0.1584 -0.1072 -0.0007 0.0243  201 TYR B CD2 
214 C CE1 . TYR B 2  ? 0.3503 0.2530 0.3060 -0.0691 -0.0290 -0.0110 201 TYR B CE1 
215 C CE2 . TYR B 2  ? 0.3836 0.2725 0.1690 -0.0937 -0.0171 0.0281  201 TYR B CE2 
216 C CZ  . TYR B 2  ? 0.4129 0.2357 0.2144 -0.1069 -0.0246 0.0371  201 TYR B CZ  
217 O OH  . TYR B 2  ? 0.3813 0.3365 0.2379 -0.0244 -0.0989 -0.0153 201 TYR B OH  
218 N N   . ARG B 3  ? 0.3310 0.2606 0.1672 -0.0862 0.0462  0.0349  202 ARG B N   
219 C CA  . ARG B 3  ? 0.3081 0.2429 0.1762 0.0025  0.0397  0.0081  202 ARG B CA  
220 C C   . ARG B 3  ? 0.3071 0.2375 0.1955 -0.0498 0.0457  -0.0061 202 ARG B C   
221 O O   . ARG B 3  ? 0.2578 0.3068 0.2095 -0.0241 -0.0376 0.0160  202 ARG B O   
222 C CB  . ARG B 3  ? 0.3207 0.3327 0.2880 0.0154  0.0024  0.0672  202 ARG B CB  
223 C CG  . ARG B 3  ? 0.3035 0.3949 0.4501 0.0624  0.0528  0.0915  202 ARG B CG  
224 C CD  . ARG B 3  ? 0.3497 0.6214 0.4597 0.1071  0.0257  0.1043  202 ARG B CD  
225 N NE  . ARG B 3  ? 0.3177 0.7883 0.4818 0.0572  -0.0230 0.1356  202 ARG B NE  
226 C CZ  . ARG B 3  ? 0.2640 0.7656 0.5302 0.1870  -0.0004 0.1667  202 ARG B CZ  
227 N NH1 . ARG B 3  ? 0.4307 0.6271 0.7506 0.0238  -0.2798 0.2175  202 ARG B NH1 
228 N NH2 . ARG B 3  ? 0.5414 0.9168 0.4175 0.0401  -0.0795 0.1596  202 ARG B NH2 
229 N N   . ILE B 4  ? 0.3492 0.1992 0.1585 -0.0283 0.0519  0.0200  203 ILE B N   
230 C CA  . ILE B 4  ? 0.2868 0.2462 0.1784 0.0011  0.0363  0.0223  203 ILE B CA  
231 C C   . ILE B 4  ? 0.2791 0.1919 0.1622 -0.0438 0.0434  0.0372  203 ILE B C   
232 O O   . ILE B 4  ? 0.2827 0.1749 0.2390 -0.0253 0.0141  0.0389  203 ILE B O   
233 C CB  . ILE B 4  ? 0.3827 0.2954 0.2271 0.0704  0.0498  0.0468  203 ILE B CB  
234 C CG1 . ILE B 4  ? 0.3800 0.2739 0.3330 0.0551  -0.0394 0.0134  203 ILE B CG1 
235 C CG2 . ILE B 4  ? 0.2802 0.2153 0.3506 0.0183  0.0905  0.0495  203 ILE B CG2 
236 C CD1 . ILE B 4  ? 0.3163 0.2377 0.5546 0.0087  -0.0858 0.0272  203 ILE B CD1 
237 N N   . DPR B 5  ? 0.3590 0.2146 0.2183 -0.0867 -0.0090 0.0585  204 DPR B N   
238 C CA  . DPR B 5  ? 0.4143 0.2074 0.2272 -0.0813 -0.0263 0.0891  204 DPR B CA  
239 C CB  . DPR B 5  ? 0.4638 0.1877 0.2848 -0.0427 0.0005  0.0421  204 DPR B CB  
240 C CG  . DPR B 5  ? 0.5908 0.1955 0.2768 -0.1191 -0.0985 0.0397  204 DPR B CG  
241 C CD  . DPR B 5  ? 0.4420 0.2462 0.2635 -0.1538 -0.0259 0.0878  204 DPR B CD  
242 C C   . DPR B 5  ? 0.3776 0.1383 0.2642 0.0227  -0.0211 0.0567  204 DPR B C   
243 O O   . DPR B 5  ? 0.5086 0.2366 0.2719 -0.0496 0.0314  0.0298  204 DPR B O   
244 N N   . SER B 6  ? 0.3296 0.2983 0.2917 -0.0113 -0.0158 0.0182  205 SER B N   
245 C CA  . SER B 6  ? 0.3192 0.4563 0.2206 0.0319  -0.0364 0.0901  205 SER B CA  
246 C C   . SER B 6  ? 0.2929 0.5331 0.2004 0.0054  -0.0737 0.1325  205 SER B C   
247 O O   . SER B 6  ? 0.3329 0.6256 0.3425 0.0454  0.0094  0.2009  205 SER B O   
248 C CB  . SER B 6  ? 0.3055 0.6933 0.2236 0.1763  -0.0574 0.1445  205 SER B CB  
249 O OG  . SER B 6  ? 0.3588 0.8094 0.2768 -0.1210 0.0083  -0.0442 205 SER B OG  
250 N N   . TYR B 7  ? 0.3104 0.4281 0.1934 -0.0178 -0.0475 0.0971  206 TYR B N   
251 C CA  . TYR B 7  ? 0.3943 0.3648 0.1686 -0.0187 0.0014  0.0507  206 TYR B CA  
252 C C   . TYR B 7  ? 0.3794 0.3081 0.1721 -0.0174 0.0107  0.0535  206 TYR B C   
253 O O   . TYR B 7  ? 0.3830 0.2428 0.1923 0.0042  -0.0182 0.0722  206 TYR B O   
254 C CB  . TYR B 7  ? 0.4873 0.4130 0.1537 0.0560  -0.0209 0.0236  206 TYR B CB  
255 C CG  . TYR B 7  ? 0.5298 0.4068 0.2935 0.0615  -0.0117 0.0490  206 TYR B CG  
256 C CD1 . TYR B 7  ? 0.5018 0.3785 0.3339 0.1145  -0.0166 0.0201  206 TYR B CD1 
257 C CD2 . TYR B 7  ? 0.4965 0.3188 0.2680 0.1070  0.0329  0.0469  206 TYR B CD2 
258 C CE1 . TYR B 7  ? 0.4983 0.3712 0.4366 0.1252  0.0353  0.0332  206 TYR B CE1 
259 C CE2 . TYR B 7  ? 0.4802 0.3157 0.3923 0.1321  0.0619  0.0647  206 TYR B CE2 
260 C CZ  . TYR B 7  ? 0.4507 0.2713 0.3852 0.1973  0.1161  0.0169  206 TYR B CZ  
261 O OH  . TYR B 7  ? 0.5919 0.3795 0.5458 -0.0202 0.0587  0.1517  206 TYR B OH  
262 N N   . ASP B 8  ? 0.3606 0.2769 0.1836 0.0313  0.0131  0.0580  207 ASP B N   
263 C CA  . ASP B 8  ? 0.3118 0.2490 0.1742 0.0128  0.0103  0.0864  207 ASP B CA  
264 C C   . ASP B 8  ? 0.2861 0.2228 0.1997 0.0091  0.0050  0.0635  207 ASP B C   
265 O O   . ASP B 8  ? 0.2781 0.2320 0.2196 -0.0119 -0.0513 0.0867  207 ASP B O   
266 C CB  . ASP B 8  ? 0.2859 0.2703 0.1703 0.0116  -0.0229 0.0356  207 ASP B CB  
267 C CG  . ASP B 8  ? 0.3157 0.1437 0.1942 -0.0187 0.0000  0.0503  207 ASP B CG  
268 O OD1 . ASP B 8  ? 0.3437 0.2615 0.1683 0.0174  -0.0160 -0.0070 207 ASP B OD1 
269 O OD2 . ASP B 8  ? 0.4670 0.2383 0.2757 0.1366  -0.0500 0.0175  207 ASP B OD2 
270 N N   . PHE B 9  ? 0.2875 0.2762 0.1985 -0.0301 -0.0417 0.0552  208 PHE B N   
271 C CA  . PHE B 9  ? 0.2561 0.2834 0.2051 0.0101  0.0278  0.0644  208 PHE B CA  
272 C C   . PHE B 9  ? 0.2466 0.2244 0.1867 -0.0583 -0.0192 0.0476  208 PHE B C   
273 O O   . PHE B 9  ? 0.2128 0.2095 0.1856 0.0070  -0.0141 0.0419  208 PHE B O   
274 C CB  . PHE B 9  ? 0.2541 0.3510 0.2420 0.0018  0.0515  -0.0259 208 PHE B CB  
275 C CG  . PHE B 9  ? 0.2001 0.3237 0.2197 -0.0367 0.0661  -0.0272 208 PHE B CG  
276 C CD1 . PHE B 9  ? 0.1401 0.3942 0.2722 -0.0176 0.0350  -0.0871 208 PHE B CD1 
277 C CD2 . PHE B 9  ? 0.2739 0.4245 0.2352 0.0719  0.0175  -0.0815 208 PHE B CD2 
278 C CE1 . PHE B 9  ? 0.1596 0.4669 0.2628 0.0387  0.0154  -0.1241 208 PHE B CE1 
279 C CE2 . PHE B 9  ? 0.2572 0.4015 0.3015 0.0472  -0.0550 -0.1156 208 PHE B CE2 
280 C CZ  . PHE B 9  ? 0.2019 0.4743 0.2895 0.0721  -0.0226 -0.1366 208 PHE B CZ  
281 N N   . DAL B 10 ? 0.2874 0.2012 0.1813 -0.0493 -0.0471 0.0618  209 DAL B N   
282 C CA  . DAL B 10 ? 0.2647 0.2197 0.1831 -0.0461 -0.0525 0.0417  209 DAL B CA  
283 C CB  . DAL B 10 ? 0.2824 0.2648 0.1946 -0.0448 -0.0754 0.0484  209 DAL B CB  
284 C C   . DAL B 10 ? 0.2499 0.1309 0.1947 -0.0107 -0.0239 0.0134  209 DAL B C   
285 O O   . DAL B 10 ? 0.2633 0.1679 0.1817 0.0196  0.0034  0.0267  209 DAL B O   
286 N N   . ASP B 11 ? 0.2298 0.1616 0.1724 0.0167  0.0007  0.0075  210 ASP B N   
287 C CA  . ASP B 11 ? 0.2092 0.1645 0.2263 0.0401  -0.0074 0.0125  210 ASP B CA  
288 C C   . ASP B 11 ? 0.2066 0.1552 0.1900 0.0357  -0.0185 0.0249  210 ASP B C   
289 O O   . ASP B 11 ? 0.1759 0.1697 0.2086 0.0361  -0.0051 0.0272  210 ASP B O   
290 C CB  . ASP B 11 ? 0.2439 0.1316 0.2851 0.0298  -0.0496 0.0269  210 ASP B CB  
291 C CG  . ASP B 11 ? 0.2155 0.2798 0.2293 0.0240  -0.0284 -0.0625 210 ASP B CG  
292 O OD1 . ASP B 11 ? 0.2600 0.3214 0.2845 0.0247  -0.1289 -0.0180 210 ASP B OD1 
293 O OD2 . ASP B 11 ? 0.2189 0.3822 0.2567 0.1276  0.0123  -0.0373 210 ASP B OD2 
294 N N   A GLU B 12 ? 0.1642 0.1397 0.2179 0.0371  -0.0092 0.0356  211 GLU B N   
295 N N   B GLU B 12 ? 0.1710 0.1394 0.2142 0.0362  -0.0095 0.0353  211 GLU B N   
296 C CA  A GLU B 12 ? 0.1708 0.1336 0.2099 0.0210  -0.0088 0.0312  211 GLU B CA  
297 C CA  B GLU B 12 ? 0.1857 0.1365 0.2022 0.0218  -0.0135 0.0286  211 GLU B CA  
298 C C   . GLU B 12 ? 0.1688 0.1330 0.2036 0.0397  -0.0076 0.0147  211 GLU B C   
299 O O   . GLU B 12 ? 0.1872 0.1410 0.2139 0.0290  -0.0391 0.0273  211 GLU B O   
300 C CB  A GLU B 12 ? 0.2551 0.1999 0.1965 0.0422  -0.0090 0.0151  211 GLU B CB  
301 C CB  B GLU B 12 ? 0.2222 0.2015 0.1923 0.0293  -0.0189 0.0084  211 GLU B CB  
302 C CG  A GLU B 12 ? 0.3099 0.2398 0.2191 0.0159  -0.0543 0.0270  211 GLU B CG  
303 C CG  B GLU B 12 ? 0.2695 0.2573 0.2021 0.0031  -0.0505 0.0396  211 GLU B CG  
304 C CD  A GLU B 12 ? 0.3356 0.1846 0.3210 0.0122  -0.1154 0.0590  211 GLU B CD  
305 C CD  B GLU B 12 ? 0.3102 0.2386 0.2679 -0.0034 -0.1052 0.0617  211 GLU B CD  
306 O OE1 A GLU B 12 ? 0.4631 0.1623 0.3800 0.0155  -0.1741 -0.0051 211 GLU B OE1 
307 O OE1 B GLU B 12 ? 0.3209 0.2011 0.3202 0.0805  -0.1642 0.0544  211 GLU B OE1 
308 O OE2 A GLU B 12 ? 0.3210 0.2391 0.3606 0.0066  -0.1202 0.1109  211 GLU B OE2 
309 O OE2 B GLU B 12 ? 0.4614 0.2260 0.3695 -0.0936 -0.1416 0.0895  211 GLU B OE2 
310 N N   . LEU B 13 ? 0.1774 0.1644 0.1615 0.0183  0.0080  0.0075  212 LEU B N   
311 C CA  . LEU B 13 ? 0.1351 0.1551 0.1953 0.0045  0.0167  0.0285  212 LEU B CA  
312 C C   . LEU B 13 ? 0.1122 0.1516 0.1823 0.0249  -0.0053 0.0327  212 LEU B C   
313 O O   . LEU B 13 ? 0.1381 0.1343 0.2059 -0.0212 -0.0081 0.0339  212 LEU B O   
314 C CB  . LEU B 13 ? 0.1242 0.1688 0.2304 0.0098  0.0245  -0.0123 212 LEU B CB  
315 C CG  . LEU B 13 ? 0.1361 0.1521 0.3388 0.0247  -0.0268 0.0059  212 LEU B CG  
316 C CD1 . LEU B 13 ? 0.2218 0.1603 0.2761 0.0331  -0.0257 -0.0136 212 LEU B CD1 
317 C CD2 . LEU B 13 ? 0.1621 0.1823 0.5196 0.0144  -0.1016 -0.0384 212 LEU B CD2 
318 N N   . ALA B 14 ? 0.1696 0.1530 0.2077 0.0259  0.0342  0.0155  213 ALA B N   
319 C CA  . ALA B 14 ? 0.2182 0.1597 0.2691 0.0018  0.0886  -0.0132 213 ALA B CA  
320 C C   . ALA B 14 ? 0.1791 0.1574 0.2494 0.0183  0.0562  0.0269  213 ALA B C   
321 O O   . ALA B 14 ? 0.1931 0.1721 0.2768 0.0253  0.0498  0.0502  213 ALA B O   
322 C CB  . ALA B 14 ? 0.1709 0.1780 0.1935 0.0099  0.0391  -0.0098 213 ALA B CB  
323 N N   . LYS B 15 ? 0.2060 0.1543 0.3045 0.0134  -0.0128 0.0682  214 LYS B N   
324 C CA  . LYS B 15 ? 0.1700 0.1975 0.3359 0.0099  -0.0013 0.0315  214 LYS B CA  
325 C C   . LYS B 15 ? 0.1217 0.1698 0.2606 -0.0228 0.0119  0.0013  214 LYS B C   
326 O O   . LYS B 15 ? 0.1695 0.1895 0.3134 -0.0270 0.0584  0.0253  214 LYS B O   
327 C CB  . LYS B 15 ? 0.2556 0.1906 0.3648 -0.0742 -0.0435 0.0960  214 LYS B CB  
328 C CG  . LYS B 15 ? 0.3590 0.1854 0.5412 -0.0494 -0.1071 0.1966  214 LYS B CG  
329 C CD  . LYS B 15 ? 0.5192 0.4100 0.4948 0.0063  -0.1038 0.2409  214 LYS B CD  
330 C CE  . LYS B 15 ? 0.5560 0.5229 0.4271 -0.0982 -0.2250 0.1659  214 LYS B CE  
331 N NZ  . LYS B 15 ? 0.2689 0.9418 0.4424 -0.0847 -0.0217 0.0932  214 LYS B NZ  
332 N N   . LEU B 16 ? 0.1368 0.1624 0.2615 -0.0283 0.0282  0.0078  215 LEU B N   
333 C CA  . LEU B 16 ? 0.1264 0.1961 0.3454 -0.0042 0.0312  0.0115  215 LEU B CA  
334 C C   . LEU B 16 ? 0.1413 0.1444 0.3647 0.0015  0.0093  0.0315  215 LEU B C   
335 O O   . LEU B 16 ? 0.1755 0.1430 0.3745 -0.0051 0.0816  0.0112  215 LEU B O   
336 C CB  A LEU B 16 ? 0.1941 0.3898 0.4773 0.0308  0.1176  -0.0599 215 LEU B CB  
337 C CB  B LEU B 16 ? 0.1669 0.1595 0.4418 -0.0336 0.1090  -0.0607 215 LEU B CB  
338 C CG  A LEU B 16 ? 0.2003 0.3270 0.4839 0.0317  0.0953  -0.0329 215 LEU B CG  
339 C CG  B LEU B 16 ? 0.2236 0.3469 0.3905 -0.0256 0.0988  -0.0085 215 LEU B CG  
340 C CD1 A LEU B 16 ? 0.1038 0.2521 0.5149 0.1468  0.0942  0.0103  215 LEU B CD1 
341 C CD1 B LEU B 16 ? 0.3980 0.3515 0.4862 -0.1884 -0.0211 0.0561  215 LEU B CD1 
342 C CD2 A LEU B 16 ? 0.3224 0.3189 0.5355 0.0111  0.0969  0.0406  215 LEU B CD2 
343 C CD2 B LEU B 16 ? 0.2082 0.3370 0.5898 -0.0602 0.2583  0.0102  215 LEU B CD2 
344 N N   . LEU B 17 ? 0.1265 0.1564 0.3387 -0.0140 0.0121  0.0386  216 LEU B N   
345 C CA  . LEU B 17 ? 0.1410 0.1792 0.3455 0.0085  0.0092  0.0595  216 LEU B CA  
346 C C   . LEU B 17 ? 0.1570 0.1135 0.3746 0.0407  0.0705  0.0389  216 LEU B C   
347 O O   . LEU B 17 ? 0.2174 0.1577 0.3477 -0.0028 0.0355  0.0561  216 LEU B O   
348 C CB  . LEU B 17 ? 0.1717 0.2212 0.3400 -0.0034 -0.0290 0.0453  216 LEU B CB  
349 C CG  . LEU B 17 ? 0.2185 0.2415 0.2806 -0.0547 -0.0301 0.0913  216 LEU B CG  
350 C CD1 . LEU B 17 ? 0.4297 0.2667 0.2750 -0.1350 0.0236  0.0688  216 LEU B CD1 
351 C CD2 . LEU B 17 ? 0.1708 0.4354 0.4219 -0.0075 -0.0258 0.1587  216 LEU B CD2 
352 N N   A ARG B 18 ? 0.1372 0.1818 0.3906 -0.0189 0.0141  0.0686  217 ARG B N   
353 N N   B ARG B 18 ? 0.1407 0.2096 0.3586 -0.0046 0.0283  0.0672  217 ARG B N   
354 C CA  A ARG B 18 ? 0.1429 0.1914 0.3776 0.0144  0.0707  0.0170  217 ARG B CA  
355 C CA  B ARG B 18 ? 0.1478 0.2040 0.3572 0.0013  0.0536  0.0255  217 ARG B CA  
356 C C   A ARG B 18 ? 0.1086 0.1766 0.3611 -0.0067 0.0486  0.0545  217 ARG B C   
357 C C   B ARG B 18 ? 0.1267 0.1887 0.3651 0.0137  0.0434  0.0419  217 ARG B C   
358 O O   A ARG B 18 ? 0.1393 0.2066 0.4258 0.0304  0.0221  0.1354  217 ARG B O   
359 O O   B ARG B 18 ? 0.1862 0.2831 0.3362 -0.0959 0.0076  0.0282  217 ARG B O   
360 C CB  A ARG B 18 ? 0.1554 0.1856 0.3825 0.0157  0.0475  0.0069  217 ARG B CB  
361 C CB  B ARG B 18 ? 0.1562 0.1902 0.3776 0.0127  0.0571  0.0055  217 ARG B CB  
362 C CG  A ARG B 18 ? 0.2113 0.1966 0.2314 0.0437  -0.0021 0.0287  217 ARG B CG  
363 C CG  B ARG B 18 ? 0.1289 0.2276 0.4422 -0.0345 0.0047  -0.0390 217 ARG B CG  
364 C CD  A ARG B 18 ? 0.2212 0.2310 0.2158 0.0859  0.0214  0.0145  217 ARG B CD  
365 C CD  B ARG B 18 ? 0.2027 0.3280 0.3637 -0.0243 0.0049  -0.0071 217 ARG B CD  
366 N NE  A ARG B 18 ? 0.2089 0.2251 0.4875 0.1011  0.0379  0.0017  217 ARG B NE  
367 N NE  B ARG B 18 ? 0.1886 0.2565 0.4463 -0.0443 0.0069  -0.0061 217 ARG B NE  
368 C CZ  A ARG B 18 ? 0.2437 0.2688 0.5823 0.0265  -0.0279 -0.0173 217 ARG B CZ  
369 C CZ  B ARG B 18 ? 0.3313 0.2262 0.3970 0.0150  -0.0441 0.0386  217 ARG B CZ  
370 N NH1 A ARG B 18 ? 0.3645 0.1288 0.8361 -0.0777 -0.0819 0.0303  217 ARG B NH1 
371 N NH1 B ARG B 18 ? 0.0873 0.1683 0.3022 -0.0841 -0.0922 0.0578  217 ARG B NH1 
372 N NH2 A ARG B 18 ? 0.2563 0.3511 0.5201 0.0206  -0.0933 -0.0254 217 ARG B NH2 
373 N NH2 B ARG B 18 ? 0.6013 0.2659 0.4048 0.1513  -0.1493 0.0444  217 ARG B NH2 
374 N N   . GLN B 19 ? 0.1657 0.1662 0.3907 0.0056  0.0798  0.0193  218 GLN B N   
375 C CA  . GLN B 19 ? 0.2272 0.1851 0.3804 -0.0526 0.0398  0.0370  218 GLN B CA  
376 C C   . GLN B 19 ? 0.2091 0.1625 0.4601 0.0025  0.1486  0.0381  218 GLN B C   
377 O O   . GLN B 19 ? 0.3128 0.1573 0.3787 -0.0266 0.1289  0.0044  218 GLN B O   
378 C CB  . GLN B 19 ? 0.2850 0.2079 0.4000 -0.0839 0.1090  -0.0038 218 GLN B CB  
379 C CG  . GLN B 19 ? 0.4329 0.1875 0.4051 -0.0965 0.0685  -0.0048 218 GLN B CG  
380 C CD  . GLN B 19 ? 0.4239 0.3713 0.3825 -0.1619 0.0059  0.0247  218 GLN B CD  
381 O OE1 . GLN B 19 ? 0.3764 0.4929 0.2867 0.0750  -0.0343 0.1237  218 GLN B OE1 
382 N NE2 . GLN B 19 ? 0.4307 0.3897 0.4943 -0.1278 -0.0222 -0.1721 218 GLN B NE2 
383 N N   . ALA B 20 ? 0.2020 0.1670 0.4518 0.0440  0.1408  0.0406  219 ALA B N   
384 C CA  . ALA B 20 ? 0.2095 0.1458 0.5760 0.0257  0.1567  0.1151  219 ALA B CA  
385 C C   . ALA B 20 ? 0.2863 0.1285 0.5771 0.0468  0.1470  0.1741  219 ALA B C   
386 O O   . ALA B 20 ? 0.3936 0.2103 0.5909 0.0797  -0.0522 0.1132  219 ALA B O   
387 C CB  . ALA B 20 ? 0.2157 0.1608 0.5492 0.0095  0.1002  0.1181  219 ALA B CB  
388 N N   . DBZ B 21 ? 0.3106 0.1731 0.4569 0.0408  0.0512  0.0247  220 DBZ B N   
389 C CA  . DBZ B 21 ? 0.4542 0.2731 0.4215 0.0692  0.0002  0.0175  220 DBZ B CA  
390 C CB  . DBZ B 21 ? 0.4104 0.2659 0.4538 0.0232  0.1611  0.0029  220 DBZ B CB  
391 N NG  . DBZ B 21 ? 0.4041 0.2860 0.3506 0.0212  0.1122  0.0989  220 DBZ B NG  
392 C CD2 . DBZ B 21 ? 0.4958 0.2590 0.3062 -0.0287 0.0628  0.1023  220 DBZ B CD2 
393 O OD2 . DBZ B 21 ? 0.6130 0.2678 0.3275 -0.0184 0.1062  0.1100  220 DBZ B OD2 
394 C C1  . DBZ B 21 ? 0.4624 0.1565 0.3457 0.0153  0.0036  0.1218  220 DBZ B C1  
395 C C2  . DBZ B 21 ? 0.5780 0.2635 0.3745 0.0021  -0.0697 0.0672  220 DBZ B C2  
396 C C6  . DBZ B 21 ? 0.4302 0.1681 0.3829 -0.0518 0.0137  0.1309  220 DBZ B C6  
397 C C3  . DBZ B 21 ? 0.5639 0.1302 0.3986 0.0078  -0.1273 0.0302  220 DBZ B C3  
398 C C5  . DBZ B 21 ? 0.3893 0.2059 0.3874 0.0275  -0.0058 0.0879  220 DBZ B C5  
399 C C4  . DBZ B 21 ? 0.5052 0.1815 0.4236 -0.0020 -0.0911 0.0162  220 DBZ B C4  
401 O O   . DBZ B 21 ? 0.6556 0.3336 0.6500 -0.1791 0.3233  -0.0206 220 DBZ B O   
402 N N   A GLY B 22 ? 0.2845 0.2254 0.6525 0.0455  0.1949  0.0227  221 GLY B N   
403 N N   B GLY B 22 ? 0.3122 0.1965 0.6869 0.0045  0.1907  -0.0050 221 GLY B N   
404 C CA  A GLY B 22 ? 0.3038 0.2296 0.6064 0.0132  0.1194  0.0238  221 GLY B CA  
405 C CA  B GLY B 22 ? 0.3266 0.2147 0.6102 0.0029  0.1474  0.0204  221 GLY B CA  
406 C C   A GLY B 22 ? 0.3952 0.2485 0.5125 -0.0380 0.0997  -0.0038 221 GLY B C   
407 C C   B GLY B 22 ? 0.2730 0.0916 0.6131 0.0269  0.1093  -0.0029 221 GLY B C   
408 O O   A GLY B 22 ? 0.3875 0.2429 0.5589 -0.0635 0.0740  0.1361  221 GLY B O   
409 O O   B GLY B 22 ? 0.4233 0.1032 0.5932 0.0423  -0.0552 -0.0359 221 GLY B O   
410 N N   A NH2 B 23 ? 0.2850 0.4947 0.2779 -0.2070 0.1081  0.0576  222 NH2 B N   
411 N N   B NH2 B 23 ? 0.3886 0.1370 0.4683 -0.1939 0.0207  -0.0782 222 NH2 B N   
412 C C   . ACE C 1  ? 0.2325 0.1540 0.1307 0.0087  0.0227  -0.0057 300 ACE C C   
413 O O   . ACE C 1  ? 0.2168 0.1811 0.1396 -0.0033 0.0275  0.0044  300 ACE C O   
414 C CH3 . ACE C 1  ? 0.2348 0.2405 0.1132 0.0294  0.0219  -0.0114 300 ACE C CH3 
415 N N   . TYR C 2  ? 0.2087 0.1230 0.1422 -0.0088 0.0247  0.0038  301 TYR C N   
416 C CA  . TYR C 2  ? 0.2152 0.1257 0.1364 -0.0070 0.0308  0.0079  301 TYR C CA  
417 C C   . TYR C 2  ? 0.3533 0.1221 0.1475 -0.0321 0.0765  -0.0091 301 TYR C C   
418 O O   . TYR C 2  ? 0.3571 0.1536 0.1447 -0.0745 0.0662  -0.0039 301 TYR C O   
419 C CB  . TYR C 2  ? 0.2387 0.1456 0.1632 -0.0191 0.0653  -0.0076 301 TYR C CB  
420 C CG  . TYR C 2  ? 0.2500 0.1524 0.1800 -0.0304 0.0363  0.0000  301 TYR C CG  
421 C CD1 . TYR C 2  ? 0.2014 0.1546 0.1481 -0.0503 0.0763  0.0077  301 TYR C CD1 
422 C CD2 . TYR C 2  ? 0.2741 0.1737 0.1249 -0.0088 0.0746  -0.0075 301 TYR C CD2 
423 C CE1 . TYR C 2  ? 0.1336 0.1492 0.1811 -0.0239 0.0575  0.0114  301 TYR C CE1 
424 C CE2 . TYR C 2  ? 0.2535 0.1706 0.1565 -0.0005 0.0400  -0.0020 301 TYR C CE2 
425 C CZ  . TYR C 2  ? 0.2193 0.1695 0.1359 0.0069  0.0616  -0.0176 301 TYR C CZ  
426 O OH  . TYR C 2  ? 0.2754 0.1727 0.1388 -0.0278 0.0597  -0.0125 301 TYR C OH  
427 N N   A ARG C 3  ? 0.3598 0.1314 0.1639 -0.0463 0.0808  -0.0014 302 ARG C N   
428 N N   B ARG C 3  ? 0.3591 0.1290 0.1574 -0.0366 0.0804  -0.0029 302 ARG C N   
429 C CA  A ARG C 3  ? 0.3497 0.1283 0.1888 -0.0469 0.0980  -0.0040 302 ARG C CA  
430 C CA  B ARG C 3  ? 0.3392 0.1291 0.1652 -0.0411 0.0833  0.0021  302 ARG C CA  
431 C C   A ARG C 3  ? 0.3566 0.1307 0.1315 -0.0370 0.0784  0.0139  302 ARG C C   
432 C C   B ARG C 3  ? 0.3547 0.1219 0.1443 -0.0452 0.0746  0.0103  302 ARG C C   
433 O O   A ARG C 3  ? 0.4863 0.1440 0.1175 0.0082  0.0173  0.0145  302 ARG C O   
434 O O   B ARG C 3  ? 0.3722 0.0765 0.0795 -0.0595 0.1490  0.0410  302 ARG C O   
435 C CB  A ARG C 3  ? 0.3271 0.1968 0.2190 -0.0657 0.0942  0.0115  302 ARG C CB  
436 C CB  B ARG C 3  ? 0.3330 0.2410 0.2513 -0.0663 0.1003  -0.0324 302 ARG C CB  
437 C CG  A ARG C 3  ? 0.3240 0.2048 0.3649 -0.0660 0.1055  -0.0820 302 ARG C CG  
438 C CG  B ARG C 3  ? 0.2984 0.2538 0.3066 -0.0717 0.1142  -0.0462 302 ARG C CG  
439 C CD  A ARG C 3  ? 0.3117 0.3354 0.3568 -0.0524 0.0978  -0.0512 302 ARG C CD  
440 C CD  B ARG C 3  ? 0.2778 0.3051 0.3083 -0.0643 0.0588  -0.0360 302 ARG C CD  
441 N NE  A ARG C 3  ? 0.2836 0.3688 0.2595 -0.0349 0.0483  -0.0474 302 ARG C NE  
442 N NE  B ARG C 3  ? 0.3428 0.2535 0.2935 -0.0357 0.0440  0.0171  302 ARG C NE  
443 C CZ  A ARG C 3  ? 0.3315 0.5720 0.2433 -0.0431 0.0430  -0.1526 302 ARG C CZ  
444 C CZ  B ARG C 3  ? 0.3154 0.1992 0.3311 -0.1307 -0.0939 0.1233  302 ARG C CZ  
445 N NH1 A ARG C 3  ? 0.3619 0.4977 0.2188 -0.2862 0.1093  -0.1543 302 ARG C NH1 
446 N NH1 B ARG C 3  ? 0.0397 0.2727 0.4431 -0.0159 -0.1248 0.0715  302 ARG C NH1 
447 N NH2 A ARG C 3  ? 0.4801 0.7961 0.4222 0.1212  0.0812  -0.2485 302 ARG C NH2 
448 N NH2 B ARG C 3  ? 0.4716 0.2435 0.4103 -0.0361 -0.1807 0.1113  302 ARG C NH2 
449 N N   . ILE C 4  ? 0.4080 0.1399 0.1316 0.0075  0.0390  0.0094  303 ILE C N   
450 C CA  . ILE C 4  ? 0.4822 0.1407 0.1910 0.0275  0.0324  0.0035  303 ILE C CA  
451 C C   . ILE C 4  ? 0.5441 0.1457 0.1764 -0.0064 0.0314  0.0093  303 ILE C C   
452 O O   . ILE C 4  ? 0.5778 0.1365 0.1525 -0.0526 0.0467  0.0092  303 ILE C O   
453 C CB  . ILE C 4  ? 0.4649 0.2192 0.2614 0.0612  0.0705  -0.0274 303 ILE C CB  
454 C CG1 . ILE C 4  ? 0.4448 0.2950 0.1831 0.0224  0.0421  -0.0048 303 ILE C CG1 
455 C CG2 . ILE C 4  ? 0.3716 0.2843 0.2838 0.0929  -0.0301 -0.0081 303 ILE C CG2 
456 C CD1 . ILE C 4  ? 0.5169 0.3022 0.2486 0.0582  -0.0228 -0.0054 303 ILE C CD1 
457 N N   . DPR C 5  ? 0.5809 0.1497 0.1774 -0.0224 0.0059  0.0242  304 DPR C N   
458 C CA  . DPR C 5  ? 0.6284 0.2144 0.1714 -0.0803 -0.0164 0.0547  304 DPR C CA  
459 C CB  . DPR C 5  ? 0.6890 0.2785 0.1638 -0.1535 -0.0476 0.0582  304 DPR C CB  
460 C CG  . DPR C 5  ? 0.6820 0.2386 0.1755 -0.1455 -0.0457 0.0558  304 DPR C CG  
461 C CD  . DPR C 5  ? 0.6267 0.1282 0.2020 -0.0509 -0.0252 0.0315  304 DPR C CD  
462 C C   . DPR C 5  ? 0.5562 0.1991 0.1159 -0.0853 0.0956  0.0439  304 DPR C C   
463 O O   . DPR C 5  ? 0.8771 0.1893 0.2826 -0.0171 0.0292  0.0245  304 DPR C O   
464 N N   . SER C 6  ? 0.3725 0.3517 0.2810 -0.1466 0.1079  0.0094  305 SER C N   
465 C CA  . SER C 6  ? 0.3634 0.2979 0.3350 -0.1419 0.1572  0.0088  305 SER C CA  
466 C C   . SER C 6  ? 0.3787 0.2942 0.2832 -0.1332 0.1355  -0.0136 305 SER C C   
467 O O   . SER C 6  ? 0.3858 0.2578 0.4824 -0.1061 0.1981  0.0421  305 SER C O   
468 C CB  . SER C 6  ? 0.3856 0.2555 0.5534 -0.1152 0.0193  0.0589  305 SER C CB  
469 O OG  . SER C 6  ? 0.4507 0.1907 0.6237 0.0245  -0.1343 -0.0566 305 SER C OG  
470 N N   . TYR C 7  ? 0.3977 0.1552 0.2553 -0.1027 0.1679  -0.0439 306 TYR C N   
471 C CA  . TYR C 7  ? 0.3542 0.1543 0.2299 -0.0709 0.1125  -0.0239 306 TYR C CA  
472 C C   . TYR C 7  ? 0.3687 0.1402 0.1160 -0.0370 0.0845  -0.0020 306 TYR C C   
473 O O   . TYR C 7  ? 0.3791 0.1375 0.1593 -0.0231 0.0583  0.0043  306 TYR C O   
474 C CB  . TYR C 7  ? 0.3858 0.1266 0.1866 -0.1044 0.1219  -0.0476 306 TYR C CB  
475 C CG  . TYR C 7  ? 0.3148 0.1065 0.1791 -0.0653 0.0653  -0.0336 306 TYR C CG  
476 C CD1 . TYR C 7  ? 0.3630 0.1550 0.1661 -0.1141 0.0945  -0.0341 306 TYR C CD1 
477 C CD2 . TYR C 7  ? 0.2288 0.1668 0.1881 -0.0395 0.0545  -0.0448 306 TYR C CD2 
478 C CE1 . TYR C 7  ? 0.2927 0.1759 0.1551 -0.0936 0.0477  -0.0124 306 TYR C CE1 
479 C CE2 . TYR C 7  ? 0.1758 0.1582 0.1858 -0.0127 0.0319  -0.0364 306 TYR C CE2 
480 C CZ  . TYR C 7  ? 0.2471 0.1254 0.1653 -0.0069 0.0435  -0.0267 306 TYR C CZ  
481 O OH  . TYR C 7  ? 0.3921 0.1391 0.1497 -0.0292 0.0512  -0.0247 306 TYR C OH  
482 N N   . ASP C 8  ? 0.2671 0.1551 0.2422 -0.0489 0.0802  -0.0002 307 ASP C N   
483 C CA  . ASP C 8  ? 0.2600 0.1422 0.1899 -0.0374 0.0285  0.0318  307 ASP C CA  
484 C C   . ASP C 8  ? 0.2477 0.1551 0.1397 -0.0486 0.0034  0.0091  307 ASP C C   
485 O O   . ASP C 8  ? 0.2390 0.1999 0.1371 -0.0391 0.0109  0.0259  307 ASP C O   
486 C CB  . ASP C 8  ? 0.2641 0.1571 0.1895 -0.0303 0.0252  0.0088  307 ASP C CB  
487 C CG  . ASP C 8  ? 0.3304 0.1250 0.2859 -0.0692 0.0925  0.0098  307 ASP C CG  
488 O OD1 . ASP C 8  ? 0.3644 0.2423 0.2046 -0.1291 0.0546  -0.0069 307 ASP C OD1 
489 O OD2 . ASP C 8  ? 0.4773 0.3680 0.6309 -0.1981 0.3325  -0.2945 307 ASP C OD2 
490 N N   . PHE C 9  ? 0.2480 0.1670 0.1506 -0.0421 -0.0076 0.0117  308 PHE C N   
491 C CA  . PHE C 9  ? 0.2426 0.1813 0.1456 -0.0523 -0.0106 -0.0074 308 PHE C CA  
492 C C   . PHE C 9  ? 0.2211 0.1863 0.1518 -0.0373 0.0584  -0.0060 308 PHE C C   
493 O O   . PHE C 9  ? 0.2019 0.1798 0.1256 -0.0475 0.0199  -0.0216 308 PHE C O   
494 C CB  . PHE C 9  ? 0.2436 0.1968 0.1501 -0.0527 -0.0116 0.0035  308 PHE C CB  
495 C CG  . PHE C 9  ? 0.2578 0.1411 0.1989 -0.0243 0.0190  0.0059  308 PHE C CG  
496 C CD1 . PHE C 9  ? 0.2470 0.1964 0.2342 0.0508  0.0201  -0.0249 308 PHE C CD1 
497 C CD2 . PHE C 9  ? 0.3062 0.2300 0.1735 -0.0978 0.0173  0.0340  308 PHE C CD2 
498 C CE1 . PHE C 9  ? 0.2698 0.1518 0.2097 0.0246  0.0093  -0.0091 308 PHE C CE1 
499 C CE2 . PHE C 9  ? 0.2162 0.2059 0.2190 -0.0127 0.0293  -0.0349 308 PHE C CE2 
500 C CZ  . PHE C 9  ? 0.2944 0.1339 0.2853 0.0299  0.0272  -0.0625 308 PHE C CZ  
501 N N   . DAL C 10 ? 0.2550 0.1686 0.1277 -0.0485 0.0168  0.0062  309 DAL C N   
502 C CA  . DAL C 10 ? 0.2472 0.1658 0.1724 -0.0475 0.0616  0.0049  309 DAL C CA  
503 C CB  . DAL C 10 ? 0.2742 0.2626 0.1545 -0.1126 0.0638  -0.0560 309 DAL C CB  
504 C C   . DAL C 10 ? 0.3013 0.1034 0.1448 -0.0621 0.0290  -0.0408 309 DAL C C   
505 O O   . DAL C 10 ? 0.3095 0.1168 0.2309 -0.0029 0.0598  0.0180  309 DAL C O   
506 N N   . ASP C 11 ? 0.2661 0.1227 0.2718 -0.0186 0.0222  -0.0165 310 ASP C N   
507 C CA  . ASP C 11 ? 0.2378 0.1500 0.2921 0.0225  0.0881  0.0391  310 ASP C CA  
508 C C   . ASP C 11 ? 0.1837 0.1440 0.2852 -0.0209 0.0369  0.0342  310 ASP C C   
509 O O   . ASP C 11 ? 0.2070 0.1372 0.2747 -0.0008 0.0148  0.0132  310 ASP C O   
510 C CB  . ASP C 11 ? 0.2547 0.1482 0.2933 -0.0106 0.0650  0.0809  310 ASP C CB  
511 C CG  . ASP C 11 ? 0.2160 0.2003 0.5045 -0.0058 0.0674  0.0983  310 ASP C CG  
512 O OD1 . ASP C 11 ? 0.3297 0.1820 0.7047 0.0655  -0.0082 -0.0132 310 ASP C OD1 
513 O OD2 . ASP C 11 ? 0.3339 0.3590 0.6121 0.0117  -0.1629 0.0416  310 ASP C OD2 
514 N N   . GLU C 12 ? 0.1753 0.1441 0.2575 -0.0169 0.0478  0.0311  311 GLU C N   
515 C CA  . GLU C 12 ? 0.2480 0.1545 0.2282 -0.0562 0.0151  0.0398  311 GLU C CA  
516 C C   . GLU C 12 ? 0.1870 0.1355 0.2113 -0.0009 0.0332  0.0231  311 GLU C C   
517 O O   . GLU C 12 ? 0.2068 0.1398 0.2051 -0.0144 0.0405  0.0182  311 GLU C O   
518 C CB  . GLU C 12 ? 0.2622 0.1556 0.1464 -0.0549 -0.0245 0.0311  311 GLU C CB  
519 C CG  . GLU C 12 ? 0.2800 0.1915 0.2295 -0.0996 -0.0823 0.0434  311 GLU C CG  
520 C CD  . GLU C 12 ? 0.3856 0.3030 0.3078 -0.1653 -0.1933 0.0590  311 GLU C CD  
521 O OE1 . GLU C 12 ? 0.3367 0.3272 0.5152 -0.1023 -0.2154 0.1612  311 GLU C OE1 
522 O OE2 . GLU C 12 ? 0.5349 0.4553 0.2763 -0.1696 -0.2242 0.0827  311 GLU C OE2 
523 N N   . LEU C 13 ? 0.1935 0.1458 0.1831 -0.0066 0.0531  0.0009  312 LEU C N   
524 C CA  . LEU C 13 ? 0.1966 0.1271 0.1437 -0.0030 0.0178  0.0142  312 LEU C CA  
525 C C   . LEU C 13 ? 0.1785 0.1483 0.1845 0.0104  0.0352  0.0347  312 LEU C C   
526 O O   . LEU C 13 ? 0.1628 0.1560 0.1524 0.0163  -0.0024 0.0387  312 LEU C O   
527 C CB  . LEU C 13 ? 0.2170 0.1492 0.1376 0.0036  0.0085  0.0179  312 LEU C CB  
528 C CG  . LEU C 13 ? 0.1966 0.1715 0.2192 0.0055  -0.0136 0.0046  312 LEU C CG  
529 C CD1 . LEU C 13 ? 0.1523 0.2228 0.2170 -0.0275 -0.0091 0.0160  312 LEU C CD1 
530 C CD2 . LEU C 13 ? 0.1890 0.3606 0.2191 0.0117  -0.0122 -0.0134 312 LEU C CD2 
531 N N   . ALA C 14 ? 0.1279 0.1318 0.1969 -0.0151 0.0241  0.0157  313 ALA C N   
532 C CA  . ALA C 14 ? 0.1326 0.1560 0.2679 0.0194  0.0150  0.0475  313 ALA C CA  
533 C C   . ALA C 14 ? 0.1455 0.1352 0.2836 0.0088  -0.0086 0.0191  313 ALA C C   
534 O O   . ALA C 14 ? 0.1791 0.1457 0.2924 -0.0055 -0.0444 0.0307  313 ALA C O   
535 C CB  . ALA C 14 ? 0.1874 0.1738 0.2923 0.0361  0.0222  -0.0201 313 ALA C CB  
536 N N   . LYS C 15 ? 0.1332 0.1360 0.3412 0.0173  -0.0111 0.0248  314 LYS C N   
537 C CA  . LYS C 15 ? 0.1883 0.1325 0.3679 -0.0048 -0.0514 0.0063  314 LYS C CA  
538 C C   . LYS C 15 ? 0.2209 0.1290 0.3340 0.0034  -0.0614 0.0651  314 LYS C C   
539 O O   . LYS C 15 ? 0.3175 0.1283 0.3036 0.0115  -0.1540 0.0238  314 LYS C O   
540 C CB  . LYS C 15 ? 0.2351 0.1212 0.3853 -0.0246 -0.0348 0.0052  314 LYS C CB  
541 C CG  . LYS C 15 ? 0.1971 0.2289 0.4526 -0.0222 -0.0317 0.0458  314 LYS C CG  
542 C CD  . LYS C 15 ? 0.2494 0.3583 0.4348 -0.1438 -0.0763 0.0174  314 LYS C CD  
543 C CE  . LYS C 15 ? 0.3214 0.4208 0.5148 -0.1980 -0.0026 -0.0566 314 LYS C CE  
544 N NZ  . LYS C 15 ? 0.3339 0.2156 0.5742 -0.0198 0.0578  -0.0250 314 LYS C NZ  
545 N N   . LEU C 16 ? 0.2080 0.1340 0.2250 -0.0047 -0.0686 0.0281  315 LEU C N   
546 C CA  . LEU C 16 ? 0.2635 0.1041 0.1869 -0.0074 -0.0651 0.0348  315 LEU C CA  
547 C C   . LEU C 16 ? 0.2708 0.0784 0.1712 0.0136  -0.0306 0.0043  315 LEU C C   
548 O O   . LEU C 16 ? 0.3286 0.1099 0.1826 -0.0484 -0.0675 0.0241  315 LEU C O   
549 C CB  . LEU C 16 ? 0.2931 0.0922 0.1749 0.0051  -0.0058 0.0449  315 LEU C CB  
550 C CG  . LEU C 16 ? 0.2923 0.1790 0.1303 0.0089  -0.0264 0.0057  315 LEU C CG  
551 C CD1 . LEU C 16 ? 0.3582 0.2087 0.1451 0.0419  -0.0619 -0.0087 315 LEU C CD1 
552 C CD2 . LEU C 16 ? 0.2411 0.1761 0.1883 -0.0165 -0.0712 -0.0149 315 LEU C CD2 
553 N N   . LEU C 17 ? 0.1642 0.1018 0.1732 0.0085  -0.0259 0.0236  316 LEU C N   
554 C CA  . LEU C 17 ? 0.1973 0.0994 0.1689 -0.0036 -0.0212 0.0126  316 LEU C CA  
555 C C   . LEU C 17 ? 0.2246 0.0865 0.1755 -0.0074 -0.0336 0.0019  316 LEU C C   
556 O O   . LEU C 17 ? 0.2184 0.1266 0.2079 -0.0161 -0.0669 0.0475  316 LEU C O   
557 C CB  . LEU C 17 ? 0.2107 0.1357 0.1655 -0.0139 -0.0238 0.0143  316 LEU C CB  
558 C CG  . LEU C 17 ? 0.1933 0.1544 0.1595 -0.0193 -0.0197 0.0139  316 LEU C CG  
559 C CD1 . LEU C 17 ? 0.2814 0.2685 0.1409 -0.0579 -0.0218 0.0571  316 LEU C CD1 
560 C CD2 . LEU C 17 ? 0.2223 0.2877 0.2285 0.0166  0.0468  0.0640  316 LEU C CD2 
561 N N   . ARG C 18 ? 0.1897 0.1819 0.2325 0.0081  -0.0590 0.0590  317 ARG C N   
562 C CA  . ARG C 18 ? 0.2187 0.1408 0.2967 0.0015  -0.0931 0.0302  317 ARG C CA  
563 C C   . ARG C 18 ? 0.2376 0.1510 0.3115 -0.0539 -0.1517 0.0810  317 ARG C C   
564 O O   . ARG C 18 ? 0.2924 0.1670 0.3467 -0.0473 -0.1493 0.1036  317 ARG C O   
565 C CB  A ARG C 18 ? 0.1966 0.2028 0.3814 0.0344  -0.0769 0.0274  317 ARG C CB  
566 C CB  B ARG C 18 ? 0.1778 0.2062 0.3687 0.0266  -0.1039 0.0503  317 ARG C CB  
567 C CG  A ARG C 18 ? 0.2672 0.2538 0.3872 0.1181  -0.1044 0.0449  317 ARG C CG  
568 C CG  B ARG C 18 ? 0.2368 0.2949 0.3523 0.0853  -0.1635 0.0435  317 ARG C CG  
569 C CD  A ARG C 18 ? 0.2822 0.3025 0.4025 0.0951  -0.1547 0.0501  317 ARG C CD  
570 C CD  B ARG C 18 ? 0.3257 0.2426 0.4554 0.1160  -0.1231 0.0321  317 ARG C CD  
571 N NE  A ARG C 18 ? 0.2660 0.3347 0.3174 0.1075  -0.1522 0.0861  317 ARG C NE  
572 N NE  B ARG C 18 ? 0.4134 0.3614 0.4843 0.0802  -0.0131 -0.0174 317 ARG C NE  
573 C CZ  A ARG C 18 ? 0.3111 0.3000 0.3938 0.0757  -0.1730 0.1358  317 ARG C CZ  
574 C CZ  B ARG C 18 ? 0.4415 0.4064 0.4882 0.2282  0.0101  -0.0099 317 ARG C CZ  
575 N NH1 A ARG C 18 ? 0.5444 0.4634 0.3934 0.2380  -0.1186 0.2498  317 ARG C NH1 
576 N NH1 B ARG C 18 ? 0.5703 0.2498 0.2795 0.1152  -0.0839 -0.1235 317 ARG C NH1 
577 N NH2 A ARG C 18 ? 0.2356 0.2142 0.4556 0.0167  -0.2768 0.0457  317 ARG C NH2 
578 N NH2 B ARG C 18 ? 0.5094 0.6993 0.7783 0.3801  0.0973  -0.0180 317 ARG C NH2 
579 N N   A GLN C 19 ? 0.2235 0.1786 0.2455 -0.0967 -0.0988 0.0780  318 GLN C N   
580 N N   B GLN C 19 ? 0.1941 0.1687 0.2757 -0.0647 -0.1454 0.0764  318 GLN C N   
581 C CA  A GLN C 19 ? 0.3483 0.2055 0.2520 -0.0922 -0.1337 0.0887  318 GLN C CA  
582 C CA  B GLN C 19 ? 0.3489 0.2028 0.2562 -0.0742 -0.1407 0.0838  318 GLN C CA  
583 C C   A GLN C 19 ? 0.3889 0.2285 0.2129 -0.0331 -0.1272 0.1574  318 GLN C C   
584 C C   B GLN C 19 ? 0.3793 0.2186 0.2827 -0.0187 -0.1087 0.1247  318 GLN C C   
585 O O   A GLN C 19 ? 0.5350 0.0877 0.1773 -0.1049 -0.2027 0.0841  318 GLN C O   
587 C CB  A GLN C 19 ? 0.3617 0.2011 0.2684 -0.0781 -0.1459 0.0417  318 GLN C CB  
588 C CB  B GLN C 19 ? 0.3707 0.2059 0.2622 -0.0635 -0.1423 0.0265  318 GLN C CB  
589 C CG  A GLN C 19 ? 0.3701 0.2436 0.2952 -0.0538 -0.1718 0.0374  318 GLN C CG  
590 C CG  B GLN C 19 ? 0.3666 0.1910 0.3253 -0.0480 -0.1666 0.0433  318 GLN C CG  
591 C CD  A GLN C 19 ? 0.3675 0.3317 0.3489 -0.0447 -0.1675 0.0235  318 GLN C CD  
592 C CD  B GLN C 19 ? 0.2651 0.1109 0.3337 0.0737  -0.1687 -0.0121 318 GLN C CD  
593 O OE1 A GLN C 19 ? 0.4666 0.4300 0.2734 -0.0557 -0.0097 -0.0766 318 GLN C OE1 
594 O OE1 B GLN C 19 ? 0.1559 0.1758 0.2943 0.0272  -0.0693 0.0339  318 GLN C OE1 
595 N NE2 A GLN C 19 ? 0.3766 0.3519 0.7543 -0.0310 -0.2908 0.1019  318 GLN C NE2 
596 N NE2 B GLN C 19 ? 0.1450 0.2234 0.2546 0.0346  -0.0675 -0.0042 318 GLN C NE2 
597 N N   . ALA C 20 ? 0.3882 0.1761 0.2088 0.0182  -0.0868 0.0680  319 ALA C N   
598 C CA  . ALA C 20 ? 0.4187 0.1485 0.2931 -0.0259 -0.0480 0.0703  319 ALA C CA  
600 O O   . ALA C 20 ? 0.4271 0.2337 0.4314 -0.0475 0.0782  0.0913  319 ALA C O   
601 C CB  . ALA C 20 ? 0.4285 0.2057 0.3898 0.0311  0.0266  0.0906  319 ALA C CB  
602 N N   . DBZ C 21 ? 0.3505 0.1535 0.2518 -0.0982 -0.0623 0.0524  320 DBZ C N   
603 C CA  . DBZ C 21 ? 0.4471 0.1536 0.3067 -0.0757 -0.1833 0.0519  320 DBZ C CA  
604 C CB  . DBZ C 21 ? 0.2740 0.2045 0.3392 -0.0340 -0.1578 -0.0120 320 DBZ C CB  
605 N NG  . DBZ C 21 ? 0.2505 0.1611 0.3635 -0.0558 -0.1448 -0.0127 320 DBZ C NG  
606 C CD2 . DBZ C 21 ? 0.2629 0.1166 0.2941 -0.0272 -0.0878 -0.0306 320 DBZ C CD2 
607 O OD2 . DBZ C 21 ? 0.3733 0.1781 0.4064 -0.0803 -0.1382 0.0531  320 DBZ C OD2 
608 C C1  . DBZ C 21 ? 0.2330 0.1820 0.2343 -0.0073 -0.0421 -0.0356 320 DBZ C C1  
609 C C2  . DBZ C 21 ? 0.1982 0.2532 0.3096 -0.0108 -0.0279 -0.0459 320 DBZ C C2  
610 C C6  . DBZ C 21 ? 0.2497 0.2076 0.1659 0.0255  -0.0025 0.0154  320 DBZ C C6  
611 C C3  . DBZ C 21 ? 0.2368 0.3204 0.1944 -0.0216 -0.0448 0.0111  320 DBZ C C3  
612 C C5  . DBZ C 21 ? 0.2388 0.2578 0.1517 0.0440  0.0107  -0.0032 320 DBZ C C5  
613 C C4  . DBZ C 21 ? 0.2360 0.3382 0.1758 -0.0039 0.0148  0.0581  320 DBZ C C4  
614 C C   . DBZ C 21 ? 0.5352 0.2348 0.3286 -0.0082 -0.2316 0.0578  320 DBZ C C   
615 O O   . DBZ C 21 ? 0.6295 0.2401 0.5319 -0.0088 -0.3277 0.1127  320 DBZ C O   
616 N N   . GLY C 22 ? 0.4681 0.2625 0.4415 0.0089  -0.2452 0.0713  321 GLY C N   
617 C CA  . GLY C 22 ? 0.4224 0.7135 0.5018 0.1570  -0.1921 0.0857  321 GLY C CA  
618 C C   . GLY C 22 ? 0.3192 0.7758 0.6192 0.2067  -0.0751 -0.0219 321 GLY C C   
619 O O   . GLY C 22 ? 0.4481 0.6656 0.9983 0.1202  0.0103  -0.0684 321 GLY C O   
620 N N   . NH2 C 23 ? 0.4807 1.2570 0.3947 0.2555  0.0249  -0.0030 322 NH2 C N   
621 C C   . ACE D 1  ? 0.4566 0.3645 0.4397 -0.0719 0.1234  -0.1108 400 ACE D C   
622 O O   . ACE D 1  ? 0.6405 0.4728 0.4189 -0.2072 0.1225  -0.2632 400 ACE D O   
623 C CH3 . ACE D 1  ? 0.4379 0.3992 0.6975 -0.0873 0.2821  -0.1201 400 ACE D CH3 
624 N N   . TYR D 2  ? 0.2938 0.3375 0.3497 -0.0510 0.0032  -0.0638 401 TYR D N   
625 C CA  . TYR D 2  ? 0.3716 0.2767 0.2372 -0.0373 0.0464  0.0387  401 TYR D CA  
626 C C   . TYR D 2  ? 0.3640 0.2195 0.1736 -0.0584 0.0667  0.0641  401 TYR D C   
627 O O   . TYR D 2  ? 0.3893 0.2726 0.2946 -0.1017 0.0295  0.1338  401 TYR D O   
628 C CB  . TYR D 2  ? 0.2645 0.2946 0.2497 -0.0190 0.0439  0.0873  401 TYR D CB  
629 C CG  . TYR D 2  ? 0.2420 0.4119 0.3102 0.0134  0.0766  0.1274  401 TYR D CG  
630 C CD1 . TYR D 2  ? 0.1612 0.4158 0.4989 0.0413  0.0681  0.1306  401 TYR D CD1 
631 C CD2 . TYR D 2  ? 0.2209 0.4213 0.4064 0.0168  0.0666  0.1701  401 TYR D CD2 
632 C CE1 . TYR D 2  ? 0.2298 0.4990 0.5706 0.0595  -0.0102 0.1715  401 TYR D CE1 
633 C CE2 . TYR D 2  ? 0.2104 0.5095 0.5787 0.0187  0.0605  0.2440  401 TYR D CE2 
634 C CZ  . TYR D 2  ? 0.1834 0.5087 0.6996 0.0513  0.0036  0.2284  401 TYR D CZ  
635 O OH  . TYR D 2  ? 0.2938 0.5980 0.8604 0.0408  -0.1434 0.3385  401 TYR D OH  
636 N N   . ARG D 3  ? 0.3948 0.2131 0.2086 -0.0423 0.1027  0.0727  402 ARG D N   
637 C CA  . ARG D 3  ? 0.4951 0.2021 0.1899 -0.0156 0.0227  0.0396  402 ARG D CA  
638 C C   . ARG D 3  ? 0.4987 0.2162 0.1992 0.0117  0.0036  0.0366  402 ARG D C   
639 O O   . ARG D 3  ? 0.5357 0.1612 0.3854 0.0068  -0.0135 0.0435  402 ARG D O   
640 C CB  . ARG D 3  ? 0.6655 0.3787 0.1805 0.0178  0.0403  0.0100  402 ARG D CB  
641 C CG  . ARG D 3  ? 0.7604 0.4283 0.2444 -0.0822 0.0296  -0.1024 402 ARG D CG  
642 C CD  . ARG D 3  ? 0.8800 0.4596 0.2362 0.0090  0.1145  -0.0614 402 ARG D CD  
643 N NE  . ARG D 3  ? 0.8857 0.4855 0.3815 -0.0259 0.0968  0.0028  402 ARG D NE  
644 C CZ  . ARG D 3  ? 0.8323 0.4764 0.4929 0.0481  0.1134  0.0014  402 ARG D CZ  
645 N NH1 . ARG D 3  ? 0.8615 0.5196 0.6104 0.0071  0.2536  0.1114  402 ARG D NH1 
646 N NH2 . ARG D 3  ? 0.6436 0.6047 0.5436 0.1452  0.1570  -0.0585 402 ARG D NH2 
647 N N   . ILE D 4  ? 0.5025 0.2394 0.2307 0.0263  -0.0097 0.0775  403 ILE D N   
648 C CA  . ILE D 4  ? 0.4402 0.1834 0.4096 -0.0296 -0.1166 0.0085  403 ILE D CA  
649 C C   . ILE D 4  ? 0.5396 0.0876 0.4006 -0.0575 -0.1463 0.0527  403 ILE D C   
650 O O   . ILE D 4  ? 0.5254 0.1466 0.2998 -0.0720 -0.1317 -0.0097 403 ILE D O   
651 C CB  . ILE D 4  ? 0.3920 0.3045 0.3937 0.1613  -0.1262 -0.0102 403 ILE D CB  
652 C CG1 . ILE D 4  ? 0.4960 0.4142 0.4437 0.1467  -0.1629 0.1128  403 ILE D CG1 
653 C CG2 . ILE D 4  ? 0.4318 0.2173 0.6109 0.1291  -0.1233 0.0060  403 ILE D CG2 
654 C CD1 . ILE D 4  ? 0.7292 0.4249 0.4518 -0.0069 -0.1256 0.1253  403 ILE D CD1 
655 N N   . DPR D 5  ? 0.6636 0.1350 0.4921 -0.0779 -0.1380 0.1267  404 DPR D N   
656 C CA  . DPR D 5  ? 0.7245 0.2057 0.4596 -0.0870 -0.1334 0.1871  404 DPR D CA  
657 C CB  . DPR D 5  ? 0.7253 0.2727 0.5370 -0.1032 -0.0944 0.2165  404 DPR D CB  
658 C CG  . DPR D 5  ? 0.7037 0.4054 0.5455 -0.1027 -0.0734 0.2017  404 DPR D CG  
659 C CD  . DPR D 5  ? 0.6648 0.3016 0.5479 -0.1214 -0.0860 0.1908  404 DPR D CD  
660 C C   . DPR D 5  ? 0.6864 0.2269 0.3738 -0.0563 -0.1742 0.1760  404 DPR D C   
661 O O   . DPR D 5  ? 0.7933 0.4050 0.3088 0.0011  0.1127  0.1035  404 DPR D O   
662 N N   . SER D 6  ? 0.7713 0.4882 0.2129 -0.1575 -0.2477 0.1059  405 SER D N   
663 C CA  . SER D 6  ? 0.7555 0.5261 0.2244 -0.1517 -0.2185 0.0519  405 SER D CA  
664 C C   . SER D 6  ? 0.6898 0.4339 0.2695 -0.0813 -0.1899 0.0114  405 SER D C   
665 O O   . SER D 6  ? 0.6926 0.4684 0.2006 -0.2211 0.1351  -0.0330 405 SER D O   
666 C CB  . SER D 6  ? 0.7677 0.4066 0.3247 -0.0978 -0.2551 0.0219  405 SER D CB  
667 O OG  . SER D 6  ? 0.8498 0.3061 0.8311 -0.1604 0.0180  -0.0245 405 SER D OG  
668 N N   . TYR D 7  ? 0.5469 0.2837 0.2653 -0.0443 -0.1921 0.0546  406 TYR D N   
669 C CA  . TYR D 7  ? 0.3611 0.1955 0.2751 -0.0641 -0.0576 0.0261  406 TYR D CA  
670 C C   . TYR D 7  ? 0.3769 0.2226 0.2796 -0.0361 -0.0734 -0.0026 406 TYR D C   
671 O O   . TYR D 7  ? 0.3367 0.2236 0.3464 -0.0472 -0.0190 0.1117  406 TYR D O   
672 C CB  . TYR D 7  ? 0.3442 0.1878 0.2720 -0.0525 -0.0938 -0.0035 406 TYR D CB  
673 C CG  . TYR D 7  ? 0.3435 0.2387 0.1862 -0.0532 -0.1088 0.0062  406 TYR D CG  
674 C CD1 . TYR D 7  ? 0.3395 0.1813 0.2684 -0.0558 -0.1051 -0.0003 406 TYR D CD1 
675 C CD2 . TYR D 7  ? 0.3462 0.3196 0.1916 -0.0276 -0.0741 0.0747  406 TYR D CD2 
676 C CE1 . TYR D 7  ? 0.3649 0.2371 0.1988 -0.0025 -0.0421 0.0159  406 TYR D CE1 
677 C CE2 . TYR D 7  ? 0.3674 0.3378 0.1756 0.0106  -0.0172 0.0812  406 TYR D CE2 
678 C CZ  . TYR D 7  ? 0.3516 0.2523 0.2008 -0.0151 -0.0482 0.0370  406 TYR D CZ  
679 O OH  . TYR D 7  ? 0.3269 0.2910 0.3679 -0.0530 -0.1006 0.1166  406 TYR D OH  
680 N N   . ASP D 8  ? 0.4122 0.2249 0.1913 -0.0260 -0.1019 0.0138  407 ASP D N   
681 C CA  . ASP D 8  ? 0.3142 0.2154 0.1664 -0.0720 -0.0236 0.0313  407 ASP D CA  
682 C C   . ASP D 8  ? 0.2882 0.2193 0.1579 -0.0742 -0.0396 0.0247  407 ASP D C   
683 O O   . ASP D 8  ? 0.3049 0.1658 0.1621 -0.0459 -0.0002 -0.0017 407 ASP D O   
684 C CB  . ASP D 8  ? 0.3066 0.2391 0.1823 -0.0654 -0.0105 0.0088  407 ASP D CB  
685 C CG  . ASP D 8  ? 0.3001 0.3055 0.1562 -0.0290 0.0477  0.0435  407 ASP D CG  
686 O OD1 . ASP D 8  ? 0.3211 0.3455 0.1478 0.0432  0.0212  0.0480  407 ASP D OD1 
687 O OD2 . ASP D 8  ? 0.3364 0.5062 0.2062 0.0440  0.0515  -0.0516 407 ASP D OD2 
688 N N   . PHE D 9  ? 0.3012 0.2124 0.1700 -0.0992 -0.0354 0.0336  408 PHE D N   
689 C CA  . PHE D 9  ? 0.3004 0.2528 0.1651 -0.0552 -0.0714 0.0067  408 PHE D CA  
690 C C   . PHE D 9  ? 0.2878 0.2140 0.1370 -0.0568 0.0091  0.0100  408 PHE D C   
691 O O   . PHE D 9  ? 0.3578 0.1351 0.1814 -0.0680 0.0613  -0.0244 408 PHE D O   
692 C CB  . PHE D 9  ? 0.3637 0.2201 0.1784 -0.0504 -0.0664 0.0241  408 PHE D CB  
693 C CG  . PHE D 9  ? 0.4126 0.2226 0.1885 -0.0537 -0.0435 0.0089  408 PHE D CG  
694 C CD1 . PHE D 9  ? 0.4886 0.3532 0.2178 0.0983  -0.1021 -0.1166 408 PHE D CD1 
695 C CD2 . PHE D 9  ? 0.4294 0.1914 0.2753 -0.1268 0.0091  -0.0770 408 PHE D CD2 
696 C CE1 . PHE D 9  ? 0.4223 0.4172 0.2366 0.1058  -0.0814 -0.1272 408 PHE D CE1 
697 C CE2 . PHE D 9  ? 0.3995 0.3410 0.2675 -0.0545 -0.0340 -0.1089 408 PHE D CE2 
698 C CZ  . PHE D 9  ? 0.4117 0.3760 0.2973 0.0857  -0.0790 -0.0642 408 PHE D CZ  
699 N N   . DAL D 10 ? 0.3011 0.1779 0.1963 -0.0542 0.0310  -0.0002 409 DAL D N   
700 C CA  . DAL D 10 ? 0.2868 0.1774 0.1614 -0.0722 0.0375  0.0168  409 DAL D CA  
701 C CB  . DAL D 10 ? 0.2944 0.3873 0.1904 -0.2009 -0.0154 0.0444  409 DAL D CB  
702 C C   . DAL D 10 ? 0.1692 0.1995 0.2000 -0.0475 0.0057  0.0407  409 DAL D C   
703 O O   . DAL D 10 ? 0.2529 0.1745 0.2095 -0.0914 -0.0104 0.0321  409 DAL D O   
704 N N   . ASP D 11 ? 0.2212 0.2120 0.2041 -0.0517 0.0045  0.0127  410 ASP D N   
705 C CA  . ASP D 11 ? 0.2372 0.1817 0.2099 -0.0353 0.0534  -0.0305 410 ASP D CA  
706 C C   . ASP D 11 ? 0.2101 0.1428 0.1762 -0.0020 0.0236  0.0303  410 ASP D C   
707 O O   . ASP D 11 ? 0.2404 0.1304 0.1663 -0.0376 0.0095  0.0087  410 ASP D O   
708 C CB  . ASP D 11 ? 0.2323 0.1844 0.2104 -0.0159 0.0449  -0.0338 410 ASP D CB  
709 C CG  . ASP D 11 ? 0.1986 0.1872 0.2164 -0.0082 0.0371  -0.0346 410 ASP D CG  
710 O OD1 . ASP D 11 ? 0.2987 0.1660 0.2278 0.0222  0.0358  -0.0571 410 ASP D OD1 
711 O OD2 . ASP D 11 ? 0.2333 0.2803 0.2551 -0.0062 -0.0053 -0.0605 410 ASP D OD2 
712 N N   . GLU D 12 ? 0.2606 0.1290 0.1390 -0.0126 0.0343  0.0018  411 GLU D N   
713 C CA  . GLU D 12 ? 0.2596 0.1436 0.1391 0.0273  0.0237  0.0018  411 GLU D CA  
714 C C   . GLU D 12 ? 0.1882 0.1535 0.1450 0.0083  0.0327  0.0163  411 GLU D C   
715 O O   . GLU D 12 ? 0.2239 0.1587 0.1736 -0.0052 0.0644  0.0080  411 GLU D O   
716 C CB  . GLU D 12 ? 0.3033 0.1997 0.2461 0.0708  -0.0456 0.0386  411 GLU D CB  
717 C CG  . GLU D 12 ? 0.2851 0.2545 0.2371 0.0231  -0.0098 0.0949  411 GLU D CG  
718 C CD  . GLU D 12 ? 0.3017 0.4835 0.2244 -0.0749 -0.0497 0.1359  411 GLU D CD  
719 O OE1 . GLU D 12 ? 0.4067 0.9416 0.2248 -0.2814 -0.0841 0.1056  411 GLU D OE1 
720 O OE2 . GLU D 12 ? 0.2641 0.3093 0.3108 0.0272  0.0296  0.0843  411 GLU D OE2 
721 N N   . LEU D 13 ? 0.2265 0.1450 0.1635 -0.0099 0.0234  -0.0072 412 LEU D N   
722 C CA  . LEU D 13 ? 0.1619 0.1829 0.1859 0.0154  0.0075  0.0204  412 LEU D CA  
723 C C   . LEU D 13 ? 0.2099 0.1719 0.1619 0.0066  0.0493  0.0122  412 LEU D C   
724 O O   . LEU D 13 ? 0.2396 0.1765 0.1370 -0.0326 0.0410  -0.0079 412 LEU D O   
725 C CB  . LEU D 13 ? 0.1921 0.2178 0.1943 -0.0266 0.0320  -0.0242 412 LEU D CB  
726 C CG  . LEU D 13 ? 0.1766 0.2439 0.2599 0.0060  0.0062  -0.0631 412 LEU D CG  
727 C CD1 . LEU D 13 ? 0.1997 0.2706 0.4387 -0.0389 0.0607  -0.1499 412 LEU D CD1 
728 C CD2 . LEU D 13 ? 0.1620 0.4374 0.3318 -0.0151 0.0320  -0.1997 412 LEU D CD2 
729 N N   . ALA D 14 ? 0.1724 0.1553 0.1678 -0.0275 0.0352  -0.0057 413 ALA D N   
730 C CA  . ALA D 14 ? 0.1691 0.1691 0.1934 -0.0083 0.0340  -0.0170 413 ALA D CA  
731 C C   . ALA D 14 ? 0.1669 0.1191 0.1914 0.0077  0.0297  0.0018  413 ALA D C   
732 O O   . ALA D 14 ? 0.1925 0.1332 0.2128 0.0256  0.0325  0.0158  413 ALA D O   
733 C CB  . ALA D 14 ? 0.1675 0.1838 0.1512 0.0121  0.0199  0.0158  413 ALA D CB  
734 N N   . LYS D 15 ? 0.1859 0.1237 0.1754 -0.0198 0.0214  0.0057  414 LYS D N   
735 C CA  . LYS D 15 ? 0.1830 0.1284 0.1593 -0.0133 0.0089  0.0045  414 LYS D CA  
736 C C   . LYS D 15 ? 0.1773 0.1168 0.1611 -0.0202 0.0134  -0.0004 414 LYS D C   
737 O O   . LYS D 15 ? 0.2300 0.1203 0.1431 -0.0400 0.0161  -0.0179 414 LYS D O   
738 C CB  . LYS D 15 ? 0.2303 0.1957 0.1551 -0.0041 -0.0187 -0.0056 414 LYS D CB  
739 C CG  . LYS D 15 ? 0.2727 0.2435 0.1526 -0.0169 0.0093  -0.0025 414 LYS D CG  
740 C CD  . LYS D 15 ? 0.4627 0.3537 0.1993 0.0886  -0.1238 -0.0292 414 LYS D CD  
741 C CE  . LYS D 15 ? 0.6261 0.3731 0.2817 0.1008  -0.1685 0.0215  414 LYS D CE  
742 N NZ  . LYS D 15 ? 0.5951 0.3256 0.4316 -0.1949 -0.2885 0.1813  414 LYS D NZ  
743 N N   . LEU D 16 ? 0.1966 0.1355 0.1548 -0.0430 0.0053  -0.0113 415 LEU D N   
744 C CA  . LEU D 16 ? 0.2222 0.1206 0.1848 0.0085  0.0455  0.0004  415 LEU D CA  
745 C C   . LEU D 16 ? 0.2226 0.0912 0.1663 -0.0497 0.0102  -0.0028 415 LEU D C   
746 O O   . LEU D 16 ? 0.2545 0.1288 0.1665 -0.0239 0.0610  -0.0116 415 LEU D O   
747 C CB  . LEU D 16 ? 0.2090 0.1146 0.1960 -0.0028 0.0241  0.0008  415 LEU D CB  
748 C CG  . LEU D 16 ? 0.2033 0.1451 0.2384 0.0402  0.0545  0.0169  415 LEU D CG  
749 C CD1 . LEU D 16 ? 0.2811 0.1279 0.2693 0.0275  0.1069  0.0236  415 LEU D CD1 
750 C CD2 . LEU D 16 ? 0.1872 0.2121 0.3164 0.0705  0.0262  -0.0332 415 LEU D CD2 
751 N N   . LEU D 17 ? 0.2246 0.1106 0.1533 -0.0630 -0.0019 0.0028  416 LEU D N   
752 C CA  . LEU D 17 ? 0.2105 0.1127 0.1707 -0.0181 0.0361  -0.0008 416 LEU D CA  
753 C C   . LEU D 17 ? 0.2158 0.1284 0.1473 -0.0403 -0.0236 0.0223  416 LEU D C   
754 O O   . LEU D 17 ? 0.2308 0.1445 0.1712 -0.0385 -0.0201 0.0461  416 LEU D O   
755 C CB  . LEU D 17 ? 0.2107 0.1376 0.2127 -0.0328 0.0392  0.0007  416 LEU D CB  
756 C CG  . LEU D 17 ? 0.2736 0.1758 0.2369 -0.0771 -0.0520 0.0283  416 LEU D CG  
757 C CD1 . LEU D 17 ? 0.2980 0.2259 0.2772 -0.1301 -0.0158 -0.0128 416 LEU D CD1 
758 C CD2 . LEU D 17 ? 0.3168 0.1804 0.2614 0.0064  -0.0294 -0.0439 416 LEU D CD2 
759 N N   A ARG D 18 ? 0.1757 0.1428 0.1615 -0.0324 -0.0079 0.0044  417 ARG D N   
760 N N   B ARG D 18 ? 0.1829 0.1434 0.1633 -0.0301 -0.0032 -0.0023 417 ARG D N   
761 C CA  A ARG D 18 ? 0.1757 0.1266 0.1851 -0.0075 0.0222  -0.0081 417 ARG D CA  
762 C CA  B ARG D 18 ? 0.1735 0.1321 0.1754 -0.0054 0.0170  -0.0072 417 ARG D CA  
763 C C   A ARG D 18 ? 0.1801 0.1310 0.1284 -0.0250 -0.0069 0.0091  417 ARG D C   
764 C C   B ARG D 18 ? 0.1825 0.1240 0.1520 -0.0208 0.0095  0.0137  417 ARG D C   
765 O O   A ARG D 18 ? 0.2237 0.1964 0.2047 -0.0436 0.0082  0.0735  417 ARG D O   
766 O O   B ARG D 18 ? 0.2733 0.1434 0.0758 -0.0684 -0.0018 0.0013  417 ARG D O   
767 C CB  A ARG D 18 ? 0.2248 0.1704 0.1815 -0.0519 0.0413  -0.0113 417 ARG D CB  
768 C CB  B ARG D 18 ? 0.2106 0.1745 0.1872 -0.0348 0.0409  -0.0248 417 ARG D CB  
769 C CG  A ARG D 18 ? 0.2330 0.2017 0.2537 -0.0136 0.0767  -0.0606 417 ARG D CG  
770 C CG  B ARG D 18 ? 0.2413 0.1946 0.2064 -0.0638 0.0616  -0.0352 417 ARG D CG  
771 C CD  A ARG D 18 ? 0.2726 0.2257 0.2503 -0.0769 0.1012  -0.0675 417 ARG D CD  
772 C CD  B ARG D 18 ? 0.2146 0.2126 0.2462 -0.0627 0.0649  -0.0546 417 ARG D CD  
773 N NE  A ARG D 18 ? 0.2220 0.2253 0.2725 -0.0428 0.0389  -0.1034 417 ARG D NE  
774 N NE  B ARG D 18 ? 0.2295 0.2525 0.2177 -0.0565 0.0356  -0.0651 417 ARG D NE  
775 C CZ  A ARG D 18 ? 0.2785 0.2664 0.2004 -0.0777 0.0273  -0.0653 417 ARG D CZ  
776 C CZ  B ARG D 18 ? 0.2384 0.1444 0.3467 0.0201  -0.0678 -0.0451 417 ARG D CZ  
777 N NH1 A ARG D 18 ? 0.2073 0.3977 0.2777 -0.0275 0.0494  -0.0424 417 ARG D NH1 
778 N NH1 B ARG D 18 ? 0.6075 0.0940 0.2409 0.0398  -0.0412 0.1980  417 ARG D NH1 
779 N NH2 A ARG D 18 ? 0.3308 0.2716 0.1789 -0.1785 0.0959  -0.0323 417 ARG D NH2 
780 N NH2 B ARG D 18 ? 0.3707 0.4130 0.4292 0.0743  -0.3536 -0.1319 417 ARG D NH2 
781 N N   . GLN D 19 ? 0.1749 0.1717 0.1437 0.0085  0.0040  -0.0173 418 GLN D N   
782 C CA  . GLN D 19 ? 0.1830 0.1790 0.1460 -0.0085 -0.0001 0.0200  418 GLN D CA  
783 C C   . GLN D 19 ? 0.2508 0.1352 0.1506 -0.0308 0.0215  0.0243  418 GLN D C   
784 O O   . GLN D 19 ? 0.2561 0.1275 0.2158 -0.0265 0.0309  0.0449  418 GLN D O   
785 C CB  . GLN D 19 ? 0.1646 0.1541 0.1313 -0.0173 0.0049  0.0027  418 GLN D CB  
786 C CG  . GLN D 19 ? 0.2286 0.1408 0.1364 -0.0476 -0.0024 0.0209  418 GLN D CG  
787 C CD  . GLN D 19 ? 0.2116 0.1503 0.1301 -0.0397 -0.0298 -0.0050 418 GLN D CD  
788 O OE1 . GLN D 19 ? 0.3078 0.1596 0.1493 -0.0124 0.0081  0.0037  418 GLN D OE1 
789 N NE2 . GLN D 19 ? 0.2601 0.1338 0.1379 -0.0458 -0.0157 0.0149  418 GLN D NE2 
790 N N   . ALA D 20 ? 0.2530 0.1465 0.1357 -0.0250 0.0281  0.0156  419 ALA D N   
791 C CA  . ALA D 20 ? 0.3058 0.1702 0.1337 -0.0158 0.0346  0.0105  419 ALA D CA  
792 C C   . ALA D 20 ? 0.3131 0.1970 0.1303 -0.0002 0.0269  0.0201  419 ALA D C   
793 O O   . ALA D 20 ? 0.3254 0.2328 0.2205 0.0225  0.0562  0.0828  419 ALA D O   
794 C CB  . ALA D 20 ? 0.2679 0.1985 0.1680 -0.0114 0.0138  -0.0239 419 ALA D CB  
795 N N   . DBZ D 21 ? 0.2791 0.1820 0.1703 -0.0266 0.0037  0.0193  420 DBZ D N   
796 C CA  . DBZ D 21 ? 0.2943 0.1928 0.1914 -0.0211 -0.0241 0.0288  420 DBZ D CA  
797 C CB  . DBZ D 21 ? 0.2680 0.2511 0.2421 -0.0406 -0.0781 0.0879  420 DBZ D CB  
798 N NG  . DBZ D 21 ? 0.2420 0.2451 0.2072 -0.0115 0.0193  0.0463  420 DBZ D NG  
799 C CD2 . DBZ D 21 ? 0.3037 0.2914 0.2495 0.0004  -0.0568 0.0359  420 DBZ D CD2 
801 C C1  . DBZ D 21 ? 0.2901 0.3507 0.2126 -0.1001 0.0278  0.0245  420 DBZ D C1  
802 C C2  . DBZ D 21 ? 0.3959 0.2825 0.2665 -0.1429 0.0290  0.0227  420 DBZ D C2  
803 C C6  . DBZ D 21 ? 0.3370 0.4864 0.2262 -0.0739 0.0070  -0.0514 420 DBZ D C6  
804 C C3  . DBZ D 21 ? 0.4961 0.3427 0.1231 -0.1563 0.0530  -0.0384 420 DBZ D C3  
805 C C5  . DBZ D 21 ? 0.3608 0.4982 0.1861 -0.1021 0.0411  -0.0532 420 DBZ D C5  
806 C C4  . DBZ D 21 ? 0.4524 0.4822 0.1775 -0.1237 0.0336  -0.0446 420 DBZ D C4  
807 C C   . DBZ D 21 ? 0.2669 0.1907 0.2914 -0.0205 -0.0348 0.0356  420 DBZ D C   
808 O O   . DBZ D 21 ? 0.3520 0.1908 0.3586 0.0000  -0.0440 0.0420  420 DBZ D O   
809 N N   . GLY D 22 ? 0.2764 0.2117 0.3495 0.0086  -0.0697 -0.0383 421 GLY D N   
810 C CA  . GLY D 22 ? 0.3797 0.1700 0.3505 0.0010  -0.0958 -0.0004 421 GLY D CA  
811 C C   . GLY D 22 ? 0.3489 0.2502 0.4811 -0.0530 -0.0575 -0.0760 421 GLY D C   
812 O O   . GLY D 22 ? 0.3842 0.2282 0.4698 -0.0484 -0.1209 -0.0099 421 GLY D O   
813 N N   . NH2 D 23 ? 0.6523 0.2951 0.3815 -0.1385 0.0550  -0.0391 422 NH2 D N   
814 O O   . HOH E .  ? 0.3137 0.3770 0.4112 -0.0680 0.0229  0.0598  123 HOH A O   
815 O O   . HOH E .  ? 0.2609 0.2103 0.2866 0.0231  -0.0690 -0.0128 124 HOH A O   
816 O O   . HOH E .  ? 0.4117 0.3415 0.2583 0.0807  -0.0893 0.0286  125 HOH A O   
817 O O   . HOH E .  ? 0.4213 0.5737 0.3998 -0.0462 0.0529  0.0997  126 HOH A O   
818 O O   . HOH E .  ? 0.4930 0.2517 0.3819 0.0425  0.0296  0.1397  127 HOH A O   
819 O O   . HOH E .  ? 0.3861 0.2320 0.2931 -0.0538 0.0294  -0.0329 128 HOH A O   
820 O O   . HOH E .  ? 0.2399 0.2224 0.2975 -0.0310 -0.0271 0.0224  129 HOH A O   
821 O O   . HOH E .  ? 0.2524 0.1679 0.3154 -0.0271 -0.0234 0.0783  130 HOH A O   
822 O O   . HOH E .  ? 0.5642 0.4382 0.4464 0.0914  0.0484  -0.0360 131 HOH A O   
823 O O   . HOH E .  ? 0.6215 0.5214 0.3598 0.0600  0.1022  0.0586  132 HOH A O   
824 O O   . HOH E .  ? 0.5025 0.3904 0.4452 -0.0460 -0.0576 -0.0280 133 HOH A O   
825 O O   . HOH E .  ? 0.3858 0.4041 0.3916 -0.0115 0.1652  -0.0091 134 HOH A O   
826 O O   . HOH E .  ? 0.6842 0.2773 0.1821 -0.0602 0.0176  0.0305  135 HOH A O   
827 O O   . HOH E .  ? 0.4429 0.2566 0.5159 0.0383  -0.1916 0.0519  136 HOH A O   
828 O O   . HOH E .  ? 0.5454 0.5942 0.5810 -0.1483 0.0859  -0.0768 137 HOH A O   
829 O O   . HOH E .  ? 0.5221 0.5896 0.3792 -0.0882 0.1458  -0.0454 138 HOH A O   
830 O O   . HOH E .  ? 0.6550 0.4768 0.6109 -0.0069 -0.1027 0.0598  139 HOH A O   
831 O O   . HOH E .  ? 0.6600 0.7452 0.8046 -0.0130 -0.0873 0.1020  140 HOH A O   
846 O O   . HOH F .  ? 0.2991 0.2159 0.2513 0.0798  -0.0673 -0.0146 4   HOH B O   
847 O O   . HOH F .  ? 0.3408 0.3168 0.2667 0.0702  0.0266  -0.0991 8   HOH B O   
848 O O   . HOH F .  ? 0.2299 0.2729 0.3563 -0.0028 -0.0113 0.0869  9   HOH B O   
849 O O   . HOH F .  ? 0.2406 0.2847 0.3185 0.0291  0.0001  -0.0703 13  HOH B O   
850 O O   . HOH F .  ? 0.3733 0.2948 0.4217 -0.0814 0.0757  -0.0139 25  HOH B O   
851 O O   . HOH F .  ? 0.5860 0.4864 0.4220 0.1785  0.1807  0.0472  30  HOH B O   
852 O O   . HOH F .  ? 0.2786 0.3869 0.3418 -0.1102 0.0617  0.0165  31  HOH B O   
853 O O   . HOH F .  ? 0.4283 0.5193 0.4325 0.1076  -0.0130 -0.1287 32  HOH B O   
854 O O   . HOH F .  ? 0.3439 0.3216 0.6216 -0.0198 0.0287  -0.0357 36  HOH B O   
855 O O   . HOH F .  ? 0.4081 0.3841 0.7123 0.1635  0.1766  -0.0896 37  HOH B O   
856 O O   . HOH F .  ? 0.6502 0.3825 0.5649 -0.1321 0.0495  -0.0422 44  HOH B O   
857 O O   . HOH F .  ? 0.2971 0.5598 0.4361 0.0677  0.0928  0.1074  46  HOH B O   
858 O O   . HOH F .  ? 0.6412 0.5308 0.3678 -0.0085 0.0559  -0.0892 49  HOH B O   
859 O O   . HOH F .  ? 0.6509 0.8774 0.3616 -0.1016 -0.2379 0.0156  52  HOH B O   
860 O O   . HOH F .  ? 0.4602 0.5213 0.4167 0.0650  0.0210  -0.1344 53  HOH B O   
861 O O   . HOH F .  ? 0.5882 0.5709 0.5703 -0.0988 -0.0222 -0.0300 54  HOH B O   
862 O O   . HOH F .  ? 0.3467 0.6563 0.3351 -0.0136 -0.0602 -0.0037 55  HOH B O   
863 O O   . HOH F .  ? 0.5441 0.6541 0.5285 -0.1160 0.1777  0.0660  58  HOH B O   
864 O O   . HOH F .  ? 0.5465 0.7134 0.5063 -0.1558 -0.1245 -0.0327 59  HOH B O   
865 O O   . HOH F .  ? 0.5582 0.5997 0.4382 -0.0743 -0.2049 -0.0226 60  HOH B O   
866 O O   . HOH F .  ? 0.6772 0.6381 0.7062 -0.0451 -0.0421 -0.0564 61  HOH B O   
867 O O   . HOH F .  ? 0.6039 0.3621 0.6432 0.0021  -0.1727 0.0297  62  HOH B O   
868 O O   . HOH F .  ? 0.6397 0.5995 0.4065 0.0211  -0.0453 0.0454  63  HOH B O   
876 O O   . HOH G .  ? 0.2903 0.1676 0.2438 -0.0746 0.0545  0.0578  1   HOH C O   
877 O O   . HOH G .  ? 0.2526 0.2424 0.3695 -0.0170 -0.1370 -0.0267 2   HOH C O   
878 O O   . HOH G .  ? 0.2991 0.2467 0.1496 0.0476  0.0176  0.0237  7   HOH C O   
879 O O   . HOH G .  ? 0.2714 0.3483 0.5210 -0.0231 0.0006  -0.0667 18  HOH C O   
880 O O   . HOH G .  ? 0.4029 0.3276 0.1532 0.0619  0.0359  -0.0461 22  HOH C O   
881 O O   . HOH G .  ? 0.7032 0.5601 0.4983 0.0501  0.0143  -0.0062 28  HOH C O   
882 O O   . HOH G .  ? 0.4796 0.3291 0.2879 -0.0657 0.0223  0.0334  29  HOH C O   
883 O O   . HOH G .  ? 0.5775 0.4436 0.4234 -0.1060 0.0160  0.1843  33  HOH C O   
884 O O   . HOH G .  ? 0.4403 0.4610 0.5538 -0.1578 0.2055  -0.1122 39  HOH C O   
885 O O   . HOH G .  ? 0.6230 0.3421 0.5018 -0.0150 -0.1081 0.1245  50  HOH C O   
903 O O   . HOH H .  ? 0.2298 0.2173 0.2866 0.0015  0.0691  0.0428  3   HOH D O   
904 O O   . HOH H .  ? 0.2958 0.2570 0.4388 -0.0359 -0.0275 0.1307  6   HOH D O   
905 O O   . HOH H .  ? 0.5180 0.2322 0.5069 -0.1374 0.1114  0.0539  11  HOH D O   
906 O O   . HOH H .  ? 0.2938 0.2269 0.3622 -0.0091 0.0818  -0.0505 14  HOH D O   
907 O O   . HOH H .  ? 0.3464 0.3964 0.4657 0.0015  -0.2002 0.0416  17  HOH D O   
908 O O   . HOH H .  ? 0.5236 0.2876 0.5368 -0.0552 -0.0232 0.0448  20  HOH D O   
909 O O   . HOH H .  ? 0.2910 0.2988 0.3703 0.0927  -0.1051 -0.0057 24  HOH D O   
910 O O   . HOH H .  ? 0.4690 0.5057 0.6128 -0.1003 -0.2582 0.0371  34  HOH D O   
911 O O   . HOH H .  ? 0.5622 0.2276 0.5336 0.0232  -0.0022 0.0394  35  HOH D O   
912 O O   . HOH H .  ? 0.2394 0.4191 0.3950 -0.0110 -0.0051 -0.0592 38  HOH D O   
913 O O   . HOH H .  ? 0.4565 0.5399 0.2439 0.0168  0.0236  0.0808  42  HOH D O   
914 O O   . HOH H .  ? 0.4951 0.2777 0.4759 0.0282  0.1097  -0.0039 45  HOH D O   
915 O O   . HOH H .  ? 0.4261 0.3930 0.3440 -0.0479 -0.0531 -0.0387 51  HOH D O   
# 
